data_2ZB2
#
_entry.id   2ZB2
#
_cell.length_a   123.819
_cell.length_b   123.819
_cell.length_c   123.538
_cell.angle_alpha   90.00
_cell.angle_beta   90.00
_cell.angle_gamma   120.00
#
_symmetry.space_group_name_H-M   'P 31'
#
loop_
_entity.id
_entity.type
_entity.pdbx_description
1 polymer 'Glycogen phosphorylase, liver form'
2 non-polymer alpha-D-glucopyranose
3 non-polymer '2-(N-MORPHOLINO)-ETHANESULFONIC ACID'
4 non-polymer "PYRIDOXAL-5'-PHOSPHATE"
5 non-polymer 5-chloro-N-{4-[(1R)-1,2-dihydroxyethyl]phenyl}-1H-indole-2-carboxamide
6 non-polymer (4S)-2-METHYL-2,4-PENTANEDIOL
7 water water
#
_entity_poly.entity_id   1
_entity_poly.type   'polypeptide(L)'
_entity_poly.pdbx_seq_one_letter_code
;GSMAKPLTDQEKRRQISIRGIVGVENVAELKKSFNRHLHFTLVKDRNVATTRDYYFALAHTVRDHLVGRWIRTQQHYYDK
CPKRVYYLSLEFYMGRTLQNTMINLGLQNACDEAIYQLGLDIEELEEIEEDAGLGNGGLGRLAACFLDSMATLGLAAYGY
GIRYEYGIFNQKIRDGWQVEEADDWLRYGNPWEKSRPEFMLPVHFYGKVEHTNTGTKWIDTQVVLALPYDTPVPGYMNNT
VNTMRLWSARAPNDFNLRDFNVGDYIQAVLDRNLAENISRVLYPNDNFFEGKELRLKQEYFVVAATLQDIIRRFKASKFG
STRGAGTVFDAFPDQVAIQLNDTHPALAIPELMRIFVDIEKLPWSKAWELTQKTFAYTNHTVLPEALERWPVDLVEKLLP
RHLEIIYEINQKHLDRIVALFPKDVDRLRRMSLIEEEGSKRINMAHLCIVGSHAVNGVAKIHSDIVKTKVFKDFSELEPD
KFQNKTNGITPRRWLLLCNPGLAELIAEKIGEDYVKDLSQLTKLHSFLGDDVFLRELAKVKQENKLKFSQFLETEYKVKI
NPSSMFDVQVKRIHEYKRQLLNCLHVITMYNRIKKDPKKLFVPRTVIIGGKAAPGYHMAKMIIKLITSVADVVNNDPMVG
SKLKVIFLENYRVSLAEKVIPATDLSEQISTAGTEASGTGNMKFMLNGALTIGTMDGANVEMAEEAGEENLFIFGMRIDD
VAALDKKGYEAKEYYEALPELKLVIDQIDNGFFSPKQPDLFKDIINMLFYHDRFKVFADYEAYVKCQDKVSQLYMNPKAW
NTMVLKNIAASGKFSSDRTIKEYAQNIWNVEPSDLKISLSNESNKVNGN
;
_entity_poly.pdbx_strand_id   A,B
#
loop_
_chem_comp.id
_chem_comp.type
_chem_comp.name
_chem_comp.formula
A46 non-polymer 5-chloro-N-{4-[(1R)-1,2-dihydroxyethyl]phenyl}-1H-indole-2-carboxamide 'C17 H15 Cl N2 O3'
GLC D-saccharide, alpha linking alpha-D-glucopyranose 'C6 H12 O6'
MES non-polymer '2-(N-MORPHOLINO)-ETHANESULFONIC ACID' 'C6 H13 N O4 S'
MPD non-polymer (4S)-2-METHYL-2,4-PENTANEDIOL 'C6 H14 O2'
PLP non-polymer PYRIDOXAL-5'-PHOSPHATE 'C8 H10 N O6 P'
#
# COMPACT_ATOMS: atom_id res chain seq x y z
N GLU A 25 -29.47 -21.05 -15.10
CA GLU A 25 -30.23 -20.70 -13.85
C GLU A 25 -29.53 -19.60 -13.04
N ASN A 26 -28.19 -19.67 -13.00
CA ASN A 26 -27.46 -18.67 -12.25
C ASN A 26 -27.29 -17.41 -13.08
N VAL A 27 -27.76 -17.43 -14.33
CA VAL A 27 -27.62 -16.25 -15.20
C VAL A 27 -28.31 -15.02 -14.60
N ALA A 28 -29.55 -15.19 -14.16
CA ALA A 28 -30.29 -14.09 -13.59
C ALA A 28 -29.74 -13.68 -12.24
N GLU A 29 -29.25 -14.66 -11.48
CA GLU A 29 -28.69 -14.37 -10.16
C GLU A 29 -27.33 -13.70 -10.29
N LEU A 30 -26.57 -14.12 -11.31
CA LEU A 30 -25.25 -13.55 -11.58
C LEU A 30 -25.42 -12.10 -12.03
N LYS A 31 -26.48 -11.83 -12.76
CA LYS A 31 -26.75 -10.48 -13.22
C LYS A 31 -27.09 -9.60 -12.01
N LYS A 32 -27.99 -10.11 -11.16
CA LYS A 32 -28.38 -9.35 -9.99
C LYS A 32 -27.16 -9.16 -9.09
N SER A 33 -26.35 -10.21 -8.97
CA SER A 33 -25.15 -10.15 -8.14
C SER A 33 -24.19 -9.09 -8.70
N PHE A 34 -24.01 -9.07 -10.02
CA PHE A 34 -23.14 -8.10 -10.68
C PHE A 34 -23.61 -6.68 -10.37
N ASN A 35 -24.90 -6.41 -10.49
CA ASN A 35 -25.44 -5.09 -10.19
C ASN A 35 -25.25 -4.75 -8.71
N ARG A 36 -25.40 -5.74 -7.86
CA ARG A 36 -25.24 -5.59 -6.42
C ARG A 36 -23.86 -5.05 -6.10
N HIS A 37 -22.86 -5.59 -6.78
CA HIS A 37 -21.47 -5.21 -6.61
C HIS A 37 -21.09 -3.87 -7.26
N LEU A 38 -21.59 -3.62 -8.46
CA LEU A 38 -21.28 -2.38 -9.12
C LEU A 38 -21.76 -1.25 -8.21
N HIS A 39 -22.93 -1.45 -7.61
CA HIS A 39 -23.53 -0.47 -6.71
C HIS A 39 -22.85 -0.37 -5.32
N PHE A 40 -22.99 -1.44 -4.54
CA PHE A 40 -22.45 -1.50 -3.18
C PHE A 40 -20.92 -1.56 -3.07
N THR A 41 -20.27 -2.25 -4.00
CA THR A 41 -18.82 -2.40 -3.96
C THR A 41 -18.05 -1.36 -4.77
N LEU A 42 -18.60 -0.90 -5.88
CA LEU A 42 -17.90 0.09 -6.69
C LEU A 42 -18.54 1.47 -6.58
N VAL A 43 -19.71 1.54 -5.97
CA VAL A 43 -20.43 2.79 -5.79
C VAL A 43 -20.59 3.46 -7.15
N LYS A 44 -21.17 2.72 -8.10
CA LYS A 44 -21.39 3.22 -9.45
C LYS A 44 -22.72 2.77 -10.03
N ASP A 45 -23.07 3.33 -11.18
CA ASP A 45 -24.29 2.96 -11.89
C ASP A 45 -23.88 2.85 -13.36
N ARG A 46 -24.73 2.26 -14.19
CA ARG A 46 -24.40 2.07 -15.61
C ARG A 46 -24.01 3.30 -16.39
N ASN A 47 -24.11 4.48 -15.78
CA ASN A 47 -23.77 5.69 -16.50
C ASN A 47 -22.40 6.28 -16.20
N VAL A 48 -21.92 6.16 -14.97
CA VAL A 48 -20.61 6.71 -14.65
C VAL A 48 -19.64 5.59 -14.32
N ALA A 49 -19.97 4.38 -14.72
CA ALA A 49 -19.13 3.21 -14.47
C ALA A 49 -18.09 3.00 -15.57
N THR A 50 -16.85 2.80 -15.15
CA THR A 50 -15.75 2.57 -16.08
C THR A 50 -15.69 1.08 -16.45
N THR A 51 -14.91 0.77 -17.48
CA THR A 51 -14.73 -0.61 -17.92
C THR A 51 -14.15 -1.36 -16.74
N ARG A 52 -13.24 -0.70 -16.04
CA ARG A 52 -12.59 -1.29 -14.89
C ARG A 52 -13.64 -1.61 -13.82
N ASP A 53 -14.61 -0.73 -13.60
CA ASP A 53 -15.64 -1.01 -12.62
C ASP A 53 -16.35 -2.32 -12.95
N TYR A 54 -16.68 -2.50 -14.23
CA TYR A 54 -17.35 -3.71 -14.65
C TYR A 54 -16.46 -4.91 -14.39
N TYR A 55 -15.16 -4.78 -14.68
CA TYR A 55 -14.24 -5.89 -14.41
C TYR A 55 -14.30 -6.26 -12.94
N PHE A 56 -14.09 -5.25 -12.09
CA PHE A 56 -14.12 -5.46 -10.65
C PHE A 56 -15.42 -6.08 -10.19
N ALA A 57 -16.54 -5.57 -10.67
CA ALA A 57 -17.85 -6.10 -10.27
C ALA A 57 -18.00 -7.56 -10.68
N LEU A 58 -17.51 -7.93 -11.85
CA LEU A 58 -17.59 -9.32 -12.30
C LEU A 58 -16.68 -10.22 -11.46
N ALA A 59 -15.49 -9.73 -11.19
CA ALA A 59 -14.52 -10.49 -10.39
C ALA A 59 -15.12 -10.82 -9.04
N HIS A 60 -15.74 -9.82 -8.43
CA HIS A 60 -16.34 -9.98 -7.11
C HIS A 60 -17.50 -10.96 -7.16
N THR A 61 -18.28 -10.90 -8.25
CA THR A 61 -19.42 -11.79 -8.44
C THR A 61 -18.92 -13.23 -8.52
N VAL A 62 -17.91 -13.46 -9.35
CA VAL A 62 -17.32 -14.78 -9.52
C VAL A 62 -16.56 -15.22 -8.25
N ARG A 63 -15.85 -14.29 -7.64
CA ARG A 63 -15.09 -14.60 -6.43
C ARG A 63 -15.97 -15.13 -5.29
N ASP A 64 -17.20 -14.62 -5.21
CA ASP A 64 -18.12 -15.05 -4.16
C ASP A 64 -18.40 -16.56 -4.20
N HIS A 65 -18.38 -17.17 -5.38
CA HIS A 65 -18.67 -18.60 -5.47
C HIS A 65 -17.52 -19.46 -4.91
N LEU A 66 -16.42 -18.82 -4.56
CA LEU A 66 -15.26 -19.51 -4.02
C LEU A 66 -15.23 -19.63 -2.50
N VAL A 67 -15.80 -18.63 -1.82
CA VAL A 67 -15.79 -18.63 -0.37
C VAL A 67 -16.28 -19.91 0.30
N GLY A 68 -17.46 -20.39 -0.08
CA GLY A 68 -18.01 -21.60 0.52
C GLY A 68 -17.06 -22.79 0.51
N ARG A 69 -16.61 -23.15 -0.69
CA ARG A 69 -15.71 -24.27 -0.85
C ARG A 69 -14.31 -23.99 -0.28
N TRP A 70 -13.91 -22.73 -0.24
CA TRP A 70 -12.60 -22.40 0.30
C TRP A 70 -12.57 -22.58 1.81
N ILE A 71 -13.65 -22.17 2.47
CA ILE A 71 -13.74 -22.32 3.91
C ILE A 71 -13.83 -23.80 4.22
N ARG A 72 -14.65 -24.48 3.43
CA ARG A 72 -14.89 -25.92 3.58
C ARG A 72 -13.63 -26.75 3.36
N THR A 73 -12.98 -26.57 2.21
CA THR A 73 -11.76 -27.30 1.91
C THR A 73 -10.79 -27.22 3.06
N GLN A 74 -10.46 -26.00 3.49
CA GLN A 74 -9.53 -25.82 4.60
C GLN A 74 -10.05 -26.46 5.88
N GLN A 75 -11.35 -26.35 6.14
CA GLN A 75 -11.89 -26.96 7.35
C GLN A 75 -11.72 -28.48 7.28
N HIS A 76 -11.88 -29.04 6.09
CA HIS A 76 -11.74 -30.47 5.89
C HIS A 76 -10.32 -30.93 6.21
N TYR A 77 -9.33 -30.10 5.88
CA TYR A 77 -7.94 -30.45 6.13
C TYR A 77 -7.64 -30.50 7.63
N TYR A 78 -8.33 -29.67 8.40
CA TYR A 78 -8.16 -29.62 9.84
C TYR A 78 -8.75 -30.86 10.48
N ASP A 79 -9.92 -31.27 10.03
CA ASP A 79 -10.58 -32.45 10.62
C ASP A 79 -10.01 -33.79 10.23
N LYS A 80 -9.68 -33.96 8.95
CA LYS A 80 -9.16 -35.24 8.46
C LYS A 80 -7.63 -35.32 8.57
N CYS A 81 -6.99 -34.19 8.80
CA CYS A 81 -5.53 -34.10 8.93
C CYS A 81 -4.68 -34.94 7.96
N PRO A 82 -4.85 -34.72 6.65
CA PRO A 82 -4.07 -35.48 5.68
C PRO A 82 -2.70 -34.81 5.58
N LYS A 83 -1.67 -35.56 5.17
CA LYS A 83 -0.35 -34.96 5.07
C LYS A 83 -0.39 -33.74 4.15
N ARG A 84 0.18 -32.63 4.61
CA ARG A 84 0.18 -31.40 3.82
C ARG A 84 1.44 -31.17 2.98
N VAL A 85 1.24 -30.56 1.81
CA VAL A 85 2.34 -30.25 0.92
C VAL A 85 2.53 -28.73 0.91
N TYR A 86 3.76 -28.31 1.09
CA TYR A 86 4.05 -26.88 1.09
C TYR A 86 5.03 -26.57 -0.04
N TYR A 87 4.54 -25.97 -1.12
CA TYR A 87 5.42 -25.62 -2.23
C TYR A 87 6.05 -24.26 -1.94
N LEU A 88 7.26 -24.30 -1.38
CA LEU A 88 7.97 -23.06 -1.03
C LEU A 88 8.72 -22.55 -2.24
N SER A 89 8.33 -21.38 -2.73
CA SER A 89 8.95 -20.81 -3.92
C SER A 89 9.07 -19.29 -3.89
N LEU A 90 10.14 -18.77 -4.49
CA LEU A 90 10.34 -17.32 -4.58
C LEU A 90 9.51 -16.78 -5.74
N GLU A 91 8.92 -17.67 -6.53
CA GLU A 91 8.13 -17.22 -7.67
C GLU A 91 6.80 -17.95 -7.90
N PHE A 92 5.82 -17.21 -8.39
CA PHE A 92 4.51 -17.72 -8.69
C PHE A 92 3.97 -16.93 -9.88
N TYR A 93 4.29 -17.42 -11.07
CA TYR A 93 3.88 -16.80 -12.34
C TYR A 93 2.43 -17.19 -12.59
N MET A 94 1.52 -16.53 -11.87
CA MET A 94 0.09 -16.83 -11.94
C MET A 94 -0.77 -16.37 -13.13
N GLY A 95 -0.47 -15.20 -13.70
CA GLY A 95 -1.27 -14.71 -14.82
C GLY A 95 -2.55 -14.13 -14.25
N ARG A 96 -3.59 -14.07 -15.07
CA ARG A 96 -4.89 -13.54 -14.65
C ARG A 96 -5.71 -14.66 -13.97
N THR A 97 -6.59 -14.27 -13.05
CA THR A 97 -7.38 -15.22 -12.29
C THR A 97 -8.84 -15.39 -12.71
N LEU A 98 -9.46 -14.30 -13.15
CA LEU A 98 -10.88 -14.30 -13.55
C LEU A 98 -11.30 -15.52 -14.36
N GLN A 99 -10.97 -15.49 -15.64
CA GLN A 99 -11.33 -16.57 -16.53
C GLN A 99 -10.93 -17.94 -15.96
N ASN A 100 -9.71 -18.03 -15.43
CA ASN A 100 -9.23 -19.29 -14.89
C ASN A 100 -10.16 -19.78 -13.79
N THR A 101 -10.65 -18.85 -12.99
CA THR A 101 -11.57 -19.20 -11.92
C THR A 101 -12.92 -19.63 -12.50
N MET A 102 -13.43 -18.90 -13.48
CA MET A 102 -14.71 -19.23 -14.06
C MET A 102 -14.76 -20.64 -14.63
N ILE A 103 -13.68 -21.04 -15.30
CA ILE A 103 -13.63 -22.36 -15.89
C ILE A 103 -13.55 -23.51 -14.89
N ASN A 104 -12.74 -23.36 -13.85
CA ASN A 104 -12.60 -24.41 -12.86
C ASN A 104 -13.83 -24.53 -11.95
N LEU A 105 -14.77 -23.61 -12.10
CA LEU A 105 -15.99 -23.63 -11.29
C LEU A 105 -17.22 -23.90 -12.16
N GLY A 106 -16.99 -24.15 -13.45
CA GLY A 106 -18.08 -24.43 -14.37
C GLY A 106 -19.03 -23.24 -14.43
N LEU A 107 -18.45 -22.04 -14.46
CA LEU A 107 -19.21 -20.81 -14.42
C LEU A 107 -19.01 -19.88 -15.62
N GLN A 108 -18.03 -20.19 -16.46
CA GLN A 108 -17.73 -19.34 -17.61
C GLN A 108 -18.88 -19.08 -18.59
N ASN A 109 -19.56 -20.12 -19.05
CA ASN A 109 -20.63 -19.93 -20.00
C ASN A 109 -21.79 -19.15 -19.37
N ALA A 110 -22.05 -19.38 -18.09
CA ALA A 110 -23.13 -18.65 -17.41
C ALA A 110 -22.74 -17.18 -17.23
N CYS A 111 -21.49 -16.92 -16.87
CA CYS A 111 -21.06 -15.54 -16.69
C CYS A 111 -21.03 -14.85 -18.04
N ASP A 112 -20.55 -15.54 -19.06
CA ASP A 112 -20.49 -14.96 -20.40
C ASP A 112 -21.89 -14.52 -20.83
N GLU A 113 -22.89 -15.34 -20.48
CA GLU A 113 -24.27 -15.05 -20.81
C GLU A 113 -24.74 -13.85 -19.99
N ALA A 114 -24.32 -13.80 -18.73
CA ALA A 114 -24.70 -12.71 -17.83
C ALA A 114 -24.20 -11.38 -18.36
N ILE A 115 -22.91 -11.31 -18.62
CA ILE A 115 -22.27 -10.10 -19.13
C ILE A 115 -22.81 -9.66 -20.49
N TYR A 116 -23.16 -10.65 -21.32
CA TYR A 116 -23.72 -10.38 -22.66
C TYR A 116 -25.08 -9.69 -22.56
N GLN A 117 -25.95 -10.23 -21.72
CA GLN A 117 -27.30 -9.70 -21.51
C GLN A 117 -27.30 -8.30 -20.93
N LEU A 118 -26.27 -8.00 -20.13
CA LEU A 118 -26.13 -6.67 -19.52
C LEU A 118 -25.56 -5.69 -20.56
N GLY A 119 -25.28 -6.18 -21.76
CA GLY A 119 -24.76 -5.32 -22.81
C GLY A 119 -23.26 -5.09 -22.78
N LEU A 120 -22.55 -5.92 -22.01
CA LEU A 120 -21.11 -5.78 -21.89
C LEU A 120 -20.31 -6.85 -22.65
N ASP A 121 -19.07 -6.51 -22.97
CA ASP A 121 -18.16 -7.40 -23.70
C ASP A 121 -17.31 -8.15 -22.67
N ILE A 122 -17.64 -9.41 -22.42
CA ILE A 122 -16.92 -10.21 -21.44
C ILE A 122 -15.40 -10.22 -21.70
N GLU A 123 -15.03 -10.32 -22.98
CA GLU A 123 -13.62 -10.34 -23.35
C GLU A 123 -12.95 -9.01 -22.97
N GLU A 124 -13.66 -7.91 -23.23
CA GLU A 124 -13.14 -6.58 -22.91
C GLU A 124 -12.88 -6.42 -21.41
N LEU A 125 -13.70 -7.06 -20.59
CA LEU A 125 -13.55 -6.99 -19.15
C LEU A 125 -12.37 -7.80 -18.63
N GLU A 126 -12.15 -8.98 -19.21
CA GLU A 126 -11.05 -9.84 -18.76
C GLU A 126 -9.70 -9.16 -19.02
N GLU A 127 -9.62 -8.35 -20.07
CA GLU A 127 -8.37 -7.66 -20.41
C GLU A 127 -7.97 -6.56 -19.42
N ILE A 128 -8.87 -6.21 -18.52
CA ILE A 128 -8.59 -5.19 -17.51
C ILE A 128 -7.69 -5.77 -16.42
N GLU A 129 -7.85 -7.06 -16.14
CA GLU A 129 -7.07 -7.69 -15.09
C GLU A 129 -5.56 -7.68 -15.35
N GLU A 130 -4.81 -7.31 -14.33
CA GLU A 130 -3.37 -7.28 -14.45
C GLU A 130 -2.88 -8.67 -14.15
N ASP A 131 -1.87 -9.11 -14.87
CA ASP A 131 -1.29 -10.43 -14.62
C ASP A 131 -0.60 -10.39 -13.27
N ALA A 132 -0.60 -11.52 -12.56
CA ALA A 132 0.12 -11.59 -11.32
C ALA A 132 1.44 -12.18 -11.81
N GLY A 133 2.31 -11.32 -12.31
CA GLY A 133 3.60 -11.76 -12.83
C GLY A 133 4.70 -11.80 -11.80
N LEU A 134 4.47 -12.57 -10.74
CA LEU A 134 5.43 -12.71 -9.67
C LEU A 134 6.41 -13.83 -10.00
N GLY A 135 6.84 -13.86 -11.26
CA GLY A 135 7.79 -14.89 -11.68
C GLY A 135 8.61 -14.46 -12.89
N ASN A 136 9.64 -15.24 -13.21
CA ASN A 136 10.51 -14.92 -14.35
C ASN A 136 10.20 -15.76 -15.58
N GLY A 137 9.86 -17.03 -15.36
CA GLY A 137 9.53 -17.92 -16.45
C GLY A 137 9.98 -19.36 -16.24
N GLY A 138 9.12 -20.31 -16.56
CA GLY A 138 9.47 -21.71 -16.40
C GLY A 138 9.30 -22.16 -14.95
N LEU A 139 10.29 -21.77 -14.15
CA LEU A 139 10.35 -22.06 -12.72
C LEU A 139 9.08 -21.54 -12.02
N GLY A 140 8.86 -20.23 -12.11
CA GLY A 140 7.68 -19.64 -11.49
C GLY A 140 6.38 -20.10 -12.10
N ARG A 141 6.43 -20.53 -13.36
CA ARG A 141 5.22 -20.99 -14.05
C ARG A 141 4.90 -22.44 -13.68
N LEU A 142 5.91 -23.18 -13.25
CA LEU A 142 5.74 -24.57 -12.86
C LEU A 142 5.01 -24.58 -11.52
N ALA A 143 5.28 -23.58 -10.71
CA ALA A 143 4.64 -23.44 -9.40
C ALA A 143 3.14 -23.19 -9.64
N ALA A 144 2.83 -22.22 -10.50
CA ALA A 144 1.44 -21.91 -10.81
C ALA A 144 0.71 -23.15 -11.33
N CYS A 145 1.28 -23.82 -12.32
CA CYS A 145 0.63 -25.02 -12.88
C CYS A 145 0.45 -26.11 -11.84
N PHE A 146 1.42 -26.22 -10.94
CA PHE A 146 1.40 -27.21 -9.86
C PHE A 146 0.25 -26.92 -8.89
N LEU A 147 0.07 -25.65 -8.54
CA LEU A 147 -1.00 -25.27 -7.63
C LEU A 147 -2.33 -25.70 -8.23
N ASP A 148 -2.53 -25.40 -9.51
CA ASP A 148 -3.78 -25.75 -10.17
C ASP A 148 -3.96 -27.28 -10.21
N SER A 149 -2.88 -28.02 -10.39
CA SER A 149 -2.96 -29.48 -10.44
C SER A 149 -3.18 -30.11 -9.07
N MET A 150 -2.53 -29.56 -8.04
CA MET A 150 -2.69 -30.10 -6.70
C MET A 150 -4.13 -29.89 -6.19
N ALA A 151 -4.73 -28.76 -6.57
CA ALA A 151 -6.11 -28.47 -6.18
C ALA A 151 -7.03 -29.42 -6.93
N THR A 152 -6.68 -29.71 -8.18
CA THR A 152 -7.49 -30.60 -9.00
C THR A 152 -7.45 -32.04 -8.53
N LEU A 153 -6.30 -32.48 -8.04
CA LEU A 153 -6.16 -33.83 -7.54
C LEU A 153 -6.62 -33.94 -6.09
N GLY A 154 -7.08 -32.82 -5.53
CA GLY A 154 -7.59 -32.83 -4.17
C GLY A 154 -6.59 -32.91 -3.02
N LEU A 155 -5.33 -32.58 -3.28
CA LEU A 155 -4.33 -32.62 -2.23
C LEU A 155 -4.40 -31.44 -1.27
N ALA A 156 -3.92 -31.66 -0.05
CA ALA A 156 -3.92 -30.61 0.97
C ALA A 156 -2.63 -29.82 0.80
N ALA A 157 -2.54 -29.10 -0.32
CA ALA A 157 -1.35 -28.33 -0.64
C ALA A 157 -1.50 -26.83 -0.46
N TYR A 158 -0.39 -26.21 -0.10
CA TYR A 158 -0.31 -24.77 0.12
C TYR A 158 0.92 -24.25 -0.59
N GLY A 159 0.80 -23.07 -1.18
CA GLY A 159 1.93 -22.48 -1.86
C GLY A 159 2.38 -21.29 -1.03
N TYR A 160 3.67 -21.17 -0.76
CA TYR A 160 4.19 -20.05 0.02
C TYR A 160 5.18 -19.24 -0.80
N GLY A 161 4.90 -17.95 -0.94
CA GLY A 161 5.80 -17.11 -1.70
C GLY A 161 5.85 -15.71 -1.15
N ILE A 162 6.37 -14.80 -1.95
CA ILE A 162 6.47 -13.39 -1.61
C ILE A 162 5.51 -12.56 -2.47
N ARG A 163 4.74 -11.68 -1.83
CA ARG A 163 3.80 -10.83 -2.54
C ARG A 163 4.55 -9.59 -3.00
N TYR A 164 5.31 -9.72 -4.08
CA TYR A 164 6.07 -8.59 -4.61
C TYR A 164 5.12 -7.45 -5.01
N GLU A 165 5.41 -6.23 -4.57
CA GLU A 165 4.54 -5.12 -4.95
C GLU A 165 4.71 -4.90 -6.44
N TYR A 166 5.86 -5.34 -6.97
CA TYR A 166 6.18 -5.22 -8.39
C TYR A 166 6.67 -6.57 -8.88
N GLY A 167 5.99 -7.15 -9.85
CA GLY A 167 6.41 -8.44 -10.39
C GLY A 167 7.40 -8.20 -11.51
N ILE A 168 7.60 -9.20 -12.37
CA ILE A 168 8.53 -9.03 -13.49
C ILE A 168 8.09 -7.78 -14.27
N PHE A 169 9.05 -6.92 -14.61
CA PHE A 169 8.80 -5.65 -15.30
C PHE A 169 8.05 -5.69 -16.62
N ASN A 170 7.25 -4.67 -16.90
CA ASN A 170 6.55 -4.60 -18.17
C ASN A 170 7.66 -4.21 -19.14
N GLN A 171 7.70 -4.85 -20.31
CA GLN A 171 8.73 -4.56 -21.29
C GLN A 171 8.23 -3.75 -22.47
N LYS A 172 8.95 -2.69 -22.80
CA LYS A 172 8.62 -1.83 -23.92
C LYS A 172 9.83 -1.85 -24.85
N ILE A 173 9.59 -1.58 -26.13
CA ILE A 173 10.67 -1.51 -27.11
C ILE A 173 10.71 -0.06 -27.59
N ARG A 174 11.81 0.61 -27.28
CA ARG A 174 11.97 2.01 -27.67
C ARG A 174 13.25 2.12 -28.50
N ASP A 175 13.11 2.67 -29.70
CA ASP A 175 14.26 2.82 -30.60
C ASP A 175 14.88 1.43 -30.80
N GLY A 176 14.04 0.41 -30.89
CA GLY A 176 14.52 -0.94 -31.08
C GLY A 176 14.98 -1.69 -29.84
N TRP A 177 15.32 -0.98 -28.77
CA TRP A 177 15.80 -1.61 -27.54
C TRP A 177 14.72 -1.85 -26.47
N GLN A 178 14.97 -2.82 -25.60
CA GLN A 178 14.06 -3.12 -24.50
C GLN A 178 14.21 -2.01 -23.46
N VAL A 179 13.06 -1.58 -22.95
CA VAL A 179 13.04 -0.57 -21.92
C VAL A 179 12.18 -1.18 -20.82
N GLU A 180 12.60 -1.02 -19.57
CA GLU A 180 11.85 -1.58 -18.45
C GLU A 180 10.97 -0.54 -17.77
N GLU A 181 9.74 -0.95 -17.45
CA GLU A 181 8.81 -0.08 -16.75
C GLU A 181 8.33 -0.84 -15.52
N ALA A 182 8.04 -0.13 -14.44
CA ALA A 182 7.59 -0.80 -13.23
C ALA A 182 6.26 -1.49 -13.46
N ASP A 183 6.15 -2.71 -12.96
CA ASP A 183 4.90 -3.44 -13.08
C ASP A 183 4.17 -3.30 -11.75
N ASP A 184 3.46 -2.18 -11.55
CA ASP A 184 2.71 -2.03 -10.31
C ASP A 184 1.33 -2.64 -10.51
N TRP A 185 1.29 -3.96 -10.49
CA TRP A 185 0.05 -4.70 -10.68
C TRP A 185 -0.97 -4.44 -9.55
N LEU A 186 -0.50 -3.94 -8.41
CA LEU A 186 -1.40 -3.66 -7.27
C LEU A 186 -1.92 -2.21 -7.22
N ARG A 187 -1.60 -1.40 -8.22
CA ARG A 187 -2.05 -0.01 -8.23
C ARG A 187 -3.55 0.12 -7.95
N TYR A 188 -4.38 -0.56 -8.74
CA TYR A 188 -5.81 -0.47 -8.54
C TYR A 188 -6.36 -1.56 -7.62
N GLY A 189 -5.48 -2.27 -6.93
CA GLY A 189 -5.92 -3.32 -6.03
C GLY A 189 -6.10 -4.68 -6.69
N ASN A 190 -6.01 -5.74 -5.90
CA ASN A 190 -6.16 -7.11 -6.40
C ASN A 190 -7.30 -7.76 -5.63
N PRO A 191 -8.43 -8.01 -6.31
CA PRO A 191 -9.59 -8.62 -5.64
C PRO A 191 -9.37 -10.09 -5.29
N TRP A 192 -8.39 -10.70 -5.93
CA TRP A 192 -8.13 -12.12 -5.68
C TRP A 192 -7.29 -12.42 -4.46
N GLU A 193 -7.01 -11.41 -3.63
CA GLU A 193 -6.22 -11.65 -2.42
C GLU A 193 -6.94 -11.18 -1.16
N LYS A 194 -6.69 -11.88 -0.06
CA LYS A 194 -7.28 -11.51 1.22
C LYS A 194 -6.23 -11.50 2.34
N SER A 195 -5.91 -10.31 2.83
CA SER A 195 -4.95 -10.17 3.90
C SER A 195 -5.43 -10.95 5.12
N ARG A 196 -4.52 -11.68 5.74
CA ARG A 196 -4.82 -12.46 6.93
C ARG A 196 -4.01 -11.77 8.03
N PRO A 197 -4.56 -10.69 8.59
CA PRO A 197 -3.90 -9.92 9.65
C PRO A 197 -3.55 -10.68 10.91
N GLU A 198 -4.49 -11.49 11.39
CA GLU A 198 -4.24 -12.26 12.60
C GLU A 198 -3.01 -13.18 12.52
N PHE A 199 -2.50 -13.41 11.32
CA PHE A 199 -1.35 -14.30 11.16
C PHE A 199 -0.03 -13.63 10.86
N MET A 200 0.06 -12.34 11.10
CA MET A 200 1.29 -11.61 10.86
C MET A 200 2.36 -12.26 11.75
N LEU A 201 3.62 -12.22 11.31
CA LEU A 201 4.72 -12.81 12.06
C LEU A 201 5.99 -11.96 11.96
N PRO A 202 6.87 -12.06 12.96
CA PRO A 202 8.11 -11.29 12.91
C PRO A 202 9.25 -12.11 12.27
N VAL A 203 10.11 -11.43 11.53
CA VAL A 203 11.25 -12.06 10.88
C VAL A 203 12.47 -11.30 11.37
N HIS A 204 13.54 -12.02 11.67
CA HIS A 204 14.73 -11.39 12.21
C HIS A 204 15.88 -11.26 11.22
N PHE A 205 16.66 -10.19 11.38
CA PHE A 205 17.80 -9.95 10.50
C PHE A 205 18.99 -9.36 11.28
N TYR A 206 20.20 -9.76 10.89
CA TYR A 206 21.42 -9.28 11.53
C TYR A 206 21.57 -9.77 12.98
N GLY A 207 21.78 -8.84 13.92
CA GLY A 207 21.95 -9.22 15.31
C GLY A 207 23.23 -10.01 15.47
N LYS A 208 23.37 -10.73 16.58
CA LYS A 208 24.56 -11.55 16.83
C LYS A 208 24.18 -12.79 17.62
N VAL A 209 25.08 -13.76 17.68
CA VAL A 209 24.81 -15.00 18.42
C VAL A 209 25.42 -14.97 19.80
N GLU A 210 24.66 -15.46 20.78
CA GLU A 210 25.11 -15.49 22.16
C GLU A 210 24.77 -16.85 22.73
N HIS A 211 25.78 -17.71 22.84
CA HIS A 211 25.59 -19.05 23.38
C HIS A 211 25.54 -18.96 24.90
N THR A 212 24.53 -19.60 25.48
CA THR A 212 24.36 -19.57 26.93
C THR A 212 23.91 -20.93 27.45
N ASN A 213 23.81 -21.05 28.77
CA ASN A 213 23.40 -22.29 29.41
C ASN A 213 21.91 -22.59 29.28
N THR A 214 21.20 -21.78 28.51
CA THR A 214 19.77 -22.00 28.31
C THR A 214 19.52 -22.46 26.89
N GLY A 215 20.61 -22.56 26.12
CA GLY A 215 20.54 -22.95 24.73
C GLY A 215 21.23 -21.87 23.93
N THR A 216 20.87 -21.71 22.67
CA THR A 216 21.49 -20.67 21.87
C THR A 216 20.49 -19.57 21.58
N LYS A 217 20.91 -18.33 21.78
CA LYS A 217 20.04 -17.17 21.58
C LYS A 217 20.59 -16.22 20.51
N TRP A 218 19.72 -15.84 19.57
CA TRP A 218 20.07 -14.93 18.48
C TRP A 218 19.49 -13.56 18.88
N ILE A 219 20.36 -12.66 19.31
CA ILE A 219 19.92 -11.35 19.80
C ILE A 219 20.39 -10.08 19.09
N ASP A 220 19.81 -8.95 19.54
CA ASP A 220 20.12 -7.63 18.99
C ASP A 220 19.83 -7.56 17.50
N THR A 221 18.74 -8.21 17.08
CA THR A 221 18.40 -8.24 15.68
C THR A 221 17.40 -7.18 15.26
N GLN A 222 17.29 -6.96 13.96
CA GLN A 222 16.34 -6.02 13.40
C GLN A 222 15.14 -6.88 13.05
N VAL A 223 13.94 -6.41 13.38
CA VAL A 223 12.74 -7.15 13.09
C VAL A 223 12.01 -6.54 11.90
N VAL A 224 11.39 -7.41 11.11
CA VAL A 224 10.61 -7.03 9.95
C VAL A 224 9.38 -7.93 10.03
N LEU A 225 8.20 -7.36 9.80
CA LEU A 225 6.98 -8.13 9.87
C LEU A 225 6.55 -8.74 8.55
N ALA A 226 6.01 -9.95 8.63
CA ALA A 226 5.51 -10.63 7.45
C ALA A 226 3.98 -10.70 7.59
N LEU A 227 3.30 -10.09 6.62
CA LEU A 227 1.84 -10.05 6.59
C LEU A 227 1.42 -10.93 5.43
N PRO A 228 0.84 -12.09 5.73
CA PRO A 228 0.42 -13.01 4.68
C PRO A 228 -0.87 -12.58 3.98
N TYR A 229 -0.88 -12.78 2.67
CA TYR A 229 -2.04 -12.48 1.84
C TYR A 229 -2.39 -13.81 1.16
N ASP A 230 -3.59 -14.30 1.43
CA ASP A 230 -4.07 -15.55 0.86
C ASP A 230 -4.80 -15.36 -0.45
N THR A 231 -4.58 -16.30 -1.37
CA THR A 231 -5.25 -16.30 -2.66
C THR A 231 -5.76 -17.74 -2.84
N PRO A 232 -7.03 -17.88 -3.25
CA PRO A 232 -7.63 -19.20 -3.46
C PRO A 232 -7.18 -19.81 -4.78
N VAL A 233 -6.98 -21.13 -4.79
CA VAL A 233 -6.56 -21.86 -5.97
C VAL A 233 -7.63 -22.92 -6.17
N PRO A 234 -8.59 -22.63 -7.06
CA PRO A 234 -9.67 -23.58 -7.32
C PRO A 234 -9.24 -24.79 -8.09
N GLY A 235 -9.58 -25.97 -7.58
CA GLY A 235 -9.23 -27.19 -8.29
C GLY A 235 -10.23 -27.24 -9.42
N TYR A 236 -9.92 -27.97 -10.49
CA TYR A 236 -10.84 -28.03 -11.62
C TYR A 236 -12.04 -28.94 -11.36
N MET A 237 -13.21 -28.32 -11.25
CA MET A 237 -14.46 -29.04 -11.02
C MET A 237 -14.39 -30.16 -9.97
N ASN A 238 -14.03 -29.85 -8.73
CA ASN A 238 -13.97 -30.89 -7.71
C ASN A 238 -14.23 -30.41 -6.28
N ASN A 239 -14.90 -29.28 -6.15
CA ASN A 239 -15.24 -28.71 -4.84
C ASN A 239 -14.08 -28.20 -3.98
N THR A 240 -12.84 -28.53 -4.33
CA THR A 240 -11.74 -28.04 -3.49
C THR A 240 -11.08 -26.76 -3.99
N VAL A 241 -10.71 -25.92 -3.04
CA VAL A 241 -10.04 -24.67 -3.34
C VAL A 241 -8.92 -24.57 -2.32
N ASN A 242 -7.68 -24.58 -2.80
CA ASN A 242 -6.54 -24.52 -1.91
C ASN A 242 -6.07 -23.11 -1.66
N THR A 243 -4.95 -22.99 -0.97
CA THR A 243 -4.46 -21.68 -0.65
C THR A 243 -3.05 -21.38 -1.08
N MET A 244 -2.88 -20.17 -1.60
CA MET A 244 -1.57 -19.67 -1.99
C MET A 244 -1.35 -18.50 -1.03
N ARG A 245 -0.42 -18.69 -0.10
CA ARG A 245 -0.10 -17.66 0.86
C ARG A 245 1.15 -16.88 0.42
N LEU A 246 0.97 -15.61 0.15
CA LEU A 246 2.05 -14.74 -0.29
C LEU A 246 2.36 -13.71 0.82
N TRP A 247 3.61 -13.64 1.25
CA TRP A 247 4.01 -12.70 2.31
C TRP A 247 4.53 -11.34 1.84
N SER A 248 4.22 -10.29 2.61
CA SER A 248 4.66 -8.93 2.32
C SER A 248 5.34 -8.37 3.57
N ALA A 249 6.44 -7.65 3.37
CA ALA A 249 7.19 -7.09 4.49
C ALA A 249 6.59 -5.78 5.04
N ARG A 250 6.63 -5.61 6.35
CA ARG A 250 6.12 -4.41 7.02
C ARG A 250 7.01 -4.02 8.21
N ALA A 251 7.15 -2.72 8.43
CA ALA A 251 7.97 -2.24 9.54
C ALA A 251 7.15 -2.36 10.83
N PRO A 252 7.81 -2.77 11.94
CA PRO A 252 7.13 -2.92 13.24
C PRO A 252 6.82 -1.57 13.90
N ASN A 253 6.04 -1.61 14.97
CA ASN A 253 5.62 -0.40 15.69
C ASN A 253 6.34 0.00 16.99
N ASP A 254 6.72 -0.97 17.81
CA ASP A 254 7.35 -0.70 19.12
C ASP A 254 8.48 0.31 19.24
N PHE A 255 8.95 0.48 20.48
CA PHE A 255 10.02 1.41 20.87
C PHE A 255 9.57 2.88 20.91
N GLY A 263 11.79 16.27 12.02
CA GLY A 263 13.12 16.29 11.32
C GLY A 263 13.74 14.90 11.32
N ASP A 264 14.09 14.42 12.51
CA ASP A 264 14.66 13.10 12.70
C ASP A 264 13.48 12.12 12.74
N TYR A 265 12.30 12.65 13.10
CA TYR A 265 11.07 11.88 13.17
C TYR A 265 10.55 11.54 11.75
N ILE A 266 10.48 12.56 10.88
CA ILE A 266 10.02 12.34 9.51
C ILE A 266 10.88 11.27 8.84
N GLN A 267 12.18 11.51 8.79
CA GLN A 267 13.11 10.57 8.17
C GLN A 267 12.96 9.15 8.73
N ALA A 268 12.68 9.04 10.03
CA ALA A 268 12.52 7.73 10.67
C ALA A 268 11.26 7.05 10.15
N VAL A 269 10.22 7.83 9.91
CA VAL A 269 8.97 7.29 9.42
C VAL A 269 9.18 6.89 7.96
N LEU A 270 9.96 7.72 7.25
CA LEU A 270 10.28 7.46 5.84
C LEU A 270 11.19 6.24 5.75
N ASP A 271 12.16 6.15 6.66
CA ASP A 271 13.07 5.02 6.67
C ASP A 271 12.35 3.68 6.84
N ARG A 272 11.07 3.71 7.17
CA ARG A 272 10.32 2.46 7.30
C ARG A 272 10.29 1.79 5.92
N ASN A 273 10.60 2.56 4.88
CA ASN A 273 10.62 2.02 3.50
C ASN A 273 11.68 0.91 3.36
N LEU A 274 12.79 1.05 4.10
CA LEU A 274 13.85 0.07 4.05
C LEU A 274 13.35 -1.34 4.38
N ALA A 275 12.69 -1.49 5.52
CA ALA A 275 12.16 -2.79 5.95
C ALA A 275 11.17 -3.33 4.90
N GLU A 276 10.30 -2.46 4.44
CA GLU A 276 9.30 -2.81 3.47
C GLU A 276 9.88 -3.05 2.09
N ASN A 277 11.15 -2.70 1.90
CA ASN A 277 11.79 -2.90 0.62
C ASN A 277 12.11 -4.37 0.36
N ILE A 278 12.06 -5.18 1.41
CA ILE A 278 12.35 -6.60 1.24
C ILE A 278 11.43 -7.29 0.23
N SER A 279 10.16 -6.90 0.18
CA SER A 279 9.22 -7.51 -0.77
C SER A 279 8.75 -6.55 -1.87
N ARG A 280 9.57 -5.57 -2.17
CA ARG A 280 9.24 -4.56 -3.16
C ARG A 280 9.22 -5.03 -4.62
N VAL A 281 10.30 -5.69 -5.05
CA VAL A 281 10.42 -6.15 -6.44
C VAL A 281 10.92 -7.58 -6.55
N LEU A 282 10.52 -8.23 -7.64
CA LEU A 282 10.98 -9.58 -7.93
C LEU A 282 12.29 -9.39 -8.70
N TYR A 283 13.31 -10.18 -8.42
CA TYR A 283 14.54 -10.05 -9.17
C TYR A 283 14.28 -10.65 -10.55
N PRO A 284 14.44 -9.84 -11.61
CA PRO A 284 14.20 -10.29 -12.99
C PRO A 284 15.26 -11.13 -13.69
N ASN A 285 15.90 -12.03 -12.97
CA ASN A 285 16.91 -12.88 -13.59
C ASN A 285 16.43 -14.30 -13.82
N ASP A 286 16.55 -14.75 -15.05
CA ASP A 286 16.15 -16.10 -15.39
C ASP A 286 17.47 -16.86 -15.53
N ASN A 287 17.56 -18.03 -14.90
CA ASN A 287 18.78 -18.83 -14.93
C ASN A 287 20.05 -18.01 -14.75
N PHE A 288 20.08 -17.18 -13.71
CA PHE A 288 21.27 -16.37 -13.40
C PHE A 288 21.30 -15.97 -11.94
N PHE A 289 22.45 -16.15 -11.30
CA PHE A 289 22.61 -15.80 -9.89
C PHE A 289 23.23 -14.42 -9.74
N GLU A 290 22.54 -13.56 -9.00
CA GLU A 290 23.01 -12.20 -8.73
C GLU A 290 23.10 -12.15 -7.20
N GLY A 291 24.32 -12.23 -6.68
CA GLY A 291 24.51 -12.22 -5.25
C GLY A 291 24.26 -10.91 -4.54
N LYS A 292 23.06 -10.38 -4.66
CA LYS A 292 22.71 -9.12 -4.00
C LYS A 292 22.07 -9.35 -2.65
N GLU A 293 22.49 -8.57 -1.67
CA GLU A 293 21.99 -8.68 -0.30
C GLU A 293 20.46 -8.66 -0.18
N LEU A 294 19.81 -7.69 -0.81
CA LEU A 294 18.34 -7.61 -0.73
C LEU A 294 17.67 -8.93 -1.14
N ARG A 295 18.22 -9.59 -2.14
CA ARG A 295 17.68 -10.86 -2.62
C ARG A 295 17.81 -11.94 -1.54
N LEU A 296 18.95 -11.95 -0.85
CA LEU A 296 19.17 -12.90 0.23
C LEU A 296 18.13 -12.63 1.32
N LYS A 297 17.86 -11.35 1.57
CA LYS A 297 16.86 -10.98 2.56
C LYS A 297 15.49 -11.53 2.19
N GLN A 298 15.18 -11.56 0.90
CA GLN A 298 13.89 -12.06 0.45
C GLN A 298 13.79 -13.56 0.70
N GLU A 299 14.85 -14.27 0.31
CA GLU A 299 14.92 -15.72 0.47
C GLU A 299 14.74 -16.09 1.92
N TYR A 300 15.44 -15.41 2.83
CA TYR A 300 15.27 -15.73 4.23
C TYR A 300 13.87 -15.29 4.64
N PHE A 301 13.52 -14.07 4.23
CA PHE A 301 12.18 -13.55 4.52
C PHE A 301 11.09 -14.60 4.36
N VAL A 302 10.91 -15.09 3.13
CA VAL A 302 9.86 -16.08 2.87
C VAL A 302 10.05 -17.36 3.64
N VAL A 303 11.29 -17.73 3.87
CA VAL A 303 11.63 -18.94 4.59
C VAL A 303 11.27 -18.85 6.09
N ALA A 304 11.56 -17.74 6.74
CA ALA A 304 11.24 -17.58 8.16
C ALA A 304 9.73 -17.61 8.38
N ALA A 305 9.02 -16.67 7.73
CA ALA A 305 7.57 -16.57 7.84
C ALA A 305 6.91 -17.92 7.54
N THR A 306 7.23 -18.52 6.40
CA THR A 306 6.65 -19.80 6.02
C THR A 306 6.82 -20.91 7.06
N LEU A 307 8.08 -21.19 7.43
CA LEU A 307 8.38 -22.23 8.43
C LEU A 307 7.63 -21.95 9.73
N GLN A 308 7.61 -20.69 10.16
CA GLN A 308 6.90 -20.35 11.39
C GLN A 308 5.42 -20.71 11.26
N ASP A 309 4.80 -20.26 10.17
CA ASP A 309 3.39 -20.50 9.91
C ASP A 309 3.11 -22.00 9.84
N ILE A 310 4.05 -22.74 9.27
CA ILE A 310 3.90 -24.19 9.15
C ILE A 310 3.97 -24.85 10.52
N ILE A 311 4.92 -24.40 11.35
CA ILE A 311 5.08 -24.95 12.69
C ILE A 311 3.81 -24.61 13.48
N ARG A 312 3.27 -23.42 13.21
CA ARG A 312 2.05 -22.97 13.87
C ARG A 312 0.85 -23.85 13.53
N ARG A 313 0.63 -24.10 12.25
CA ARG A 313 -0.47 -24.94 11.81
C ARG A 313 -0.32 -26.36 12.38
N PHE A 314 0.89 -26.89 12.37
CA PHE A 314 1.17 -28.25 12.89
C PHE A 314 0.79 -28.38 14.36
N LYS A 315 1.15 -27.39 15.16
CA LYS A 315 0.87 -27.39 16.59
C LYS A 315 -0.60 -27.17 16.90
N ALA A 316 -1.29 -26.47 16.00
CA ALA A 316 -2.70 -26.19 16.21
C ALA A 316 -3.56 -27.32 15.68
N SER A 317 -2.91 -28.39 15.23
CA SER A 317 -3.62 -29.53 14.66
C SER A 317 -3.80 -30.69 15.64
N LYS A 318 -4.52 -31.71 15.19
CA LYS A 318 -4.78 -32.90 15.98
C LYS A 318 -3.46 -33.67 16.15
N PHE A 319 -2.55 -33.48 15.20
CA PHE A 319 -1.25 -34.14 15.26
C PHE A 319 -0.23 -33.21 15.92
N GLY A 324 8.37 -39.43 27.67
CA GLY A 324 9.02 -38.48 26.72
C GLY A 324 8.37 -37.11 26.70
N ALA A 325 9.10 -36.10 27.18
CA ALA A 325 8.62 -34.72 27.22
C ALA A 325 8.23 -34.19 25.85
N GLY A 326 9.06 -34.49 24.83
CA GLY A 326 8.78 -34.03 23.48
C GLY A 326 8.13 -35.12 22.66
N THR A 327 6.80 -35.19 22.73
CA THR A 327 6.01 -36.19 22.02
C THR A 327 5.31 -35.62 20.79
N VAL A 328 5.64 -34.37 20.44
CA VAL A 328 4.97 -33.74 19.31
C VAL A 328 5.65 -33.85 17.95
N PHE A 329 6.75 -33.11 17.78
CA PHE A 329 7.49 -33.08 16.51
C PHE A 329 7.91 -34.41 15.91
N ASP A 330 7.76 -35.50 16.66
CA ASP A 330 8.13 -36.81 16.12
C ASP A 330 7.31 -37.11 14.87
N ALA A 331 6.07 -36.64 14.85
CA ALA A 331 5.17 -36.88 13.73
C ALA A 331 5.21 -35.78 12.65
N PHE A 332 6.02 -34.76 12.88
CA PHE A 332 6.13 -33.65 11.92
C PHE A 332 6.34 -34.09 10.46
N PRO A 333 7.33 -34.96 10.20
CA PRO A 333 7.59 -35.42 8.83
C PRO A 333 6.44 -36.19 8.18
N ASP A 334 5.52 -36.69 9.00
CA ASP A 334 4.38 -37.45 8.51
C ASP A 334 3.14 -36.57 8.36
N GLN A 335 3.30 -35.29 8.66
CA GLN A 335 2.21 -34.34 8.55
C GLN A 335 2.60 -33.19 7.65
N VAL A 336 3.90 -33.00 7.50
CA VAL A 336 4.43 -31.91 6.68
C VAL A 336 5.41 -32.39 5.63
N ALA A 337 5.35 -31.75 4.46
CA ALA A 337 6.24 -32.03 3.35
C ALA A 337 6.51 -30.66 2.73
N ILE A 338 7.77 -30.24 2.78
CA ILE A 338 8.14 -28.94 2.24
C ILE A 338 8.99 -29.12 0.99
N GLN A 339 8.44 -28.75 -0.17
CA GLN A 339 9.16 -28.87 -1.43
C GLN A 339 9.92 -27.60 -1.73
N LEU A 340 11.22 -27.72 -1.95
CA LEU A 340 12.06 -26.56 -2.24
C LEU A 340 12.15 -26.34 -3.76
N ASN A 341 11.53 -25.26 -4.24
CA ASN A 341 11.56 -24.94 -5.67
C ASN A 341 12.88 -24.24 -5.96
N ASP A 342 13.82 -25.03 -6.45
CA ASP A 342 15.18 -24.58 -6.73
C ASP A 342 15.89 -24.32 -5.40
N THR A 343 17.08 -23.75 -5.44
CA THR A 343 17.83 -23.48 -4.21
C THR A 343 17.46 -22.14 -3.58
N HIS A 344 16.48 -21.46 -4.14
CA HIS A 344 16.07 -20.15 -3.62
C HIS A 344 15.66 -20.16 -2.14
N PRO A 345 14.91 -21.18 -1.69
CA PRO A 345 14.52 -21.20 -0.27
C PRO A 345 15.38 -22.16 0.54
N ALA A 346 16.60 -22.37 0.09
CA ALA A 346 17.52 -23.29 0.78
C ALA A 346 17.68 -23.00 2.26
N LEU A 347 17.64 -21.72 2.63
CA LEU A 347 17.78 -21.32 4.03
C LEU A 347 16.73 -22.00 4.90
N ALA A 348 15.72 -22.56 4.28
CA ALA A 348 14.67 -23.21 5.03
C ALA A 348 15.20 -24.38 5.86
N ILE A 349 16.20 -25.08 5.34
CA ILE A 349 16.78 -26.23 6.05
C ILE A 349 17.43 -25.79 7.36
N PRO A 350 18.43 -24.90 7.31
CA PRO A 350 19.03 -24.50 8.59
C PRO A 350 18.05 -23.72 9.47
N GLU A 351 17.00 -23.18 8.85
CA GLU A 351 15.98 -22.42 9.56
C GLU A 351 15.14 -23.38 10.39
N LEU A 352 14.89 -24.56 9.84
CA LEU A 352 14.10 -25.55 10.55
C LEU A 352 14.96 -26.10 11.67
N MET A 353 16.26 -26.17 11.43
CA MET A 353 17.17 -26.66 12.46
C MET A 353 17.26 -25.63 13.58
N ARG A 354 17.22 -24.34 13.23
CA ARG A 354 17.28 -23.28 14.22
C ARG A 354 16.07 -23.34 15.14
N ILE A 355 14.88 -23.49 14.56
CA ILE A 355 13.68 -23.56 15.37
C ILE A 355 13.69 -24.80 16.26
N PHE A 356 13.93 -25.96 15.66
CA PHE A 356 13.97 -27.22 16.38
C PHE A 356 14.98 -27.22 17.54
N VAL A 357 16.19 -26.73 17.27
CA VAL A 357 17.24 -26.72 18.30
C VAL A 357 17.25 -25.52 19.26
N ASP A 358 17.13 -24.31 18.73
CA ASP A 358 17.16 -23.13 19.59
C ASP A 358 15.85 -22.81 20.30
N ILE A 359 14.74 -23.02 19.61
CA ILE A 359 13.45 -22.68 20.20
C ILE A 359 12.67 -23.86 20.79
N GLU A 360 12.70 -25.00 20.11
CA GLU A 360 11.98 -26.17 20.58
C GLU A 360 12.86 -27.08 21.46
N LYS A 361 14.15 -26.78 21.51
CA LYS A 361 15.09 -27.52 22.34
C LYS A 361 15.27 -29.01 22.04
N LEU A 362 15.23 -29.40 20.78
CA LEU A 362 15.42 -30.81 20.43
C LEU A 362 16.92 -31.08 20.23
N PRO A 363 17.35 -32.33 20.41
CA PRO A 363 18.78 -32.61 20.22
C PRO A 363 19.08 -32.44 18.73
N TRP A 364 20.31 -32.09 18.38
CA TRP A 364 20.67 -31.90 16.99
C TRP A 364 20.28 -33.12 16.17
N SER A 365 20.58 -34.30 16.70
CA SER A 365 20.28 -35.57 16.02
C SER A 365 18.85 -35.70 15.56
N LYS A 366 17.92 -35.56 16.50
CA LYS A 366 16.50 -35.68 16.19
C LYS A 366 16.06 -34.61 15.21
N ALA A 367 16.43 -33.36 15.46
CA ALA A 367 16.09 -32.28 14.57
C ALA A 367 16.58 -32.58 13.17
N TRP A 368 17.89 -32.86 13.04
CA TRP A 368 18.47 -33.16 11.74
C TRP A 368 17.70 -34.28 11.05
N GLU A 369 17.29 -35.27 11.83
CA GLU A 369 16.51 -36.39 11.31
C GLU A 369 15.19 -35.90 10.70
N LEU A 370 14.40 -35.19 11.50
CA LEU A 370 13.12 -34.67 11.04
C LEU A 370 13.26 -33.71 9.86
N THR A 371 14.36 -32.96 9.83
CA THR A 371 14.59 -32.01 8.76
C THR A 371 14.65 -32.72 7.40
N GLN A 372 15.53 -33.71 7.29
CA GLN A 372 15.67 -34.45 6.04
C GLN A 372 14.37 -35.15 5.63
N LYS A 373 13.60 -35.63 6.60
CA LYS A 373 12.35 -36.30 6.28
C LYS A 373 11.29 -35.31 5.82
N THR A 374 11.53 -34.02 6.08
CA THR A 374 10.58 -32.97 5.72
C THR A 374 10.83 -32.34 4.37
N PHE A 375 12.08 -31.99 4.12
CA PHE A 375 12.45 -31.33 2.87
C PHE A 375 12.74 -32.21 1.66
N ALA A 376 12.48 -31.64 0.49
CA ALA A 376 12.73 -32.24 -0.81
C ALA A 376 13.17 -31.06 -1.66
N TYR A 377 14.14 -31.30 -2.55
CA TYR A 377 14.69 -30.27 -3.41
C TYR A 377 14.49 -30.56 -4.89
N THR A 378 14.20 -29.52 -5.68
CA THR A 378 13.99 -29.67 -7.12
C THR A 378 15.01 -28.81 -7.84
N ASN A 379 15.84 -29.44 -8.66
CA ASN A 379 16.86 -28.71 -9.40
C ASN A 379 16.31 -28.32 -10.75
N HIS A 380 16.61 -27.09 -11.18
CA HIS A 380 16.08 -26.60 -12.44
C HIS A 380 17.14 -26.19 -13.46
N THR A 381 18.42 -26.36 -13.14
CA THR A 381 19.44 -25.95 -14.09
C THR A 381 20.84 -26.51 -13.83
N VAL A 382 21.64 -26.61 -14.88
CA VAL A 382 23.01 -27.09 -14.78
C VAL A 382 24.00 -26.00 -15.15
N LEU A 383 23.48 -24.84 -15.56
CA LEU A 383 24.32 -23.71 -15.94
C LEU A 383 24.97 -23.14 -14.66
N PRO A 384 26.31 -23.10 -14.61
CA PRO A 384 27.03 -22.58 -13.44
C PRO A 384 26.65 -21.17 -13.03
N GLU A 385 26.30 -20.32 -14.00
CA GLU A 385 25.92 -18.95 -13.68
C GLU A 385 24.54 -18.87 -13.02
N ALA A 386 23.82 -19.98 -13.01
CA ALA A 386 22.49 -20.02 -12.42
C ALA A 386 22.50 -20.64 -11.03
N LEU A 387 23.66 -21.16 -10.62
CA LEU A 387 23.80 -21.80 -9.30
C LEU A 387 24.08 -20.80 -8.20
N GLU A 388 23.32 -20.89 -7.11
CA GLU A 388 23.49 -19.98 -6.00
C GLU A 388 24.64 -20.30 -5.07
N ARG A 389 25.55 -19.34 -4.94
CA ARG A 389 26.71 -19.48 -4.08
C ARG A 389 26.83 -18.15 -3.34
N TRP A 390 26.25 -18.07 -2.16
CA TRP A 390 26.28 -16.84 -1.38
C TRP A 390 27.57 -16.69 -0.60
N PRO A 391 28.17 -15.49 -0.63
CA PRO A 391 29.41 -15.22 0.09
C PRO A 391 29.22 -15.37 1.60
N VAL A 392 30.13 -16.10 2.25
CA VAL A 392 30.04 -16.30 3.67
C VAL A 392 29.95 -14.97 4.43
N ASP A 393 30.71 -13.97 3.98
CA ASP A 393 30.71 -12.65 4.61
C ASP A 393 29.33 -12.04 4.71
N LEU A 394 28.58 -12.14 3.63
CA LEU A 394 27.24 -11.59 3.54
C LEU A 394 26.34 -12.33 4.52
N VAL A 395 26.35 -13.66 4.45
CA VAL A 395 25.52 -14.47 5.33
C VAL A 395 25.91 -14.32 6.80
N GLU A 396 27.19 -14.04 7.06
CA GLU A 396 27.62 -13.88 8.44
C GLU A 396 27.04 -12.67 9.15
N LYS A 397 26.94 -11.53 8.45
CA LYS A 397 26.38 -10.34 9.08
C LYS A 397 24.87 -10.29 8.99
N LEU A 398 24.28 -11.00 8.02
CA LEU A 398 22.83 -11.00 7.89
C LEU A 398 22.22 -12.11 8.74
N LEU A 399 22.64 -13.35 8.50
CA LEU A 399 22.12 -14.49 9.25
C LEU A 399 23.24 -15.23 9.99
N PRO A 400 23.85 -14.59 11.01
CA PRO A 400 24.93 -15.24 11.75
C PRO A 400 24.61 -16.61 12.36
N ARG A 401 23.44 -16.77 12.95
CA ARG A 401 23.09 -18.05 13.55
C ARG A 401 23.00 -19.15 12.49
N HIS A 402 22.52 -18.79 11.31
CA HIS A 402 22.38 -19.75 10.21
C HIS A 402 23.71 -20.17 9.59
N LEU A 403 24.70 -19.29 9.64
CA LEU A 403 26.01 -19.65 9.10
C LEU A 403 26.61 -20.70 10.01
N GLU A 404 26.36 -20.59 11.30
CA GLU A 404 26.88 -21.55 12.27
C GLU A 404 26.20 -22.91 12.09
N ILE A 405 24.93 -22.88 11.71
CA ILE A 405 24.17 -24.10 11.51
C ILE A 405 24.62 -24.81 10.24
N ILE A 406 24.98 -24.03 9.23
CA ILE A 406 25.43 -24.58 7.96
C ILE A 406 26.80 -25.19 8.15
N TYR A 407 27.62 -24.55 8.98
CA TYR A 407 28.96 -25.08 9.28
C TYR A 407 28.76 -26.43 9.98
N GLU A 408 27.89 -26.44 10.99
CA GLU A 408 27.59 -27.67 11.71
C GLU A 408 27.23 -28.79 10.74
N ILE A 409 26.18 -28.57 9.98
CA ILE A 409 25.70 -29.53 8.99
C ILE A 409 26.89 -30.03 8.16
N ASN A 410 27.68 -29.07 7.66
CA ASN A 410 28.84 -29.39 6.84
C ASN A 410 29.89 -30.25 7.57
N GLN A 411 30.34 -29.79 8.73
CA GLN A 411 31.34 -30.55 9.48
C GLN A 411 30.89 -31.99 9.67
N LYS A 412 29.67 -32.17 10.15
CA LYS A 412 29.12 -33.51 10.36
C LYS A 412 29.08 -34.22 9.00
N HIS A 413 28.78 -33.46 7.95
CA HIS A 413 28.71 -34.01 6.60
C HIS A 413 30.09 -34.49 6.14
N LEU A 414 31.12 -33.67 6.34
CA LEU A 414 32.47 -34.07 5.93
C LEU A 414 33.01 -35.18 6.82
N ASP A 415 32.64 -35.19 8.10
CA ASP A 415 33.11 -36.24 9.00
C ASP A 415 32.65 -37.60 8.48
N ARG A 416 31.46 -37.63 7.89
CA ARG A 416 30.89 -38.87 7.34
C ARG A 416 31.68 -39.31 6.11
N ILE A 417 31.92 -38.36 5.22
CA ILE A 417 32.66 -38.61 4.00
C ILE A 417 34.03 -39.20 4.31
N VAL A 418 34.72 -38.61 5.28
CA VAL A 418 36.04 -39.07 5.70
C VAL A 418 35.99 -40.52 6.21
N ALA A 419 35.04 -40.79 7.09
CA ALA A 419 34.87 -42.13 7.66
C ALA A 419 34.55 -43.17 6.59
N LEU A 420 34.22 -42.72 5.38
CA LEU A 420 33.89 -43.65 4.30
C LEU A 420 35.02 -43.69 3.26
N PHE A 421 35.71 -42.57 3.09
CA PHE A 421 36.82 -42.47 2.14
C PHE A 421 37.88 -41.60 2.80
N PRO A 422 38.60 -42.17 3.80
CA PRO A 422 39.66 -41.46 4.53
C PRO A 422 40.92 -41.01 3.77
N LYS A 423 40.95 -41.19 2.46
CA LYS A 423 42.13 -40.79 1.70
C LYS A 423 41.84 -39.80 0.59
N ASP A 424 40.64 -39.87 0.03
CA ASP A 424 40.26 -38.98 -1.05
C ASP A 424 40.00 -37.57 -0.50
N VAL A 425 41.07 -36.81 -0.33
CA VAL A 425 40.96 -35.45 0.19
C VAL A 425 40.22 -34.56 -0.81
N ASP A 426 40.38 -34.84 -2.10
CA ASP A 426 39.73 -34.06 -3.14
C ASP A 426 38.22 -34.19 -3.04
N ARG A 427 37.78 -35.33 -2.52
CA ARG A 427 36.35 -35.62 -2.35
C ARG A 427 35.76 -34.66 -1.34
N LEU A 428 36.53 -34.35 -0.32
CA LEU A 428 36.09 -33.44 0.74
C LEU A 428 35.70 -32.06 0.25
N ARG A 429 36.56 -31.40 -0.51
CA ARG A 429 36.24 -30.05 -0.98
C ARG A 429 35.17 -30.06 -2.07
N ARG A 430 35.07 -31.17 -2.79
CA ARG A 430 34.08 -31.28 -3.86
C ARG A 430 32.67 -31.49 -3.32
N MET A 431 32.58 -31.90 -2.06
CA MET A 431 31.28 -32.15 -1.44
C MET A 431 30.89 -31.19 -0.33
N SER A 432 31.85 -30.38 0.11
CA SER A 432 31.61 -29.40 1.16
C SER A 432 30.58 -28.36 0.73
N LEU A 433 29.90 -27.76 1.71
CA LEU A 433 28.90 -26.75 1.41
C LEU A 433 29.59 -25.39 1.30
N ILE A 434 30.91 -25.39 1.52
CA ILE A 434 31.67 -24.13 1.44
C ILE A 434 32.78 -24.17 0.40
N GLU A 435 32.68 -23.30 -0.61
CA GLU A 435 33.68 -23.21 -1.66
C GLU A 435 34.81 -22.34 -1.13
N GLU A 436 35.80 -22.98 -0.53
CA GLU A 436 36.95 -22.30 0.06
C GLU A 436 37.67 -21.34 -0.87
N GLU A 437 37.51 -21.54 -2.17
CA GLU A 437 38.16 -20.70 -3.18
C GLU A 437 38.04 -19.20 -2.91
N GLY A 438 38.99 -18.44 -3.48
CA GLY A 438 39.03 -16.99 -3.35
C GLY A 438 38.08 -16.39 -2.33
N SER A 439 36.84 -16.15 -2.78
CA SER A 439 35.80 -15.59 -1.93
C SER A 439 34.96 -16.76 -1.43
N LYS A 440 35.18 -17.15 -0.18
CA LYS A 440 34.47 -18.27 0.43
C LYS A 440 32.94 -18.15 0.31
N ARG A 441 32.34 -19.05 -0.46
CA ARG A 441 30.91 -19.02 -0.67
C ARG A 441 30.23 -20.29 -0.17
N ILE A 442 28.90 -20.25 -0.11
CA ILE A 442 28.11 -21.38 0.32
C ILE A 442 27.39 -21.97 -0.88
N ASN A 443 27.67 -23.24 -1.19
CA ASN A 443 27.03 -23.90 -2.31
C ASN A 443 25.66 -24.34 -1.82
N MET A 444 24.67 -23.45 -1.98
CA MET A 444 23.30 -23.74 -1.54
C MET A 444 22.78 -25.05 -2.11
N ALA A 445 23.22 -25.40 -3.32
CA ALA A 445 22.77 -26.65 -3.93
C ALA A 445 23.16 -27.82 -3.03
N HIS A 446 24.42 -27.83 -2.58
CA HIS A 446 24.92 -28.90 -1.71
C HIS A 446 24.19 -28.89 -0.37
N LEU A 447 23.79 -27.71 0.07
CA LEU A 447 23.06 -27.60 1.33
C LEU A 447 21.72 -28.31 1.13
N CYS A 448 21.10 -28.10 -0.03
CA CYS A 448 19.82 -28.74 -0.33
C CYS A 448 19.87 -30.25 -0.40
N ILE A 449 20.94 -30.79 -0.95
CA ILE A 449 21.07 -32.23 -1.07
C ILE A 449 21.19 -32.98 0.27
N VAL A 450 21.88 -32.41 1.26
CA VAL A 450 22.02 -33.09 2.54
C VAL A 450 20.83 -32.88 3.47
N GLY A 451 20.15 -31.76 3.35
CA GLY A 451 19.01 -31.49 4.20
C GLY A 451 17.70 -31.95 3.59
N SER A 452 17.77 -32.72 2.51
CA SER A 452 16.58 -33.22 1.83
C SER A 452 16.71 -34.73 1.60
N HIS A 453 15.60 -35.45 1.76
CA HIS A 453 15.63 -36.88 1.56
C HIS A 453 15.48 -37.22 0.09
N ALA A 454 15.08 -36.22 -0.70
CA ALA A 454 14.88 -36.41 -2.14
C ALA A 454 15.30 -35.17 -2.92
N VAL A 455 15.95 -35.41 -4.05
CA VAL A 455 16.43 -34.37 -4.95
C VAL A 455 15.90 -34.76 -6.32
N ASN A 456 15.36 -33.82 -7.08
CA ASN A 456 14.86 -34.17 -8.40
C ASN A 456 15.16 -33.20 -9.51
N GLY A 457 15.21 -33.74 -10.72
CA GLY A 457 15.41 -32.95 -11.91
C GLY A 457 14.01 -32.84 -12.48
N VAL A 458 13.86 -32.13 -13.59
CA VAL A 458 12.56 -31.94 -14.19
C VAL A 458 12.43 -32.54 -15.57
N ALA A 459 13.32 -33.47 -15.88
CA ALA A 459 13.31 -34.17 -17.17
C ALA A 459 14.35 -35.29 -17.10
N LYS A 460 14.03 -36.44 -17.69
CA LYS A 460 14.95 -37.59 -17.67
C LYS A 460 16.41 -37.23 -17.94
N ILE A 461 16.67 -36.65 -19.11
CA ILE A 461 18.02 -36.29 -19.48
C ILE A 461 18.64 -35.35 -18.44
N HIS A 462 17.87 -34.39 -17.96
CA HIS A 462 18.35 -33.44 -16.96
C HIS A 462 18.67 -34.08 -15.61
N SER A 463 17.75 -34.90 -15.11
CA SER A 463 17.93 -35.57 -13.84
C SER A 463 19.11 -36.53 -13.91
N ASP A 464 19.32 -37.11 -15.08
CA ASP A 464 20.43 -38.04 -15.30
C ASP A 464 21.75 -37.27 -15.15
N ILE A 465 21.79 -36.05 -15.72
CA ILE A 465 22.99 -35.22 -15.64
C ILE A 465 23.19 -34.70 -14.21
N VAL A 466 22.08 -34.39 -13.54
CA VAL A 466 22.14 -33.89 -12.18
C VAL A 466 22.66 -35.00 -11.29
N LYS A 467 22.10 -36.18 -11.48
CA LYS A 467 22.47 -37.36 -10.71
C LYS A 467 23.89 -37.87 -10.94
N THR A 468 24.19 -38.24 -12.19
CA THR A 468 25.49 -38.81 -12.55
C THR A 468 26.65 -37.87 -12.87
N LYS A 469 26.37 -36.62 -13.21
CA LYS A 469 27.45 -35.70 -13.56
C LYS A 469 27.70 -34.56 -12.56
N VAL A 470 26.75 -33.65 -12.45
CA VAL A 470 26.87 -32.52 -11.56
C VAL A 470 27.10 -32.91 -10.10
N PHE A 471 26.28 -33.83 -9.60
CA PHE A 471 26.40 -34.26 -8.21
C PHE A 471 26.70 -35.75 -8.07
N LYS A 472 27.62 -36.26 -8.88
CA LYS A 472 28.00 -37.68 -8.84
C LYS A 472 28.50 -38.08 -7.46
N ASP A 473 29.29 -37.22 -6.82
CA ASP A 473 29.82 -37.52 -5.50
C ASP A 473 28.70 -37.72 -4.47
N PHE A 474 27.56 -37.06 -4.66
CA PHE A 474 26.45 -37.20 -3.74
C PHE A 474 25.57 -38.40 -4.07
N SER A 475 25.33 -38.60 -5.37
CA SER A 475 24.53 -39.72 -5.82
C SER A 475 25.21 -41.06 -5.49
N GLU A 476 26.54 -41.07 -5.53
CA GLU A 476 27.31 -42.29 -5.21
C GLU A 476 26.96 -42.74 -3.79
N LEU A 477 26.96 -41.77 -2.87
CA LEU A 477 26.68 -42.05 -1.47
C LEU A 477 25.20 -42.33 -1.19
N GLU A 478 24.33 -41.56 -1.83
CA GLU A 478 22.89 -41.72 -1.65
C GLU A 478 22.19 -41.90 -2.98
N PRO A 479 22.42 -43.04 -3.65
CA PRO A 479 21.79 -43.29 -4.95
C PRO A 479 20.27 -43.11 -4.98
N ASP A 480 19.60 -43.68 -3.98
CA ASP A 480 18.13 -43.61 -3.90
C ASP A 480 17.60 -42.18 -3.79
N LYS A 481 18.36 -41.30 -3.17
CA LYS A 481 17.97 -39.91 -2.99
C LYS A 481 17.55 -39.20 -4.28
N PHE A 482 18.40 -39.23 -5.30
CA PHE A 482 18.11 -38.57 -6.58
C PHE A 482 17.04 -39.20 -7.45
N GLN A 483 16.04 -38.41 -7.84
CA GLN A 483 14.93 -38.88 -8.69
C GLN A 483 14.67 -38.00 -9.90
N ASN A 484 13.65 -38.35 -10.66
CA ASN A 484 13.26 -37.55 -11.81
C ASN A 484 11.76 -37.39 -11.80
N LYS A 485 11.30 -36.20 -12.17
CA LYS A 485 9.88 -35.90 -12.26
C LYS A 485 9.77 -34.97 -13.44
N THR A 486 9.47 -35.53 -14.60
CA THR A 486 9.34 -34.73 -15.81
C THR A 486 8.28 -33.67 -15.59
N ASN A 487 8.60 -32.44 -15.96
CA ASN A 487 7.68 -31.32 -15.78
C ASN A 487 6.35 -31.52 -16.50
N GLY A 488 5.43 -30.60 -16.25
CA GLY A 488 4.12 -30.65 -16.88
C GLY A 488 3.46 -29.29 -16.90
N ILE A 489 2.31 -29.21 -17.54
CA ILE A 489 1.55 -27.96 -17.62
C ILE A 489 0.09 -28.32 -17.35
N THR A 490 -0.68 -27.40 -16.78
CA THR A 490 -2.07 -27.71 -16.52
C THR A 490 -2.94 -27.58 -17.77
N PRO A 491 -3.69 -28.65 -18.10
CA PRO A 491 -4.55 -28.60 -19.28
C PRO A 491 -5.77 -27.69 -19.08
N ARG A 492 -5.97 -27.19 -17.87
CA ARG A 492 -7.11 -26.29 -17.64
C ARG A 492 -6.75 -24.95 -18.25
N ARG A 493 -5.69 -24.34 -17.73
CA ARG A 493 -5.23 -23.06 -18.22
C ARG A 493 -4.65 -23.16 -19.64
N TRP A 494 -3.94 -24.25 -19.92
CA TRP A 494 -3.32 -24.37 -21.22
C TRP A 494 -4.05 -25.16 -22.29
N LEU A 495 -5.37 -25.26 -22.17
CA LEU A 495 -6.20 -25.93 -23.17
C LEU A 495 -7.64 -25.39 -23.08
N LEU A 496 -8.36 -25.78 -22.03
CA LEU A 496 -9.75 -25.33 -21.83
C LEU A 496 -9.86 -23.80 -21.80
N LEU A 497 -8.93 -23.17 -21.09
CA LEU A 497 -8.93 -21.70 -20.97
C LEU A 497 -8.47 -20.98 -22.24
N CYS A 498 -7.23 -21.20 -22.63
CA CYS A 498 -6.64 -20.55 -23.79
C CYS A 498 -7.10 -21.00 -25.16
N ASN A 499 -7.69 -22.19 -25.25
CA ASN A 499 -8.14 -22.71 -26.54
C ASN A 499 -9.49 -23.41 -26.47
N PRO A 500 -10.56 -22.68 -26.11
CA PRO A 500 -11.90 -23.27 -26.02
C PRO A 500 -12.27 -24.04 -27.28
N GLY A 501 -11.87 -23.49 -28.43
CA GLY A 501 -12.17 -24.13 -29.70
C GLY A 501 -11.57 -25.52 -29.80
N LEU A 502 -10.28 -25.64 -29.55
CA LEU A 502 -9.63 -26.94 -29.63
C LEU A 502 -10.22 -27.88 -28.58
N ALA A 503 -10.39 -27.39 -27.36
CA ALA A 503 -10.95 -28.23 -26.29
C ALA A 503 -12.32 -28.77 -26.67
N GLU A 504 -13.18 -27.87 -27.15
CA GLU A 504 -14.52 -28.26 -27.57
C GLU A 504 -14.42 -29.36 -28.63
N LEU A 505 -13.53 -29.16 -29.60
CA LEU A 505 -13.34 -30.13 -30.67
C LEU A 505 -13.03 -31.51 -30.08
N ILE A 506 -12.04 -31.55 -29.20
CA ILE A 506 -11.64 -32.80 -28.54
C ILE A 506 -12.77 -33.46 -27.77
N ALA A 507 -13.40 -32.72 -26.86
CA ALA A 507 -14.50 -33.28 -26.06
C ALA A 507 -15.63 -33.80 -26.92
N GLU A 508 -15.87 -33.16 -28.05
CA GLU A 508 -16.92 -33.56 -28.96
C GLU A 508 -16.58 -34.84 -29.74
N LYS A 509 -15.42 -35.41 -29.47
CA LYS A 509 -15.04 -36.63 -30.17
C LYS A 509 -14.64 -37.77 -29.23
N ILE A 510 -14.12 -37.44 -28.05
CA ILE A 510 -13.70 -38.46 -27.08
C ILE A 510 -14.19 -38.25 -25.64
N GLY A 511 -14.97 -37.19 -25.41
CA GLY A 511 -15.47 -36.94 -24.08
C GLY A 511 -14.73 -35.86 -23.30
N GLU A 512 -15.16 -35.64 -22.06
CA GLU A 512 -14.59 -34.64 -21.17
C GLU A 512 -13.45 -35.22 -20.34
N ASP A 513 -13.51 -36.52 -20.10
CA ASP A 513 -12.51 -37.24 -19.33
C ASP A 513 -11.08 -36.77 -19.49
N TYR A 514 -10.69 -36.41 -20.71
CA TYR A 514 -9.31 -35.98 -20.97
C TYR A 514 -8.84 -34.82 -20.09
N VAL A 515 -9.77 -34.08 -19.51
CA VAL A 515 -9.41 -32.96 -18.67
C VAL A 515 -8.71 -33.41 -17.38
N LYS A 516 -9.32 -34.36 -16.67
CA LYS A 516 -8.74 -34.89 -15.43
C LYS A 516 -7.87 -36.12 -15.67
N ASP A 517 -7.60 -36.43 -16.94
CA ASP A 517 -6.79 -37.58 -17.31
C ASP A 517 -6.36 -37.35 -18.75
N LEU A 518 -5.43 -36.41 -18.94
CA LEU A 518 -4.96 -36.04 -20.26
C LEU A 518 -4.48 -37.25 -21.04
N SER A 519 -4.11 -38.29 -20.33
CA SER A 519 -3.66 -39.52 -20.94
C SER A 519 -4.70 -40.02 -21.94
N GLN A 520 -5.97 -39.74 -21.66
CA GLN A 520 -7.06 -40.18 -22.51
C GLN A 520 -7.06 -39.52 -23.89
N LEU A 521 -6.08 -38.66 -24.15
CA LEU A 521 -5.98 -38.00 -25.45
C LEU A 521 -5.57 -38.98 -26.55
N THR A 522 -4.99 -40.12 -26.18
CA THR A 522 -4.57 -41.11 -27.17
C THR A 522 -5.75 -41.64 -27.99
N LYS A 523 -6.97 -41.48 -27.47
CA LYS A 523 -8.15 -41.92 -28.19
C LYS A 523 -8.22 -41.20 -29.52
N LEU A 524 -7.59 -40.03 -29.59
CA LEU A 524 -7.58 -39.23 -30.79
C LEU A 524 -6.88 -39.90 -31.97
N HIS A 525 -6.31 -41.08 -31.75
CA HIS A 525 -5.64 -41.82 -32.81
C HIS A 525 -6.63 -42.46 -33.77
N SER A 526 -7.85 -42.66 -33.31
CA SER A 526 -8.88 -43.29 -34.12
C SER A 526 -9.23 -42.44 -35.33
N PHE A 527 -8.88 -41.16 -35.29
CA PHE A 527 -9.23 -40.27 -36.40
C PHE A 527 -8.10 -39.91 -37.35
N LEU A 528 -6.94 -40.55 -37.22
CA LEU A 528 -5.83 -40.25 -38.11
C LEU A 528 -6.20 -40.27 -39.61
N GLY A 529 -7.23 -41.04 -39.96
CA GLY A 529 -7.64 -41.12 -41.34
C GLY A 529 -8.79 -40.18 -41.69
N ASP A 530 -9.60 -39.83 -40.69
CA ASP A 530 -10.76 -38.95 -40.90
C ASP A 530 -10.37 -37.54 -41.41
N ASP A 531 -10.66 -37.31 -42.68
CA ASP A 531 -10.35 -36.04 -43.32
C ASP A 531 -11.21 -34.91 -42.78
N VAL A 532 -12.42 -35.26 -42.34
CA VAL A 532 -13.33 -34.26 -41.80
C VAL A 532 -12.79 -33.75 -40.46
N PHE A 533 -12.20 -34.66 -39.68
CA PHE A 533 -11.62 -34.29 -38.40
C PHE A 533 -10.38 -33.42 -38.62
N LEU A 534 -9.63 -33.68 -39.69
CA LEU A 534 -8.45 -32.90 -39.98
C LEU A 534 -8.83 -31.48 -40.46
N ARG A 535 -9.93 -31.33 -41.20
CA ARG A 535 -10.35 -30.01 -41.63
C ARG A 535 -10.79 -29.23 -40.38
N GLU A 536 -11.49 -29.91 -39.47
CA GLU A 536 -11.97 -29.31 -38.22
C GLU A 536 -10.80 -28.93 -37.32
N LEU A 537 -9.74 -29.71 -37.35
CA LEU A 537 -8.56 -29.43 -36.54
C LEU A 537 -7.91 -28.16 -37.09
N ALA A 538 -7.79 -28.12 -38.42
CA ALA A 538 -7.20 -26.99 -39.09
C ALA A 538 -8.05 -25.73 -38.91
N LYS A 539 -9.37 -25.89 -38.92
CA LYS A 539 -10.27 -24.75 -38.76
C LYS A 539 -10.06 -24.09 -37.41
N VAL A 540 -9.98 -24.90 -36.36
CA VAL A 540 -9.76 -24.40 -35.01
C VAL A 540 -8.47 -23.56 -35.00
N LYS A 541 -7.38 -24.14 -35.50
CA LYS A 541 -6.10 -23.44 -35.55
C LYS A 541 -6.25 -22.15 -36.34
N GLN A 542 -7.01 -22.19 -37.43
CA GLN A 542 -7.25 -21.03 -38.27
C GLN A 542 -7.96 -19.92 -37.52
N GLU A 543 -9.06 -20.25 -36.83
CA GLU A 543 -9.80 -19.24 -36.07
C GLU A 543 -8.92 -18.59 -35.01
N ASN A 544 -7.95 -19.36 -34.48
CA ASN A 544 -7.02 -18.86 -33.47
C ASN A 544 -6.06 -17.86 -34.11
N LYS A 545 -5.57 -18.22 -35.30
CA LYS A 545 -4.63 -17.38 -36.03
C LYS A 545 -5.24 -16.06 -36.48
N LEU A 546 -6.49 -16.11 -36.92
CA LEU A 546 -7.18 -14.90 -37.37
C LEU A 546 -7.51 -14.02 -36.15
N LYS A 547 -7.93 -14.64 -35.06
CA LYS A 547 -8.26 -13.88 -33.86
C LYS A 547 -7.01 -13.25 -33.26
N PHE A 548 -5.86 -13.89 -33.47
CA PHE A 548 -4.59 -13.39 -32.95
C PHE A 548 -3.88 -12.43 -33.92
N SER A 549 -4.20 -12.55 -35.21
CA SER A 549 -3.60 -11.67 -36.21
C SER A 549 -4.11 -10.27 -35.95
N GLN A 550 -5.40 -10.17 -35.63
CA GLN A 550 -6.00 -8.89 -35.35
C GLN A 550 -5.32 -8.23 -34.16
N PHE A 551 -4.83 -9.05 -33.23
CA PHE A 551 -4.13 -8.54 -32.06
C PHE A 551 -2.83 -7.93 -32.55
N LEU A 552 -2.19 -8.60 -33.51
CA LEU A 552 -0.92 -8.16 -34.07
C LEU A 552 -1.02 -6.96 -35.00
N GLU A 553 -2.22 -6.67 -35.49
CA GLU A 553 -2.40 -5.54 -36.38
C GLU A 553 -2.83 -4.27 -35.65
N THR A 554 -3.44 -4.42 -34.47
CA THR A 554 -3.87 -3.26 -33.70
C THR A 554 -2.74 -2.83 -32.78
N GLU A 555 -1.64 -3.56 -32.83
CA GLU A 555 -0.50 -3.27 -31.99
C GLU A 555 0.73 -2.92 -32.80
N TYR A 556 0.98 -3.70 -33.84
CA TYR A 556 2.14 -3.49 -34.68
C TYR A 556 1.80 -2.91 -36.05
N LYS A 557 2.78 -2.27 -36.67
CA LYS A 557 2.61 -1.66 -37.97
C LYS A 557 2.26 -2.68 -39.05
N VAL A 558 3.17 -3.62 -39.26
CA VAL A 558 3.03 -4.66 -40.28
C VAL A 558 1.64 -5.23 -40.54
N LYS A 559 1.49 -5.82 -41.73
CA LYS A 559 0.25 -6.46 -42.17
C LYS A 559 0.52 -7.96 -42.22
N ILE A 560 -0.31 -8.73 -41.53
CA ILE A 560 -0.14 -10.19 -41.47
C ILE A 560 -0.75 -10.99 -42.62
N ASN A 561 0.00 -11.98 -43.07
CA ASN A 561 -0.44 -12.87 -44.14
C ASN A 561 -1.20 -13.97 -43.40
N PRO A 562 -2.52 -13.99 -43.49
CA PRO A 562 -3.30 -15.02 -42.79
C PRO A 562 -3.04 -16.46 -43.25
N SER A 563 -2.48 -16.62 -44.44
CA SER A 563 -2.22 -17.97 -44.95
C SER A 563 -0.79 -18.39 -44.65
N SER A 564 -0.02 -17.48 -44.07
CA SER A 564 1.37 -17.79 -43.76
C SER A 564 1.45 -18.79 -42.62
N MET A 565 2.63 -19.36 -42.45
CA MET A 565 2.89 -20.33 -41.39
C MET A 565 3.34 -19.52 -40.19
N PHE A 566 2.76 -19.75 -39.01
CA PHE A 566 3.16 -19.02 -37.81
C PHE A 566 4.30 -19.68 -37.04
N ASP A 567 5.52 -19.22 -37.32
CA ASP A 567 6.75 -19.72 -36.71
C ASP A 567 7.06 -18.87 -35.46
N VAL A 568 6.88 -19.43 -34.26
CA VAL A 568 7.16 -18.62 -33.08
C VAL A 568 8.07 -19.18 -32.01
N GLN A 569 8.81 -18.27 -31.38
CA GLN A 569 9.71 -18.61 -30.29
C GLN A 569 9.43 -17.59 -29.19
N VAL A 570 8.83 -18.05 -28.10
CA VAL A 570 8.50 -17.17 -26.99
C VAL A 570 8.97 -17.79 -25.69
N LYS A 571 9.83 -17.06 -25.00
CA LYS A 571 10.42 -17.50 -23.73
C LYS A 571 11.45 -16.41 -23.38
N ARG A 572 11.99 -16.47 -22.16
CA ARG A 572 12.99 -15.46 -21.75
C ARG A 572 14.15 -15.46 -22.75
N ILE A 573 14.81 -14.31 -22.88
CA ILE A 573 15.93 -14.14 -23.80
C ILE A 573 17.27 -14.56 -23.18
N HIS A 574 17.85 -15.63 -23.73
CA HIS A 574 19.12 -16.17 -23.28
C HIS A 574 19.96 -16.58 -24.48
N GLU A 575 21.27 -16.62 -24.31
CA GLU A 575 22.12 -17.03 -25.40
C GLU A 575 21.97 -18.54 -25.54
N TYR A 576 21.61 -19.21 -24.44
CA TYR A 576 21.44 -20.66 -24.44
C TYR A 576 20.15 -21.11 -25.14
N LYS A 577 19.09 -20.30 -25.00
CA LYS A 577 17.82 -20.63 -25.64
C LYS A 577 17.97 -20.38 -27.14
N ARG A 578 18.99 -19.58 -27.45
CA ARG A 578 19.39 -19.23 -28.81
C ARG A 578 18.35 -18.63 -29.75
N GLN A 579 17.79 -17.49 -29.38
CA GLN A 579 16.84 -16.79 -30.26
C GLN A 579 17.68 -16.32 -31.45
N LEU A 580 18.99 -16.26 -31.22
CA LEU A 580 19.97 -15.84 -32.22
C LEU A 580 19.97 -16.77 -33.42
N LEU A 581 20.05 -18.08 -33.13
CA LEU A 581 20.04 -19.08 -34.18
C LEU A 581 18.82 -18.88 -35.06
N ASN A 582 17.68 -18.59 -34.43
CA ASN A 582 16.44 -18.36 -35.15
C ASN A 582 16.60 -17.10 -35.98
N CYS A 583 17.28 -16.12 -35.40
CA CYS A 583 17.49 -14.85 -36.07
C CYS A 583 18.38 -15.01 -37.28
N LEU A 584 19.33 -15.92 -37.19
CA LEU A 584 20.23 -16.16 -38.32
C LEU A 584 19.41 -16.85 -39.42
N HIS A 585 18.32 -17.50 -39.04
CA HIS A 585 17.44 -18.20 -39.98
C HIS A 585 16.55 -17.23 -40.76
N VAL A 586 15.98 -16.27 -40.05
CA VAL A 586 15.11 -15.29 -40.69
C VAL A 586 15.91 -14.52 -41.75
N ILE A 587 17.12 -14.13 -41.40
CA ILE A 587 17.97 -13.39 -42.33
C ILE A 587 18.31 -14.30 -43.51
N THR A 588 18.50 -15.58 -43.24
CA THR A 588 18.81 -16.53 -44.29
C THR A 588 17.63 -16.64 -45.24
N MET A 589 16.42 -16.61 -44.69
CA MET A 589 15.23 -16.69 -45.52
C MET A 589 15.11 -15.40 -46.33
N TYR A 590 15.35 -14.28 -45.68
CA TYR A 590 15.28 -12.98 -46.34
C TYR A 590 16.20 -12.98 -47.56
N ASN A 591 17.49 -13.21 -47.34
CA ASN A 591 18.46 -13.22 -48.42
C ASN A 591 18.01 -14.10 -49.59
N ARG A 592 17.51 -15.29 -49.29
CA ARG A 592 17.07 -16.19 -50.35
C ARG A 592 15.97 -15.59 -51.21
N ILE A 593 15.03 -14.90 -50.59
CA ILE A 593 13.93 -14.29 -51.33
C ILE A 593 14.43 -13.19 -52.26
N LYS A 594 15.34 -12.35 -51.78
CA LYS A 594 15.87 -11.26 -52.60
C LYS A 594 16.72 -11.84 -53.74
N LYS A 595 17.50 -12.86 -53.43
CA LYS A 595 18.36 -13.50 -54.41
C LYS A 595 17.55 -14.09 -55.56
N ASP A 596 16.49 -14.83 -55.20
CA ASP A 596 15.63 -15.47 -56.20
C ASP A 596 14.19 -15.06 -55.88
N PRO A 597 13.85 -13.80 -56.15
CA PRO A 597 12.51 -13.26 -55.91
C PRO A 597 11.33 -13.85 -56.70
N LYS A 598 11.45 -15.09 -57.18
CA LYS A 598 10.35 -15.72 -57.93
C LYS A 598 10.18 -17.19 -57.55
N LYS A 599 11.12 -17.69 -56.77
CA LYS A 599 11.10 -19.07 -56.33
C LYS A 599 9.95 -19.28 -55.35
N LEU A 600 9.31 -20.44 -55.41
CA LEU A 600 8.19 -20.77 -54.52
C LEU A 600 8.62 -20.79 -53.05
N PHE A 601 8.27 -19.72 -52.34
CA PHE A 601 8.61 -19.56 -50.92
C PHE A 601 7.37 -19.73 -50.05
N VAL A 602 7.43 -20.66 -49.11
CA VAL A 602 6.32 -20.89 -48.20
C VAL A 602 6.27 -19.73 -47.21
N PRO A 603 5.29 -18.82 -47.37
CA PRO A 603 5.17 -17.65 -46.49
C PRO A 603 5.19 -17.97 -45.00
N ARG A 604 5.74 -17.06 -44.23
CA ARG A 604 5.84 -17.22 -42.79
C ARG A 604 5.69 -15.91 -42.02
N THR A 605 5.08 -16.02 -40.83
CA THR A 605 4.94 -14.90 -39.92
C THR A 605 5.82 -15.36 -38.74
N VAL A 606 7.09 -15.01 -38.79
CA VAL A 606 7.99 -15.37 -37.70
C VAL A 606 7.76 -14.46 -36.50
N ILE A 607 7.37 -15.06 -35.39
CA ILE A 607 7.10 -14.32 -34.18
C ILE A 607 8.10 -14.71 -33.09
N ILE A 608 8.89 -13.75 -32.63
CA ILE A 608 9.86 -14.01 -31.58
C ILE A 608 9.55 -13.10 -30.40
N GLY A 609 9.56 -13.65 -29.19
CA GLY A 609 9.24 -12.82 -28.05
C GLY A 609 9.78 -13.30 -26.73
N GLY A 610 9.98 -12.36 -25.82
CA GLY A 610 10.48 -12.70 -24.51
C GLY A 610 11.19 -11.50 -23.93
N LYS A 611 11.29 -11.48 -22.62
CA LYS A 611 11.94 -10.37 -21.94
C LYS A 611 13.42 -10.65 -21.69
N ALA A 612 14.19 -9.58 -21.57
CA ALA A 612 15.62 -9.68 -21.31
C ALA A 612 15.85 -9.13 -19.91
N ALA A 613 16.72 -9.77 -19.13
CA ALA A 613 17.03 -9.29 -17.79
C ALA A 613 17.76 -7.98 -17.96
N PRO A 614 17.26 -6.90 -17.33
CA PRO A 614 17.86 -5.57 -17.42
C PRO A 614 19.39 -5.54 -17.52
N GLY A 615 20.08 -6.32 -16.70
CA GLY A 615 21.53 -6.31 -16.73
C GLY A 615 22.20 -7.25 -17.73
N TYR A 616 21.40 -7.91 -18.57
CA TYR A 616 21.92 -8.86 -19.57
C TYR A 616 22.15 -8.08 -20.87
N HIS A 617 23.41 -7.79 -21.17
CA HIS A 617 23.77 -7.04 -22.36
C HIS A 617 23.57 -7.76 -23.69
N MET A 618 24.04 -9.00 -23.77
CA MET A 618 23.90 -9.76 -25.02
C MET A 618 22.45 -10.00 -25.39
N ALA A 619 21.61 -10.25 -24.39
CA ALA A 619 20.19 -10.49 -24.58
C ALA A 619 19.53 -9.24 -25.19
N LYS A 620 19.90 -8.07 -24.69
CA LYS A 620 19.36 -6.82 -25.21
C LYS A 620 19.88 -6.54 -26.62
N MET A 621 21.16 -6.86 -26.87
CA MET A 621 21.71 -6.64 -28.20
C MET A 621 20.91 -7.54 -29.15
N ILE A 622 20.64 -8.76 -28.70
CA ILE A 622 19.87 -9.73 -29.50
C ILE A 622 18.46 -9.22 -29.79
N ILE A 623 17.83 -8.56 -28.83
CA ILE A 623 16.49 -8.04 -29.05
C ILE A 623 16.59 -6.95 -30.11
N LYS A 624 17.62 -6.12 -30.01
CA LYS A 624 17.78 -5.04 -30.98
C LYS A 624 17.99 -5.61 -32.38
N LEU A 625 18.80 -6.66 -32.46
CA LEU A 625 19.08 -7.32 -33.74
C LEU A 625 17.75 -7.73 -34.35
N ILE A 626 17.03 -8.60 -33.63
CA ILE A 626 15.76 -9.08 -34.11
C ILE A 626 14.83 -7.99 -34.62
N THR A 627 14.76 -6.86 -33.94
CA THR A 627 13.89 -5.78 -34.38
C THR A 627 14.45 -4.98 -35.57
N SER A 628 15.76 -5.10 -35.80
CA SER A 628 16.41 -4.40 -36.92
C SER A 628 16.11 -5.17 -38.19
N VAL A 629 16.19 -6.49 -38.08
CA VAL A 629 15.91 -7.37 -39.20
C VAL A 629 14.46 -7.21 -39.61
N ALA A 630 13.56 -7.35 -38.64
CA ALA A 630 12.13 -7.21 -38.88
C ALA A 630 11.88 -5.95 -39.70
N ASP A 631 12.38 -4.82 -39.21
CA ASP A 631 12.21 -3.55 -39.92
C ASP A 631 12.72 -3.63 -41.36
N VAL A 632 13.74 -4.44 -41.60
CA VAL A 632 14.29 -4.59 -42.93
C VAL A 632 13.49 -5.56 -43.78
N VAL A 633 12.85 -6.53 -43.12
CA VAL A 633 12.07 -7.52 -43.86
C VAL A 633 10.64 -7.06 -44.15
N ASN A 634 10.01 -6.40 -43.19
CA ASN A 634 8.63 -5.95 -43.36
C ASN A 634 8.44 -4.77 -44.31
N ASN A 635 9.48 -3.97 -44.48
CA ASN A 635 9.38 -2.80 -45.34
C ASN A 635 10.00 -2.98 -46.71
N ASP A 636 10.44 -4.19 -47.02
CA ASP A 636 11.02 -4.48 -48.32
C ASP A 636 9.87 -4.88 -49.23
N PRO A 637 9.54 -4.05 -50.22
CA PRO A 637 8.43 -4.38 -51.12
C PRO A 637 8.65 -5.67 -51.92
N MET A 638 9.91 -6.00 -52.17
CA MET A 638 10.23 -7.22 -52.92
C MET A 638 9.86 -8.48 -52.16
N VAL A 639 9.71 -8.36 -50.84
CA VAL A 639 9.37 -9.49 -49.97
C VAL A 639 7.87 -9.54 -49.68
N GLY A 640 7.26 -8.37 -49.53
CA GLY A 640 5.84 -8.28 -49.27
C GLY A 640 5.26 -9.27 -48.28
N SER A 641 4.18 -9.94 -48.68
CA SER A 641 3.50 -10.91 -47.82
C SER A 641 4.23 -12.24 -47.64
N LYS A 642 5.43 -12.34 -48.18
CA LYS A 642 6.20 -13.58 -48.05
C LYS A 642 6.78 -13.80 -46.65
N LEU A 643 7.38 -12.76 -46.08
CA LEU A 643 7.98 -12.90 -44.76
C LEU A 643 7.79 -11.69 -43.88
N LYS A 644 7.18 -11.92 -42.72
CA LYS A 644 6.98 -10.88 -41.73
C LYS A 644 7.65 -11.30 -40.42
N VAL A 645 8.27 -10.34 -39.75
CA VAL A 645 8.94 -10.61 -38.47
C VAL A 645 8.31 -9.68 -37.44
N ILE A 646 8.06 -10.21 -36.25
CA ILE A 646 7.46 -9.43 -35.20
C ILE A 646 8.10 -9.76 -33.87
N PHE A 647 8.57 -8.75 -33.16
CA PHE A 647 9.11 -9.01 -31.84
C PHE A 647 7.88 -8.82 -30.95
N LEU A 648 7.33 -9.92 -30.41
CA LEU A 648 6.14 -9.85 -29.56
C LEU A 648 6.52 -9.22 -28.24
N GLU A 649 6.03 -8.01 -28.01
CA GLU A 649 6.34 -7.23 -26.81
C GLU A 649 5.73 -7.64 -25.48
N ASN A 650 6.51 -7.49 -24.41
CA ASN A 650 6.02 -7.78 -23.08
C ASN A 650 5.42 -9.19 -23.01
N TYR A 651 6.17 -10.17 -23.47
CA TYR A 651 5.69 -11.54 -23.42
C TYR A 651 5.41 -11.89 -21.97
N ARG A 652 4.24 -12.47 -21.70
CA ARG A 652 3.83 -12.84 -20.34
C ARG A 652 2.77 -13.94 -20.41
N VAL A 653 2.31 -14.39 -19.23
CA VAL A 653 1.32 -15.47 -19.17
C VAL A 653 0.01 -15.25 -19.94
N SER A 654 -0.69 -14.14 -19.67
CA SER A 654 -1.95 -13.94 -20.38
C SER A 654 -1.73 -13.82 -21.88
N LEU A 655 -0.56 -13.31 -22.27
CA LEU A 655 -0.22 -13.18 -23.69
C LEU A 655 0.19 -14.53 -24.30
N ALA A 656 0.78 -15.40 -23.48
CA ALA A 656 1.19 -16.71 -23.95
C ALA A 656 -0.07 -17.49 -24.29
N GLU A 657 -1.16 -17.14 -23.62
CA GLU A 657 -2.46 -17.79 -23.82
C GLU A 657 -3.09 -17.40 -25.15
N LYS A 658 -2.62 -16.32 -25.76
CA LYS A 658 -3.15 -15.86 -27.05
C LYS A 658 -2.34 -16.36 -28.23
N VAL A 659 -1.02 -16.15 -28.16
CA VAL A 659 -0.14 -16.56 -29.24
C VAL A 659 0.04 -18.07 -29.39
N ILE A 660 0.19 -18.80 -28.29
CA ILE A 660 0.38 -20.24 -28.38
C ILE A 660 -0.70 -20.99 -29.18
N PRO A 661 -1.98 -20.85 -28.81
CA PRO A 661 -3.04 -21.56 -29.55
C PRO A 661 -3.08 -21.16 -31.02
N ALA A 662 -2.35 -20.08 -31.35
CA ALA A 662 -2.30 -19.57 -32.70
C ALA A 662 -1.03 -19.94 -33.48
N THR A 663 -0.19 -20.82 -32.96
CA THR A 663 1.01 -21.12 -33.73
C THR A 663 1.04 -22.48 -34.47
N ASP A 664 1.77 -22.51 -35.57
CA ASP A 664 1.90 -23.70 -36.38
C ASP A 664 3.22 -24.39 -36.06
N LEU A 665 4.28 -23.60 -35.97
CA LEU A 665 5.60 -24.14 -35.69
C LEU A 665 6.17 -23.55 -34.42
N SER A 666 6.59 -24.41 -33.51
CA SER A 666 7.17 -23.98 -32.24
C SER A 666 8.69 -24.10 -32.24
N GLU A 667 9.39 -23.00 -31.93
CA GLU A 667 10.85 -23.01 -31.87
C GLU A 667 11.33 -23.41 -30.48
N GLN A 668 12.04 -24.53 -30.38
CA GLN A 668 12.58 -25.01 -29.11
C GLN A 668 14.02 -25.43 -29.46
N ILE A 669 14.82 -24.46 -29.89
CA ILE A 669 16.17 -24.73 -30.37
C ILE A 669 17.38 -24.50 -29.49
N SER A 670 17.25 -24.69 -28.19
CA SER A 670 18.38 -24.50 -27.28
C SER A 670 19.50 -25.51 -27.56
N THR A 671 20.72 -25.18 -27.15
CA THR A 671 21.86 -26.07 -27.35
C THR A 671 21.62 -27.33 -26.52
N ALA A 672 21.95 -28.49 -27.05
CA ALA A 672 21.74 -29.74 -26.32
C ALA A 672 22.40 -29.75 -24.94
N GLY A 673 21.58 -29.86 -23.91
CA GLY A 673 22.09 -29.92 -22.55
C GLY A 673 21.89 -28.65 -21.74
N THR A 674 21.35 -27.62 -22.38
CA THR A 674 21.15 -26.35 -21.69
C THR A 674 19.77 -26.19 -21.05
N GLU A 675 18.73 -26.66 -21.72
CA GLU A 675 17.37 -26.60 -21.18
C GLU A 675 17.10 -27.79 -20.25
N ALA A 676 16.95 -27.53 -18.96
CA ALA A 676 16.68 -28.62 -18.04
C ALA A 676 15.41 -29.36 -18.48
N SER A 677 14.45 -28.62 -19.02
CA SER A 677 13.22 -29.25 -19.48
C SER A 677 12.40 -28.39 -20.44
N GLY A 678 11.93 -27.25 -19.94
CA GLY A 678 11.12 -26.39 -20.76
C GLY A 678 9.67 -26.82 -20.56
N THR A 679 8.74 -25.88 -20.62
CA THR A 679 7.33 -26.19 -20.46
C THR A 679 6.58 -25.56 -21.63
N GLY A 680 7.17 -24.52 -22.21
CA GLY A 680 6.57 -23.86 -23.34
C GLY A 680 6.49 -24.85 -24.47
N ASN A 681 7.49 -25.72 -24.58
CA ASN A 681 7.47 -26.73 -25.65
C ASN A 681 6.26 -27.63 -25.46
N MET A 682 5.88 -27.87 -24.21
CA MET A 682 4.73 -28.71 -23.91
C MET A 682 3.44 -27.98 -24.25
N LYS A 683 3.41 -26.67 -24.02
CA LYS A 683 2.22 -25.87 -24.29
C LYS A 683 1.84 -25.88 -25.75
N PHE A 684 2.82 -25.69 -26.64
CA PHE A 684 2.56 -25.69 -28.08
C PHE A 684 2.08 -27.06 -28.56
N MET A 685 2.71 -28.12 -28.05
CA MET A 685 2.33 -29.47 -28.43
C MET A 685 0.85 -29.77 -28.16
N LEU A 686 0.34 -29.37 -26.99
CA LEU A 686 -1.05 -29.64 -26.64
C LEU A 686 -2.00 -28.77 -27.45
N ASN A 687 -1.47 -27.64 -27.94
CA ASN A 687 -2.30 -26.71 -28.70
C ASN A 687 -2.30 -26.81 -30.23
N GLY A 688 -1.63 -27.81 -30.79
CA GLY A 688 -1.65 -27.94 -32.23
C GLY A 688 -0.52 -27.36 -33.05
N ALA A 689 0.67 -27.28 -32.46
CA ALA A 689 1.81 -26.77 -33.20
C ALA A 689 2.81 -27.89 -33.34
N LEU A 690 3.60 -27.86 -34.41
CA LEU A 690 4.62 -28.86 -34.60
C LEU A 690 5.85 -28.27 -33.94
N THR A 691 6.81 -29.12 -33.61
CA THR A 691 8.01 -28.67 -32.94
C THR A 691 9.32 -28.84 -33.72
N ILE A 692 10.10 -27.77 -33.76
CA ILE A 692 11.41 -27.84 -34.38
C ILE A 692 12.32 -27.60 -33.19
N GLY A 693 13.27 -28.48 -32.99
CA GLY A 693 14.15 -28.32 -31.85
C GLY A 693 15.19 -29.40 -31.72
N THR A 694 16.08 -29.22 -30.75
CA THR A 694 17.15 -30.15 -30.50
C THR A 694 16.69 -31.21 -29.54
N MET A 695 17.52 -32.21 -29.33
CA MET A 695 17.20 -33.27 -28.40
C MET A 695 17.61 -32.76 -27.02
N ASP A 696 16.95 -31.71 -26.56
CA ASP A 696 17.27 -31.14 -25.26
C ASP A 696 16.06 -31.11 -24.34
N GLY A 697 16.32 -31.11 -23.05
CA GLY A 697 15.25 -31.07 -22.06
C GLY A 697 14.12 -32.04 -22.32
N ALA A 698 12.89 -31.55 -22.20
CA ALA A 698 11.69 -32.35 -22.41
C ALA A 698 11.43 -32.66 -23.88
N ASN A 699 12.15 -31.98 -24.77
CA ASN A 699 11.98 -32.20 -26.21
C ASN A 699 12.15 -33.68 -26.49
N VAL A 700 13.14 -34.27 -25.83
CA VAL A 700 13.43 -35.70 -25.99
C VAL A 700 12.21 -36.53 -25.68
N GLU A 701 11.66 -36.34 -24.49
CA GLU A 701 10.49 -37.10 -24.07
C GLU A 701 9.29 -36.85 -24.97
N MET A 702 9.25 -35.67 -25.59
CA MET A 702 8.15 -35.35 -26.50
C MET A 702 8.34 -36.23 -27.74
N ALA A 703 9.58 -36.33 -28.21
CA ALA A 703 9.88 -37.17 -29.37
C ALA A 703 9.52 -38.61 -29.02
N GLU A 704 9.82 -39.01 -27.79
CA GLU A 704 9.51 -40.37 -27.35
C GLU A 704 8.03 -40.69 -27.48
N GLU A 705 7.19 -39.80 -26.95
CA GLU A 705 5.74 -39.99 -26.97
C GLU A 705 5.04 -39.94 -28.32
N ALA A 706 5.40 -38.95 -29.12
CA ALA A 706 4.77 -38.79 -30.43
C ALA A 706 5.48 -39.56 -31.54
N GLY A 707 6.75 -39.86 -31.32
CA GLY A 707 7.53 -40.55 -32.33
C GLY A 707 8.46 -39.49 -32.89
N GLU A 708 9.76 -39.76 -32.85
CA GLU A 708 10.76 -38.79 -33.30
C GLU A 708 10.44 -38.23 -34.68
N GLU A 709 9.98 -39.12 -35.55
CA GLU A 709 9.66 -38.73 -36.91
C GLU A 709 8.56 -37.69 -36.95
N ASN A 710 7.80 -37.60 -35.86
CA ASN A 710 6.69 -36.66 -35.79
C ASN A 710 7.06 -35.30 -35.24
N LEU A 711 8.35 -35.09 -35.06
CA LEU A 711 8.86 -33.79 -34.59
C LEU A 711 10.05 -33.46 -35.47
N PHE A 712 10.31 -32.17 -35.66
CA PHE A 712 11.44 -31.77 -36.48
C PHE A 712 12.70 -31.60 -35.64
N ILE A 713 13.27 -32.72 -35.18
CA ILE A 713 14.48 -32.72 -34.40
C ILE A 713 15.67 -32.48 -35.33
N PHE A 714 16.70 -31.80 -34.83
CA PHE A 714 17.86 -31.48 -35.65
C PHE A 714 19.07 -31.17 -34.75
N GLY A 715 20.20 -30.90 -35.39
CA GLY A 715 21.41 -30.53 -34.67
C GLY A 715 22.06 -31.54 -33.75
N MET A 716 23.13 -31.09 -33.11
CA MET A 716 23.91 -31.90 -32.20
C MET A 716 23.11 -32.36 -31.00
N ARG A 717 23.56 -33.46 -30.41
CA ARG A 717 22.92 -34.03 -29.24
C ARG A 717 23.97 -33.97 -28.15
N ILE A 718 23.62 -34.38 -26.93
CA ILE A 718 24.54 -34.35 -25.80
C ILE A 718 25.99 -34.60 -26.22
N ASP A 719 26.31 -35.87 -26.48
CA ASP A 719 27.65 -36.30 -26.87
C ASP A 719 28.30 -35.42 -27.94
N ASP A 720 27.52 -35.06 -28.96
CA ASP A 720 28.04 -34.23 -30.04
C ASP A 720 28.56 -32.90 -29.52
N VAL A 721 27.90 -32.37 -28.50
CA VAL A 721 28.33 -31.10 -27.94
C VAL A 721 29.59 -31.34 -27.12
N ALA A 722 29.65 -32.50 -26.48
CA ALA A 722 30.80 -32.89 -25.67
C ALA A 722 32.03 -33.06 -26.55
N ALA A 723 31.85 -33.82 -27.64
CA ALA A 723 32.93 -34.10 -28.57
C ALA A 723 33.46 -32.84 -29.24
N LEU A 724 32.63 -31.80 -29.28
CA LEU A 724 33.02 -30.54 -29.91
C LEU A 724 33.73 -29.64 -28.91
N ASP A 725 33.49 -29.87 -27.63
CA ASP A 725 34.13 -29.07 -26.59
C ASP A 725 35.49 -29.68 -26.26
N LYS A 726 35.65 -30.95 -26.61
CA LYS A 726 36.89 -31.66 -26.39
C LYS A 726 37.85 -31.15 -27.46
N LYS A 727 37.42 -31.26 -28.71
CA LYS A 727 38.21 -30.83 -29.87
C LYS A 727 38.46 -29.32 -29.82
N GLY A 728 37.52 -28.59 -29.22
CA GLY A 728 37.63 -27.13 -29.14
C GLY A 728 36.79 -26.48 -30.23
N TYR A 729 35.91 -25.56 -29.84
CA TYR A 729 35.03 -24.88 -30.80
C TYR A 729 35.73 -23.75 -31.56
N GLU A 730 35.64 -23.79 -32.88
CA GLU A 730 36.23 -22.78 -33.75
C GLU A 730 35.13 -22.36 -34.71
N ALA A 731 34.46 -21.26 -34.39
CA ALA A 731 33.33 -20.75 -35.17
C ALA A 731 33.59 -20.27 -36.59
N LYS A 732 34.77 -19.70 -36.85
CA LYS A 732 35.06 -19.18 -38.19
C LYS A 732 35.04 -20.23 -39.29
N GLU A 733 35.29 -21.48 -38.93
CA GLU A 733 35.30 -22.56 -39.93
C GLU A 733 33.92 -22.83 -40.52
N TYR A 734 32.86 -22.63 -39.73
CA TYR A 734 31.51 -22.83 -40.24
C TYR A 734 31.17 -21.58 -41.06
N TYR A 735 31.75 -20.46 -40.65
CA TYR A 735 31.55 -19.19 -41.33
C TYR A 735 32.16 -19.30 -42.73
N GLU A 736 33.29 -19.99 -42.83
CA GLU A 736 33.97 -20.16 -44.10
C GLU A 736 33.40 -21.31 -44.93
N ALA A 737 32.91 -22.34 -44.25
CA ALA A 737 32.36 -23.52 -44.94
C ALA A 737 30.89 -23.44 -45.27
N LEU A 738 30.25 -22.34 -44.94
CA LEU A 738 28.82 -22.20 -45.18
C LEU A 738 28.45 -20.89 -45.85
N PRO A 739 28.26 -20.92 -47.18
CA PRO A 739 27.92 -19.74 -47.96
C PRO A 739 26.78 -18.90 -47.37
N GLU A 740 25.54 -19.40 -47.45
CA GLU A 740 24.39 -18.68 -46.91
C GLU A 740 24.61 -18.08 -45.51
N LEU A 741 25.55 -18.64 -44.76
CA LEU A 741 25.85 -18.16 -43.42
C LEU A 741 26.72 -16.90 -43.48
N LYS A 742 27.75 -16.95 -44.32
CA LYS A 742 28.68 -15.83 -44.47
C LYS A 742 27.97 -14.52 -44.80
N LEU A 743 26.98 -14.58 -45.68
CA LEU A 743 26.24 -13.38 -46.07
C LEU A 743 25.50 -12.81 -44.87
N VAL A 744 24.78 -13.67 -44.15
CA VAL A 744 24.05 -13.25 -42.96
C VAL A 744 25.00 -12.54 -42.01
N ILE A 745 26.08 -13.22 -41.66
CA ILE A 745 27.06 -12.64 -40.75
C ILE A 745 27.70 -11.37 -41.32
N ASP A 746 28.04 -11.36 -42.60
CA ASP A 746 28.64 -10.16 -43.16
C ASP A 746 27.63 -9.01 -43.08
N GLN A 747 26.39 -9.30 -43.47
CA GLN A 747 25.32 -8.29 -43.44
C GLN A 747 25.14 -7.64 -42.07
N ILE A 748 25.15 -8.46 -41.03
CA ILE A 748 24.98 -7.96 -39.68
C ILE A 748 26.16 -7.10 -39.25
N ASP A 749 27.37 -7.58 -39.54
CA ASP A 749 28.60 -6.89 -39.16
C ASP A 749 28.95 -5.64 -39.99
N ASN A 750 28.52 -5.60 -41.24
CA ASN A 750 28.83 -4.44 -42.10
C ASN A 750 27.84 -3.29 -41.98
N GLY A 751 26.66 -3.58 -41.44
CA GLY A 751 25.67 -2.53 -41.26
C GLY A 751 24.38 -2.65 -42.07
N PHE A 752 24.19 -3.77 -42.75
CA PHE A 752 22.99 -3.95 -43.56
C PHE A 752 21.71 -3.80 -42.73
N PHE A 753 21.80 -4.18 -41.45
CA PHE A 753 20.64 -4.08 -40.56
C PHE A 753 20.76 -2.94 -39.57
N SER A 754 21.68 -2.01 -39.84
CA SER A 754 21.90 -0.84 -38.99
C SER A 754 22.81 0.18 -39.68
N PRO A 755 22.32 0.77 -40.79
CA PRO A 755 23.14 1.75 -41.50
C PRO A 755 23.64 2.91 -40.64
N LYS A 756 22.75 3.52 -39.86
CA LYS A 756 23.14 4.63 -39.01
C LYS A 756 24.21 4.24 -37.99
N GLN A 757 24.29 2.94 -37.70
CA GLN A 757 25.29 2.43 -36.76
C GLN A 757 25.88 1.15 -37.33
N PRO A 758 26.78 1.29 -38.32
CA PRO A 758 27.46 0.20 -39.03
C PRO A 758 28.06 -0.90 -38.15
N ASP A 759 28.59 -0.54 -36.98
CA ASP A 759 29.20 -1.53 -36.10
C ASP A 759 28.42 -1.76 -34.81
N LEU A 760 27.12 -1.53 -34.89
CA LEU A 760 26.21 -1.68 -33.76
C LEU A 760 26.18 -3.08 -33.16
N PHE A 761 26.32 -4.10 -33.99
CA PHE A 761 26.27 -5.48 -33.51
C PHE A 761 27.63 -6.15 -33.40
N LYS A 762 28.67 -5.32 -33.33
CA LYS A 762 30.03 -5.84 -33.21
C LYS A 762 30.14 -6.83 -32.04
N ASP A 763 29.51 -6.48 -30.93
CA ASP A 763 29.53 -7.32 -29.74
C ASP A 763 28.99 -8.73 -29.98
N ILE A 764 27.90 -8.82 -30.76
CA ILE A 764 27.28 -10.11 -31.08
C ILE A 764 28.24 -10.93 -31.95
N ILE A 765 28.81 -10.28 -32.95
CA ILE A 765 29.75 -10.93 -33.85
C ILE A 765 30.96 -11.46 -33.07
N ASN A 766 31.50 -10.64 -32.17
CA ASN A 766 32.65 -11.06 -31.39
C ASN A 766 32.34 -12.25 -30.49
N MET A 767 31.17 -12.25 -29.87
CA MET A 767 30.78 -13.36 -29.01
C MET A 767 30.59 -14.59 -29.88
N LEU A 768 29.92 -14.39 -31.01
CA LEU A 768 29.62 -15.46 -31.95
C LEU A 768 30.87 -16.10 -32.57
N PHE A 769 31.96 -15.32 -32.66
CA PHE A 769 33.20 -15.81 -33.24
C PHE A 769 34.28 -16.30 -32.28
N TYR A 770 34.35 -15.74 -31.08
CA TYR A 770 35.39 -16.16 -30.14
C TYR A 770 34.96 -16.43 -28.71
N HIS A 771 33.66 -16.43 -28.44
CA HIS A 771 33.20 -16.66 -27.06
C HIS A 771 31.80 -17.29 -26.98
N ASP A 772 31.40 -17.98 -28.04
CA ASP A 772 30.07 -18.60 -28.06
C ASP A 772 30.08 -20.02 -27.51
N ARG A 773 29.65 -20.15 -26.26
CA ARG A 773 29.61 -21.46 -25.62
C ARG A 773 28.31 -22.20 -25.86
N PHE A 774 27.53 -21.76 -26.85
CA PHE A 774 26.26 -22.42 -27.15
C PHE A 774 26.18 -22.91 -28.59
N LYS A 775 27.34 -22.98 -29.23
CA LYS A 775 27.48 -23.47 -30.60
C LYS A 775 26.43 -23.00 -31.59
N VAL A 776 26.23 -21.69 -31.70
CA VAL A 776 25.24 -21.18 -32.64
C VAL A 776 25.52 -21.61 -34.08
N PHE A 777 26.71 -21.29 -34.58
CA PHE A 777 27.12 -21.65 -35.93
C PHE A 777 27.15 -23.16 -36.15
N ALA A 778 27.45 -23.92 -35.11
CA ALA A 778 27.53 -25.38 -35.23
C ALA A 778 26.19 -26.07 -35.52
N ASP A 779 25.08 -25.42 -35.22
CA ASP A 779 23.76 -26.01 -35.48
C ASP A 779 23.06 -25.33 -36.66
N TYR A 780 23.64 -24.24 -37.13
CA TYR A 780 23.08 -23.47 -38.24
C TYR A 780 22.68 -24.31 -39.46
N GLU A 781 23.64 -25.05 -40.02
CA GLU A 781 23.36 -25.87 -41.19
C GLU A 781 22.28 -26.92 -40.94
N ALA A 782 22.38 -27.62 -39.82
CA ALA A 782 21.38 -28.64 -39.51
C ALA A 782 20.03 -27.94 -39.27
N TYR A 783 20.08 -26.71 -38.75
CA TYR A 783 18.85 -25.98 -38.48
C TYR A 783 18.13 -25.57 -39.77
N VAL A 784 18.83 -24.82 -40.62
CA VAL A 784 18.23 -24.35 -41.86
C VAL A 784 17.73 -25.51 -42.71
N LYS A 785 18.45 -26.62 -42.69
CA LYS A 785 18.07 -27.80 -43.46
C LYS A 785 16.77 -28.35 -42.89
N CYS A 786 16.66 -28.34 -41.56
CA CYS A 786 15.46 -28.81 -40.88
C CYS A 786 14.28 -27.89 -41.24
N GLN A 787 14.51 -26.59 -41.12
CA GLN A 787 13.50 -25.60 -41.43
C GLN A 787 12.94 -25.77 -42.83
N ASP A 788 13.78 -26.18 -43.77
CA ASP A 788 13.34 -26.39 -45.15
C ASP A 788 12.32 -27.50 -45.18
N LYS A 789 12.62 -28.58 -44.46
CA LYS A 789 11.72 -29.73 -44.39
C LYS A 789 10.38 -29.22 -43.86
N VAL A 790 10.43 -28.36 -42.85
CA VAL A 790 9.20 -27.84 -42.26
C VAL A 790 8.34 -27.15 -43.31
N SER A 791 8.93 -26.23 -44.06
CA SER A 791 8.16 -25.54 -45.08
C SER A 791 7.60 -26.53 -46.08
N GLN A 792 8.37 -27.55 -46.41
CA GLN A 792 7.91 -28.54 -47.36
C GLN A 792 6.61 -29.14 -46.87
N LEU A 793 6.63 -29.69 -45.67
CA LEU A 793 5.45 -30.31 -45.08
C LEU A 793 4.27 -29.35 -44.97
N TYR A 794 4.55 -28.08 -44.70
CA TYR A 794 3.48 -27.11 -44.56
C TYR A 794 2.61 -26.98 -45.81
N MET A 795 3.20 -27.20 -46.98
CA MET A 795 2.47 -27.12 -48.25
C MET A 795 1.50 -28.29 -48.42
N ASN A 796 1.61 -29.27 -47.52
CA ASN A 796 0.77 -30.46 -47.56
C ASN A 796 -0.09 -30.50 -46.30
N PRO A 797 -1.14 -29.67 -46.23
CA PRO A 797 -2.02 -29.63 -45.06
C PRO A 797 -2.50 -30.99 -44.53
N LYS A 798 -2.81 -31.91 -45.44
CA LYS A 798 -3.27 -33.24 -45.03
C LYS A 798 -2.24 -33.92 -44.14
N ALA A 799 -0.98 -33.87 -44.54
CA ALA A 799 0.09 -34.50 -43.77
C ALA A 799 0.53 -33.66 -42.57
N TRP A 800 0.45 -32.33 -42.71
CA TRP A 800 0.83 -31.46 -41.61
C TRP A 800 -0.10 -31.69 -40.43
N ASN A 801 -1.40 -31.61 -40.71
CA ASN A 801 -2.41 -31.82 -39.70
C ASN A 801 -2.44 -33.24 -39.15
N THR A 802 -1.88 -34.17 -39.92
CA THR A 802 -1.85 -35.55 -39.49
C THR A 802 -0.77 -35.64 -38.42
N MET A 803 0.31 -34.92 -38.61
CA MET A 803 1.39 -34.90 -37.64
C MET A 803 0.94 -34.17 -36.37
N VAL A 804 0.13 -33.12 -36.54
CA VAL A 804 -0.38 -32.36 -35.40
C VAL A 804 -1.25 -33.24 -34.49
N LEU A 805 -2.14 -34.03 -35.10
CA LEU A 805 -2.99 -34.95 -34.34
C LEU A 805 -2.14 -35.90 -33.53
N LYS A 806 -1.13 -36.50 -34.18
CA LYS A 806 -0.23 -37.43 -33.50
C LYS A 806 0.46 -36.76 -32.33
N ASN A 807 0.82 -35.49 -32.50
CA ASN A 807 1.46 -34.73 -31.45
C ASN A 807 0.46 -34.48 -30.32
N ILE A 808 -0.68 -33.88 -30.64
CA ILE A 808 -1.70 -33.61 -29.63
C ILE A 808 -2.07 -34.90 -28.89
N ALA A 809 -2.30 -35.98 -29.64
CA ALA A 809 -2.67 -37.27 -29.06
C ALA A 809 -1.58 -37.85 -28.14
N ALA A 810 -0.38 -37.32 -28.24
CA ALA A 810 0.71 -37.82 -27.42
C ALA A 810 1.07 -36.82 -26.31
N SER A 811 0.34 -35.71 -26.24
CA SER A 811 0.59 -34.68 -25.23
C SER A 811 0.31 -35.15 -23.79
N GLY A 812 -0.60 -36.11 -23.65
CA GLY A 812 -0.98 -36.63 -22.35
C GLY A 812 0.02 -36.68 -21.21
N LYS A 813 1.20 -37.24 -21.48
CA LYS A 813 2.23 -37.35 -20.46
C LYS A 813 2.60 -36.03 -19.82
N PHE A 814 2.62 -34.98 -20.63
CA PHE A 814 3.01 -33.66 -20.21
C PHE A 814 1.99 -32.83 -19.43
N SER A 815 1.04 -33.51 -18.78
CA SER A 815 0.03 -32.84 -17.96
C SER A 815 0.60 -32.75 -16.54
N SER A 816 0.47 -31.58 -15.91
CA SER A 816 0.99 -31.40 -14.56
C SER A 816 0.32 -32.30 -13.52
N ASP A 817 -0.82 -32.87 -13.86
CA ASP A 817 -1.49 -33.77 -12.93
C ASP A 817 -0.66 -35.03 -12.80
N ARG A 818 -0.11 -35.49 -13.92
CA ARG A 818 0.71 -36.69 -13.94
C ARG A 818 1.98 -36.43 -13.13
N THR A 819 2.53 -35.23 -13.31
CA THR A 819 3.74 -34.81 -12.63
C THR A 819 3.57 -34.79 -11.11
N ILE A 820 2.47 -34.20 -10.65
CA ILE A 820 2.16 -34.11 -9.23
C ILE A 820 1.91 -35.48 -8.61
N LYS A 821 1.32 -36.40 -9.38
CA LYS A 821 1.07 -37.75 -8.90
C LYS A 821 2.39 -38.43 -8.52
N GLU A 822 3.39 -38.29 -9.39
CA GLU A 822 4.71 -38.86 -9.17
C GLU A 822 5.40 -38.17 -8.01
N TYR A 823 5.16 -36.86 -7.86
CA TYR A 823 5.75 -36.12 -6.73
C TYR A 823 5.12 -36.66 -5.45
N ALA A 824 3.80 -36.68 -5.42
CA ALA A 824 3.04 -37.15 -4.26
C ALA A 824 3.36 -38.58 -3.84
N GLN A 825 3.60 -39.44 -4.82
CA GLN A 825 3.86 -40.84 -4.55
C GLN A 825 5.32 -41.20 -4.26
N ASN A 826 6.28 -40.54 -4.90
CA ASN A 826 7.68 -40.88 -4.70
C ASN A 826 8.53 -39.92 -3.88
N ILE A 827 7.94 -38.79 -3.48
CA ILE A 827 8.65 -37.81 -2.69
C ILE A 827 7.88 -37.32 -1.47
N TRP A 828 6.62 -36.92 -1.67
CA TRP A 828 5.80 -36.39 -0.58
C TRP A 828 5.06 -37.43 0.25
N ASN A 829 4.83 -38.61 -0.33
CA ASN A 829 4.13 -39.68 0.38
C ASN A 829 2.75 -39.19 0.80
N VAL A 830 2.01 -38.65 -0.17
CA VAL A 830 0.67 -38.15 0.06
C VAL A 830 -0.22 -38.74 -1.05
N GLU A 831 -1.51 -38.92 -0.78
CA GLU A 831 -2.41 -39.53 -1.75
C GLU A 831 -3.35 -38.55 -2.44
N PRO A 832 -3.33 -38.52 -3.78
CA PRO A 832 -4.21 -37.60 -4.50
C PRO A 832 -5.69 -37.77 -4.14
N SER A 833 -6.19 -36.77 -3.43
CA SER A 833 -7.57 -36.73 -2.96
C SER A 833 -7.62 -37.37 -1.59
N GLU B 25 -37.41 -0.52 11.10
CA GLU B 25 -37.14 -1.98 10.98
C GLU B 25 -35.97 -2.29 10.05
N ASN B 26 -35.13 -3.24 10.46
CA ASN B 26 -33.94 -3.61 9.70
C ASN B 26 -33.05 -4.51 10.58
N VAL B 27 -33.48 -4.79 11.80
CA VAL B 27 -32.68 -5.62 12.69
C VAL B 27 -32.36 -6.97 12.07
N ALA B 28 -33.38 -7.64 11.55
CA ALA B 28 -33.20 -8.96 10.96
C ALA B 28 -32.42 -8.88 9.64
N GLU B 29 -32.61 -7.79 8.91
CA GLU B 29 -31.91 -7.63 7.65
C GLU B 29 -30.45 -7.27 7.91
N LEU B 30 -30.22 -6.47 8.96
CA LEU B 30 -28.87 -6.06 9.34
C LEU B 30 -28.08 -7.28 9.82
N LYS B 31 -28.76 -8.21 10.48
CA LYS B 31 -28.12 -9.43 10.96
C LYS B 31 -27.77 -10.30 9.75
N LYS B 32 -28.70 -10.45 8.83
CA LYS B 32 -28.42 -11.27 7.64
C LYS B 32 -27.31 -10.60 6.85
N SER B 33 -27.36 -9.28 6.75
CA SER B 33 -26.35 -8.53 6.02
C SER B 33 -24.97 -8.73 6.69
N PHE B 34 -24.95 -8.69 8.02
CA PHE B 34 -23.71 -8.88 8.75
C PHE B 34 -23.11 -10.24 8.43
N ASN B 35 -23.92 -11.29 8.48
CA ASN B 35 -23.44 -12.63 8.18
C ASN B 35 -22.98 -12.74 6.73
N ARG B 36 -23.69 -12.07 5.84
CA ARG B 36 -23.36 -12.06 4.41
C ARG B 36 -21.93 -11.57 4.22
N HIS B 37 -21.58 -10.51 4.96
CA HIS B 37 -20.24 -9.91 4.91
C HIS B 37 -19.14 -10.70 5.62
N LEU B 38 -19.46 -11.23 6.79
CA LEU B 38 -18.45 -12.00 7.51
C LEU B 38 -18.02 -13.14 6.59
N HIS B 39 -18.98 -13.72 5.90
CA HIS B 39 -18.74 -14.84 5.00
C HIS B 39 -18.07 -14.47 3.67
N PHE B 40 -18.79 -13.73 2.85
CA PHE B 40 -18.34 -13.30 1.53
C PHE B 40 -17.21 -12.27 1.54
N THR B 41 -17.24 -11.35 2.49
CA THR B 41 -16.23 -10.31 2.53
C THR B 41 -15.02 -10.59 3.43
N LEU B 42 -15.21 -11.32 4.51
CA LEU B 42 -14.11 -11.65 5.40
C LEU B 42 -13.69 -13.11 5.29
N VAL B 43 -14.50 -13.91 4.61
CA VAL B 43 -14.22 -15.33 4.43
C VAL B 43 -14.02 -15.97 5.79
N LYS B 44 -15.01 -15.80 6.67
CA LYS B 44 -14.95 -16.35 8.01
C LYS B 44 -16.30 -16.89 8.47
N ASP B 45 -16.31 -17.56 9.61
CA ASP B 45 -17.52 -18.08 10.22
C ASP B 45 -17.39 -17.76 11.71
N ARG B 46 -18.48 -17.88 12.46
CA ARG B 46 -18.47 -17.56 13.89
C ARG B 46 -17.44 -18.28 14.74
N ASN B 47 -16.71 -19.22 14.16
CA ASN B 47 -15.72 -19.95 14.95
C ASN B 47 -14.27 -19.51 14.76
N VAL B 48 -13.90 -19.10 13.55
CA VAL B 48 -12.53 -18.66 13.35
C VAL B 48 -12.47 -17.17 13.05
N ALA B 49 -13.54 -16.45 13.42
CA ALA B 49 -13.63 -15.02 13.19
C ALA B 49 -13.07 -14.22 14.34
N THR B 50 -12.20 -13.26 14.02
CA THR B 50 -11.59 -12.41 15.02
C THR B 50 -12.51 -11.23 15.36
N THR B 51 -12.19 -10.50 16.43
CA THR B 51 -12.97 -9.35 16.82
C THR B 51 -12.94 -8.37 15.66
N ARG B 52 -11.77 -8.26 15.05
CA ARG B 52 -11.58 -7.37 13.91
C ARG B 52 -12.53 -7.78 12.77
N ASP B 53 -12.67 -9.08 12.51
CA ASP B 53 -13.58 -9.51 11.44
C ASP B 53 -14.98 -8.95 11.69
N TYR B 54 -15.44 -9.08 12.93
CA TYR B 54 -16.75 -8.59 13.29
C TYR B 54 -16.83 -7.07 13.08
N TYR B 55 -15.77 -6.35 13.43
CA TYR B 55 -15.77 -4.91 13.20
C TYR B 55 -15.93 -4.62 11.71
N PHE B 56 -15.09 -5.25 10.89
CA PHE B 56 -15.12 -5.06 9.45
C PHE B 56 -16.48 -5.40 8.88
N ALA B 57 -17.04 -6.54 9.29
CA ALA B 57 -18.35 -6.97 8.79
C ALA B 57 -19.43 -5.96 9.13
N LEU B 58 -19.38 -5.39 10.34
CA LEU B 58 -20.36 -4.39 10.74
C LEU B 58 -20.17 -3.10 9.94
N ALA B 59 -18.92 -2.69 9.78
CA ALA B 59 -18.62 -1.47 9.03
C ALA B 59 -19.18 -1.57 7.61
N HIS B 60 -18.98 -2.73 6.99
CA HIS B 60 -19.44 -2.97 5.63
C HIS B 60 -20.96 -2.94 5.58
N THR B 61 -21.60 -3.54 6.59
CA THR B 61 -23.06 -3.59 6.67
C THR B 61 -23.61 -2.16 6.76
N VAL B 62 -23.02 -1.37 7.66
CA VAL B 62 -23.43 0.03 7.84
C VAL B 62 -23.07 0.87 6.61
N ARG B 63 -21.88 0.63 6.06
CA ARG B 63 -21.41 1.38 4.88
C ARG B 63 -22.34 1.25 3.68
N ASP B 64 -22.96 0.08 3.53
CA ASP B 64 -23.85 -0.17 2.41
C ASP B 64 -25.05 0.80 2.37
N HIS B 65 -25.51 1.24 3.52
CA HIS B 65 -26.65 2.16 3.57
C HIS B 65 -26.30 3.56 3.07
N LEU B 66 -25.01 3.79 2.82
CA LEU B 66 -24.53 5.09 2.36
C LEU B 66 -24.49 5.22 0.85
N VAL B 67 -24.23 4.11 0.15
CA VAL B 67 -24.09 4.16 -1.30
C VAL B 67 -25.24 4.83 -2.05
N GLY B 68 -26.47 4.42 -1.77
CA GLY B 68 -27.61 5.01 -2.46
C GLY B 68 -27.65 6.53 -2.40
N ARG B 69 -27.63 7.07 -1.18
CA ARG B 69 -27.69 8.51 -0.99
C ARG B 69 -26.42 9.22 -1.44
N TRP B 70 -25.30 8.51 -1.43
CA TRP B 70 -24.04 9.11 -1.86
C TRP B 70 -24.04 9.31 -3.36
N ILE B 71 -24.56 8.32 -4.09
CA ILE B 71 -24.62 8.40 -5.54
C ILE B 71 -25.60 9.49 -5.91
N ARG B 72 -26.73 9.48 -5.20
CA ARG B 72 -27.83 10.41 -5.40
C ARG B 72 -27.42 11.85 -5.12
N THR B 73 -26.89 12.10 -3.94
CA THR B 73 -26.45 13.43 -3.57
C THR B 73 -25.56 14.02 -4.65
N GLN B 74 -24.51 13.29 -5.04
CA GLN B 74 -23.60 13.79 -6.05
C GLN B 74 -24.31 13.98 -7.38
N GLN B 75 -25.22 13.07 -7.72
CA GLN B 75 -25.94 13.21 -8.98
C GLN B 75 -26.76 14.49 -8.96
N HIS B 76 -27.35 14.79 -7.80
CA HIS B 76 -28.18 15.98 -7.64
C HIS B 76 -27.36 17.24 -7.86
N TYR B 77 -26.10 17.23 -7.44
CA TYR B 77 -25.25 18.41 -7.61
C TYR B 77 -24.95 18.65 -9.08
N TYR B 78 -24.89 17.58 -9.86
CA TYR B 78 -24.61 17.68 -11.28
C TYR B 78 -25.81 18.28 -12.01
N ASP B 79 -27.00 17.84 -11.66
CA ASP B 79 -28.20 18.32 -12.32
C ASP B 79 -28.68 19.71 -11.92
N LYS B 80 -28.61 20.02 -10.62
CA LYS B 80 -29.08 21.32 -10.14
C LYS B 80 -27.98 22.37 -10.16
N CYS B 81 -26.74 21.93 -10.32
CA CYS B 81 -25.57 22.81 -10.33
C CYS B 81 -25.54 23.97 -9.33
N PRO B 82 -25.61 23.67 -8.03
CA PRO B 82 -25.58 24.73 -7.04
C PRO B 82 -24.11 25.11 -6.84
N LYS B 83 -23.83 26.32 -6.37
CA LYS B 83 -22.44 26.71 -6.16
C LYS B 83 -21.75 25.73 -5.20
N ARG B 84 -20.56 25.24 -5.59
CA ARG B 84 -19.84 24.29 -4.75
C ARG B 84 -18.79 24.90 -3.82
N VAL B 85 -18.64 24.28 -2.66
CA VAL B 85 -17.67 24.74 -1.66
C VAL B 85 -16.54 23.71 -1.59
N TYR B 86 -15.31 24.19 -1.68
CA TYR B 86 -14.18 23.28 -1.61
C TYR B 86 -13.31 23.65 -0.41
N TYR B 87 -13.37 22.82 0.63
CA TYR B 87 -12.56 23.10 1.81
C TYR B 87 -11.20 22.47 1.59
N LEU B 88 -10.26 23.29 1.12
CA LEU B 88 -8.88 22.82 0.87
C LEU B 88 -8.06 22.88 2.16
N SER B 89 -7.64 21.72 2.64
CA SER B 89 -6.91 21.65 3.90
C SER B 89 -5.85 20.56 3.94
N LEU B 90 -4.75 20.84 4.62
CA LEU B 90 -3.67 19.87 4.77
C LEU B 90 -4.03 18.87 5.88
N GLU B 91 -5.10 19.18 6.60
CA GLU B 91 -5.52 18.31 7.69
C GLU B 91 -7.01 18.01 7.79
N PHE B 92 -7.30 16.79 8.25
CA PHE B 92 -8.68 16.35 8.44
C PHE B 92 -8.65 15.37 9.62
N TYR B 93 -8.81 15.92 10.81
CA TYR B 93 -8.82 15.16 12.06
C TYR B 93 -10.19 14.50 12.19
N MET B 94 -10.39 13.42 11.44
CA MET B 94 -11.68 12.72 11.39
C MET B 94 -12.13 11.79 12.53
N GLY B 95 -11.18 11.07 13.15
CA GLY B 95 -11.56 10.17 14.21
C GLY B 95 -12.12 8.92 13.59
N ARG B 96 -12.96 8.18 14.33
CA ARG B 96 -13.58 6.95 13.84
C ARG B 96 -14.87 7.28 13.10
N THR B 97 -15.22 6.45 12.11
CA THR B 97 -16.39 6.70 11.28
C THR B 97 -17.63 5.86 11.58
N LEU B 98 -17.42 4.63 12.04
CA LEU B 98 -18.53 3.72 12.30
C LEU B 98 -19.69 4.34 13.06
N GLN B 99 -19.52 4.51 14.35
CA GLN B 99 -20.59 5.08 15.17
C GLN B 99 -21.10 6.39 14.60
N ASN B 100 -20.19 7.26 14.16
CA ASN B 100 -20.60 8.54 13.63
C ASN B 100 -21.54 8.34 12.45
N THR B 101 -21.28 7.33 11.64
CA THR B 101 -22.11 7.05 10.49
C THR B 101 -23.47 6.50 10.92
N MET B 102 -23.46 5.58 11.89
CA MET B 102 -24.72 5.00 12.38
C MET B 102 -25.67 6.06 12.91
N ILE B 103 -25.14 7.02 13.65
CA ILE B 103 -25.99 8.06 14.21
C ILE B 103 -26.59 8.99 13.16
N ASN B 104 -25.80 9.41 12.19
CA ASN B 104 -26.31 10.33 11.18
C ASN B 104 -27.26 9.68 10.19
N LEU B 105 -27.37 8.36 10.28
CA LEU B 105 -28.27 7.61 9.39
C LEU B 105 -29.44 7.02 10.17
N GLY B 106 -29.54 7.32 11.46
CA GLY B 106 -30.62 6.80 12.28
C GLY B 106 -30.58 5.27 12.30
N LEU B 107 -29.37 4.75 12.42
CA LEU B 107 -29.17 3.30 12.38
C LEU B 107 -28.49 2.71 13.61
N GLN B 108 -28.02 3.56 14.51
CA GLN B 108 -27.31 3.06 15.70
C GLN B 108 -28.10 2.10 16.61
N ASN B 109 -29.31 2.45 16.98
CA ASN B 109 -30.08 1.58 17.86
C ASN B 109 -30.41 0.26 17.18
N ALA B 110 -30.66 0.29 15.87
CA ALA B 110 -30.97 -0.93 15.13
C ALA B 110 -29.72 -1.82 15.00
N CYS B 111 -28.57 -1.20 14.76
CA CYS B 111 -27.35 -1.97 14.65
C CYS B 111 -26.97 -2.52 16.02
N ASP B 112 -27.10 -1.69 17.06
CA ASP B 112 -26.78 -2.13 18.41
C ASP B 112 -27.61 -3.38 18.74
N GLU B 113 -28.86 -3.38 18.29
CA GLU B 113 -29.76 -4.50 18.54
C GLU B 113 -29.30 -5.70 17.73
N ALA B 114 -28.85 -5.44 16.51
CA ALA B 114 -28.37 -6.50 15.62
C ALA B 114 -27.18 -7.21 16.22
N ILE B 115 -26.14 -6.44 16.56
CA ILE B 115 -24.92 -6.97 17.17
C ILE B 115 -25.17 -7.69 18.51
N TYR B 116 -26.12 -7.17 19.29
CA TYR B 116 -26.47 -7.76 20.58
C TYR B 116 -27.05 -9.18 20.40
N GLN B 117 -28.02 -9.28 19.49
CA GLN B 117 -28.68 -10.54 19.20
C GLN B 117 -27.75 -11.62 18.67
N LEU B 118 -26.70 -11.19 17.98
CA LEU B 118 -25.71 -12.11 17.41
C LEU B 118 -24.72 -12.51 18.51
N GLY B 119 -24.93 -11.98 19.72
CA GLY B 119 -24.05 -12.31 20.83
C GLY B 119 -22.76 -11.51 20.91
N LEU B 120 -22.68 -10.41 20.16
CA LEU B 120 -21.48 -9.58 20.16
C LEU B 120 -21.62 -8.28 20.96
N ASP B 121 -20.47 -7.75 21.37
CA ASP B 121 -20.39 -6.50 22.13
C ASP B 121 -20.15 -5.35 21.14
N ILE B 122 -21.19 -4.58 20.85
CA ILE B 122 -21.09 -3.49 19.89
C ILE B 122 -19.96 -2.52 20.25
N GLU B 123 -19.84 -2.22 21.54
CA GLU B 123 -18.80 -1.33 22.02
C GLU B 123 -17.42 -1.89 21.71
N GLU B 124 -17.25 -3.19 21.96
CA GLU B 124 -15.99 -3.88 21.72
C GLU B 124 -15.56 -3.78 20.26
N LEU B 125 -16.56 -3.79 19.36
CA LEU B 125 -16.30 -3.72 17.93
C LEU B 125 -15.88 -2.33 17.47
N GLU B 126 -16.53 -1.31 18.04
CA GLU B 126 -16.21 0.05 17.66
C GLU B 126 -14.77 0.42 18.00
N GLU B 127 -14.24 -0.18 19.06
CA GLU B 127 -12.88 0.09 19.52
C GLU B 127 -11.82 -0.45 18.60
N ILE B 128 -12.21 -1.29 17.65
CA ILE B 128 -11.27 -1.86 16.70
C ILE B 128 -10.86 -0.83 15.66
N GLU B 129 -11.78 0.06 15.32
CA GLU B 129 -11.51 1.07 14.32
C GLU B 129 -10.39 2.04 14.70
N GLU B 130 -9.48 2.24 13.74
CA GLU B 130 -8.36 3.14 13.94
C GLU B 130 -8.87 4.53 13.62
N ASP B 131 -8.43 5.51 14.41
CA ASP B 131 -8.82 6.89 14.16
C ASP B 131 -8.18 7.34 12.87
N ALA B 132 -8.86 8.20 12.12
CA ALA B 132 -8.24 8.74 10.93
C ALA B 132 -7.65 10.03 11.49
N GLY B 133 -6.47 9.91 12.11
CA GLY B 133 -5.82 11.08 12.69
C GLY B 133 -4.93 11.85 11.73
N LEU B 134 -5.52 12.29 10.63
CA LEU B 134 -4.80 13.06 9.63
C LEU B 134 -4.81 14.55 10.00
N GLY B 135 -4.60 14.84 11.29
CA GLY B 135 -4.59 16.22 11.74
C GLY B 135 -3.76 16.39 13.01
N ASN B 136 -3.48 17.64 13.38
CA ASN B 136 -2.68 17.92 14.58
C ASN B 136 -3.57 18.33 15.76
N GLY B 137 -4.60 19.12 15.50
CA GLY B 137 -5.51 19.56 16.55
C GLY B 137 -6.08 20.94 16.30
N GLY B 138 -7.38 21.11 16.55
CA GLY B 138 -8.02 22.40 16.36
C GLY B 138 -8.31 22.67 14.89
N LEU B 139 -7.25 23.04 14.18
CA LEU B 139 -7.28 23.33 12.76
C LEU B 139 -7.87 22.13 11.98
N GLY B 140 -7.21 20.98 12.11
CA GLY B 140 -7.68 19.79 11.41
C GLY B 140 -9.01 19.28 11.92
N ARG B 141 -9.35 19.62 13.15
CA ARG B 141 -10.61 19.18 13.73
C ARG B 141 -11.76 20.07 13.30
N LEU B 142 -11.44 21.31 12.93
CA LEU B 142 -12.44 22.27 12.48
C LEU B 142 -12.91 21.83 11.10
N ALA B 143 -11.99 21.26 10.33
CA ALA B 143 -12.30 20.78 8.99
C ALA B 143 -13.28 19.61 9.12
N ALA B 144 -12.98 18.67 10.01
CA ALA B 144 -13.85 17.53 10.23
C ALA B 144 -15.24 17.99 10.66
N CYS B 145 -15.30 18.84 11.67
CA CYS B 145 -16.59 19.35 12.16
C CYS B 145 -17.35 20.08 11.06
N PHE B 146 -16.62 20.80 10.21
CA PHE B 146 -17.23 21.54 9.11
C PHE B 146 -17.85 20.59 8.07
N LEU B 147 -17.14 19.52 7.74
CA LEU B 147 -17.64 18.55 6.78
C LEU B 147 -18.98 18.04 7.27
N ASP B 148 -19.03 17.60 8.53
CA ASP B 148 -20.27 17.09 9.10
C ASP B 148 -21.40 18.13 9.06
N SER B 149 -21.06 19.39 9.31
CA SER B 149 -22.04 20.46 9.30
C SER B 149 -22.53 20.82 7.91
N MET B 150 -21.62 20.87 6.95
CA MET B 150 -21.98 21.21 5.58
C MET B 150 -22.91 20.14 5.00
N ALA B 151 -22.65 18.90 5.35
CA ALA B 151 -23.48 17.80 4.86
C ALA B 151 -24.85 17.89 5.53
N THR B 152 -24.86 18.29 6.79
CA THR B 152 -26.11 18.43 7.51
C THR B 152 -26.95 19.58 6.98
N LEU B 153 -26.32 20.68 6.58
CA LEU B 153 -27.06 21.83 6.06
C LEU B 153 -27.38 21.64 4.57
N GLY B 154 -26.99 20.50 4.02
CA GLY B 154 -27.28 20.20 2.63
C GLY B 154 -26.47 20.92 1.56
N LEU B 155 -25.32 21.49 1.92
CA LEU B 155 -24.52 22.20 0.94
C LEU B 155 -23.72 21.27 0.01
N ALA B 156 -23.45 21.74 -1.20
CA ALA B 156 -22.68 20.98 -2.17
C ALA B 156 -21.20 21.21 -1.88
N ALA B 157 -20.74 20.70 -0.75
CA ALA B 157 -19.35 20.88 -0.32
C ALA B 157 -18.51 19.63 -0.48
N TYR B 158 -17.21 19.87 -0.74
CA TYR B 158 -16.23 18.82 -0.90
C TYR B 158 -15.01 19.20 -0.07
N GLY B 159 -14.39 18.21 0.56
CA GLY B 159 -13.19 18.46 1.33
C GLY B 159 -12.02 17.86 0.55
N TYR B 160 -10.96 18.62 0.37
CA TYR B 160 -9.78 18.11 -0.34
C TYR B 160 -8.56 18.11 0.57
N GLY B 161 -7.95 16.93 0.72
CA GLY B 161 -6.79 16.83 1.57
C GLY B 161 -5.81 15.80 1.06
N ILE B 162 -4.89 15.42 1.94
CA ILE B 162 -3.88 14.42 1.63
C ILE B 162 -4.13 13.16 2.45
N ARG B 163 -4.10 12.00 1.78
CA ARG B 163 -4.32 10.74 2.47
C ARG B 163 -2.98 10.26 3.00
N TYR B 164 -2.56 10.83 4.13
CA TYR B 164 -1.29 10.45 4.75
C TYR B 164 -1.32 8.96 5.12
N GLU B 165 -0.31 8.20 4.73
CA GLU B 165 -0.29 6.79 5.09
C GLU B 165 -0.13 6.70 6.60
N TYR B 166 0.42 7.77 7.18
CA TYR B 166 0.65 7.87 8.61
C TYR B 166 0.14 9.20 9.10
N GLY B 167 -0.83 9.20 10.01
CA GLY B 167 -1.35 10.45 10.53
C GLY B 167 -0.52 10.88 11.72
N ILE B 168 -1.09 11.71 12.59
CA ILE B 168 -0.36 12.16 13.77
C ILE B 168 0.06 10.90 14.55
N PHE B 169 1.32 10.86 14.98
CA PHE B 169 1.90 9.72 15.70
C PHE B 169 1.21 9.26 16.98
N ASN B 170 1.21 7.95 17.21
CA ASN B 170 0.64 7.41 18.44
C ASN B 170 1.67 7.80 19.50
N GLN B 171 1.20 8.28 20.64
CA GLN B 171 2.11 8.72 21.69
C GLN B 171 2.17 7.76 22.86
N LYS B 172 3.39 7.41 23.27
CA LYS B 172 3.60 6.52 24.40
C LYS B 172 4.44 7.27 25.42
N ILE B 173 4.32 6.89 26.68
CA ILE B 173 5.12 7.50 27.73
C ILE B 173 6.05 6.41 28.26
N ARG B 174 7.35 6.60 28.03
CA ARG B 174 8.35 5.65 28.47
C ARG B 174 9.33 6.36 29.41
N ASP B 175 9.51 5.81 30.60
CA ASP B 175 10.39 6.42 31.59
C ASP B 175 9.96 7.87 31.78
N GLY B 176 8.65 8.10 31.78
CA GLY B 176 8.13 9.44 31.96
C GLY B 176 8.09 10.35 30.74
N TRP B 177 8.90 10.04 29.72
CA TRP B 177 8.95 10.86 28.51
C TRP B 177 8.06 10.37 27.37
N GLN B 178 7.68 11.30 26.50
CA GLN B 178 6.87 10.97 25.32
C GLN B 178 7.75 10.26 24.32
N VAL B 179 7.21 9.20 23.74
CA VAL B 179 7.92 8.42 22.74
C VAL B 179 6.95 8.39 21.58
N GLU B 180 7.45 8.53 20.35
CA GLU B 180 6.60 8.51 19.17
C GLU B 180 6.65 7.16 18.46
N GLU B 181 5.49 6.69 18.04
CA GLU B 181 5.40 5.44 17.30
C GLU B 181 4.63 5.75 16.02
N ALA B 182 4.94 5.04 14.94
CA ALA B 182 4.25 5.29 13.68
C ALA B 182 2.77 4.96 13.80
N ASP B 183 1.93 5.82 13.25
CA ASP B 183 0.50 5.58 13.27
C ASP B 183 0.10 5.02 11.90
N ASP B 184 0.30 3.71 11.69
CA ASP B 184 -0.08 3.15 10.42
C ASP B 184 -1.54 2.72 10.49
N TRP B 185 -2.41 3.71 10.44
CA TRP B 185 -3.84 3.47 10.50
C TRP B 185 -4.36 2.62 9.32
N LEU B 186 -3.60 2.58 8.22
CA LEU B 186 -4.00 1.80 7.04
C LEU B 186 -3.48 0.37 6.99
N ARG B 187 -2.78 -0.07 8.04
CA ARG B 187 -2.24 -1.43 8.07
C ARG B 187 -3.27 -2.49 7.69
N TYR B 188 -4.39 -2.52 8.39
CA TYR B 188 -5.43 -3.50 8.10
C TYR B 188 -6.49 -3.00 7.11
N GLY B 189 -6.22 -1.87 6.46
CA GLY B 189 -7.16 -1.32 5.50
C GLY B 189 -8.21 -0.41 6.11
N ASN B 190 -8.78 0.47 5.29
CA ASN B 190 -9.80 1.39 5.74
C ASN B 190 -11.01 1.16 4.87
N PRO B 191 -12.10 0.64 5.45
CA PRO B 191 -13.32 0.37 4.69
C PRO B 191 -14.07 1.64 4.32
N TRP B 192 -13.76 2.74 5.00
CA TRP B 192 -14.46 3.98 4.73
C TRP B 192 -13.94 4.79 3.55
N GLU B 193 -13.04 4.22 2.76
CA GLU B 193 -12.49 4.93 1.62
C GLU B 193 -12.63 4.13 0.32
N LYS B 194 -12.82 4.85 -0.78
CA LYS B 194 -12.94 4.22 -2.09
C LYS B 194 -12.04 4.92 -3.10
N SER B 195 -11.00 4.21 -3.55
CA SER B 195 -10.10 4.76 -4.54
C SER B 195 -10.89 5.09 -5.80
N ARG B 196 -10.60 6.24 -6.39
CA ARG B 196 -11.25 6.66 -7.62
C ARG B 196 -10.12 6.68 -8.65
N PRO B 197 -9.77 5.50 -9.21
CA PRO B 197 -8.70 5.36 -10.21
C PRO B 197 -8.84 6.20 -11.45
N GLU B 198 -10.04 6.24 -12.02
CA GLU B 198 -10.27 7.01 -13.23
C GLU B 198 -9.93 8.50 -13.09
N PHE B 199 -9.77 8.97 -11.86
CA PHE B 199 -9.48 10.39 -11.65
C PHE B 199 -8.05 10.73 -11.24
N MET B 200 -7.13 9.80 -11.47
CA MET B 200 -5.74 10.04 -11.13
C MET B 200 -5.29 11.24 -11.94
N LEU B 201 -4.33 11.99 -11.41
CA LEU B 201 -3.82 13.18 -12.10
C LEU B 201 -2.32 13.34 -11.86
N PRO B 202 -1.63 14.01 -12.80
CA PRO B 202 -0.19 14.21 -12.63
C PRO B 202 0.10 15.54 -11.95
N VAL B 203 1.14 15.57 -11.13
CA VAL B 203 1.56 16.78 -10.42
C VAL B 203 3.01 16.99 -10.80
N HIS B 204 3.39 18.24 -11.05
CA HIS B 204 4.74 18.55 -11.48
C HIS B 204 5.62 19.17 -10.41
N PHE B 205 6.92 18.88 -10.50
CA PHE B 205 7.90 19.37 -9.53
C PHE B 205 9.24 19.69 -10.18
N TYR B 206 9.86 20.77 -9.72
CA TYR B 206 11.14 21.21 -10.27
C TYR B 206 11.04 21.69 -11.71
N GLY B 207 11.89 21.17 -12.59
CA GLY B 207 11.87 21.61 -13.98
C GLY B 207 12.35 23.04 -14.07
N LYS B 208 12.08 23.71 -15.20
CA LYS B 208 12.47 25.11 -15.38
C LYS B 208 11.43 25.83 -16.23
N VAL B 209 11.50 27.15 -16.27
CA VAL B 209 10.56 27.94 -17.05
C VAL B 209 11.15 28.33 -18.39
N GLU B 210 10.32 28.23 -19.43
CA GLU B 210 10.75 28.59 -20.77
C GLU B 210 9.66 29.42 -21.44
N HIS B 211 9.89 30.73 -21.49
CA HIS B 211 8.94 31.65 -22.09
C HIS B 211 9.06 31.58 -23.62
N THR B 212 7.93 31.44 -24.28
CA THR B 212 7.90 31.34 -25.73
C THR B 212 6.73 32.12 -26.32
N ASN B 213 6.67 32.16 -27.65
CA ASN B 213 5.61 32.87 -28.35
C ASN B 213 4.27 32.14 -28.31
N THR B 214 4.20 31.04 -27.58
CA THR B 214 2.95 30.28 -27.49
C THR B 214 2.36 30.45 -26.11
N GLY B 215 3.08 31.21 -25.28
CA GLY B 215 2.67 31.45 -23.90
C GLY B 215 3.84 31.04 -23.03
N THR B 216 3.56 30.65 -21.80
CA THR B 216 4.65 30.22 -20.91
C THR B 216 4.55 28.72 -20.67
N LYS B 217 5.69 28.06 -20.81
CA LYS B 217 5.76 26.61 -20.63
C LYS B 217 6.70 26.22 -19.48
N TRP B 218 6.23 25.33 -18.62
CA TRP B 218 7.00 24.84 -17.48
C TRP B 218 7.47 23.45 -17.88
N ILE B 219 8.75 23.33 -18.22
CA ILE B 219 9.30 22.05 -18.69
C ILE B 219 10.42 21.36 -17.92
N ASP B 220 10.72 20.12 -18.35
CA ASP B 220 11.76 19.29 -17.75
C ASP B 220 11.49 19.01 -16.28
N THR B 221 10.21 18.82 -15.95
CA THR B 221 9.82 18.58 -14.57
C THR B 221 9.70 17.11 -14.20
N GLN B 222 9.67 16.85 -12.91
CA GLN B 222 9.51 15.50 -12.41
C GLN B 222 8.01 15.37 -12.17
N VAL B 223 7.44 14.23 -12.53
CA VAL B 223 6.03 14.02 -12.37
C VAL B 223 5.75 13.05 -11.25
N VAL B 224 4.68 13.32 -10.51
CA VAL B 224 4.23 12.51 -9.39
C VAL B 224 2.72 12.40 -9.58
N LEU B 225 2.19 11.20 -9.43
CA LEU B 225 0.76 11.00 -9.61
C LEU B 225 -0.06 11.17 -8.34
N ALA B 226 -1.25 11.74 -8.50
CA ALA B 226 -2.16 11.92 -7.39
C ALA B 226 -3.34 10.98 -7.61
N LEU B 227 -3.55 10.06 -6.68
CA LEU B 227 -4.63 9.08 -6.75
C LEU B 227 -5.63 9.43 -5.65
N PRO B 228 -6.79 9.98 -6.03
CA PRO B 228 -7.79 10.36 -5.05
C PRO B 228 -8.54 9.20 -4.43
N TYR B 229 -8.78 9.31 -3.12
CA TYR B 229 -9.53 8.34 -2.36
C TYR B 229 -10.70 9.11 -1.75
N ASP B 230 -11.90 8.72 -2.11
CA ASP B 230 -13.11 9.37 -1.62
C ASP B 230 -13.65 8.73 -0.35
N THR B 231 -14.15 9.56 0.55
CA THR B 231 -14.75 9.10 1.78
C THR B 231 -16.06 9.87 1.91
N PRO B 232 -17.16 9.16 2.18
CA PRO B 232 -18.47 9.79 2.32
C PRO B 232 -18.65 10.51 3.65
N VAL B 233 -19.29 11.67 3.62
CA VAL B 233 -19.55 12.46 4.83
C VAL B 233 -21.07 12.56 4.92
N PRO B 234 -21.67 11.72 5.76
CA PRO B 234 -23.12 11.72 5.91
C PRO B 234 -23.65 12.91 6.68
N GLY B 235 -24.63 13.59 6.10
CA GLY B 235 -25.21 14.71 6.79
C GLY B 235 -26.07 14.11 7.87
N TYR B 236 -26.35 14.84 8.95
CA TYR B 236 -27.19 14.28 10.01
C TYR B 236 -28.67 14.20 9.64
N MET B 237 -29.15 12.99 9.41
CA MET B 237 -30.56 12.77 9.09
C MET B 237 -31.15 13.69 8.03
N ASN B 238 -30.60 13.70 6.82
CA ASN B 238 -31.15 14.55 5.76
C ASN B 238 -30.93 14.03 4.34
N ASN B 239 -30.68 12.73 4.20
CA ASN B 239 -30.48 12.11 2.89
C ASN B 239 -29.21 12.49 2.12
N THR B 240 -28.51 13.55 2.52
CA THR B 240 -27.31 13.90 1.80
C THR B 240 -26.03 13.33 2.39
N VAL B 241 -25.12 12.96 1.49
CA VAL B 241 -23.83 12.42 1.88
C VAL B 241 -22.85 13.09 0.94
N ASN B 242 -21.95 13.87 1.51
CA ASN B 242 -20.96 14.58 0.70
C ASN B 242 -19.68 13.81 0.53
N THR B 243 -18.71 14.43 -0.11
CA THR B 243 -17.46 13.75 -0.35
C THR B 243 -16.21 14.43 0.20
N MET B 244 -15.36 13.61 0.79
CA MET B 244 -14.07 14.07 1.26
C MET B 244 -13.06 13.36 0.35
N ARG B 245 -12.41 14.12 -0.53
CA ARG B 245 -11.44 13.54 -1.44
C ARG B 245 -10.02 13.74 -0.88
N LEU B 246 -9.35 12.64 -0.58
CA LEU B 246 -8.00 12.67 -0.03
C LEU B 246 -7.04 12.10 -1.08
N TRP B 247 -5.96 12.84 -1.37
CA TRP B 247 -4.99 12.42 -2.39
C TRP B 247 -3.74 11.68 -1.85
N SER B 248 -3.25 10.70 -2.64
CA SER B 248 -2.07 9.94 -2.27
C SER B 248 -1.11 9.96 -3.44
N ALA B 249 0.18 10.13 -3.16
CA ALA B 249 1.20 10.21 -4.21
C ALA B 249 1.64 8.86 -4.74
N ARG B 250 1.85 8.78 -6.06
CA ARG B 250 2.28 7.55 -6.71
C ARG B 250 3.30 7.84 -7.82
N ALA B 251 4.27 6.96 -7.99
CA ALA B 251 5.28 7.14 -9.03
C ALA B 251 4.68 6.74 -10.38
N PRO B 252 4.98 7.51 -11.44
CA PRO B 252 4.46 7.20 -12.78
C PRO B 252 5.14 5.95 -13.37
N ASN B 253 4.45 5.25 -14.26
CA ASN B 253 5.02 4.04 -14.87
C ASN B 253 5.92 4.39 -16.04
N GLY B 263 22.46 -3.84 -10.50
CA GLY B 263 21.02 -3.70 -10.05
C GLY B 263 20.48 -2.29 -10.16
N ASP B 264 20.91 -1.56 -11.18
CA ASP B 264 20.45 -0.19 -11.40
C ASP B 264 18.94 -0.22 -11.56
N TYR B 265 18.43 -1.38 -11.97
CA TYR B 265 16.99 -1.58 -12.14
C TYR B 265 16.28 -1.68 -10.79
N ILE B 266 16.82 -2.51 -9.89
CA ILE B 266 16.22 -2.67 -8.57
C ILE B 266 16.15 -1.32 -7.87
N GLN B 267 17.28 -0.66 -7.74
CA GLN B 267 17.34 0.65 -7.09
C GLN B 267 16.36 1.65 -7.70
N ALA B 268 16.17 1.58 -9.02
CA ALA B 268 15.26 2.48 -9.70
C ALA B 268 13.82 2.17 -9.30
N VAL B 269 13.53 0.89 -9.09
CA VAL B 269 12.19 0.49 -8.70
C VAL B 269 11.97 0.89 -7.25
N LEU B 270 13.02 0.75 -6.45
CA LEU B 270 12.99 1.12 -5.04
C LEU B 270 12.91 2.65 -4.91
N ASP B 271 13.63 3.35 -5.79
CA ASP B 271 13.62 4.82 -5.75
C ASP B 271 12.24 5.39 -6.02
N ARG B 272 11.29 4.54 -6.43
CA ARG B 272 9.93 5.00 -6.65
C ARG B 272 9.37 5.46 -5.30
N ASN B 273 10.02 5.06 -4.21
CA ASN B 273 9.59 5.45 -2.86
C ASN B 273 9.68 6.97 -2.68
N LEU B 274 10.64 7.60 -3.35
CA LEU B 274 10.83 9.04 -3.23
C LEU B 274 9.55 9.80 -3.63
N ALA B 275 9.04 9.52 -4.82
CA ALA B 275 7.84 10.18 -5.31
C ALA B 275 6.67 9.94 -4.37
N GLU B 276 6.54 8.69 -3.95
CA GLU B 276 5.46 8.31 -3.06
C GLU B 276 5.65 8.85 -1.65
N ASN B 277 6.83 9.37 -1.36
CA ASN B 277 7.11 9.91 -0.04
C ASN B 277 6.39 11.24 0.18
N ILE B 278 5.87 11.83 -0.88
CA ILE B 278 5.17 13.10 -0.74
C ILE B 278 3.95 13.01 0.17
N SER B 279 3.25 11.88 0.16
CA SER B 279 2.07 11.73 1.00
C SER B 279 2.25 10.67 2.11
N ARG B 280 3.50 10.45 2.51
CA ARG B 280 3.81 9.43 3.51
C ARG B 280 3.38 9.76 4.94
N VAL B 281 3.75 10.95 5.42
CA VAL B 281 3.45 11.36 6.79
C VAL B 281 2.88 12.75 6.89
N LEU B 282 2.09 12.96 7.95
CA LEU B 282 1.54 14.28 8.23
C LEU B 282 2.60 14.97 9.10
N TYR B 283 2.92 16.23 8.83
CA TYR B 283 3.88 16.92 9.68
C TYR B 283 3.19 17.18 11.03
N PRO B 284 3.77 16.65 12.12
CA PRO B 284 3.19 16.80 13.47
C PRO B 284 3.40 18.12 14.22
N ASN B 285 3.34 19.25 13.51
CA ASN B 285 3.53 20.52 14.18
C ASN B 285 2.23 21.30 14.32
N ASP B 286 1.92 21.69 15.54
CA ASP B 286 0.72 22.47 15.80
C ASP B 286 1.24 23.88 16.02
N ASN B 287 0.60 24.84 15.38
CA ASN B 287 1.01 26.23 15.48
C ASN B 287 2.53 26.42 15.42
N PHE B 288 3.15 25.87 14.37
CA PHE B 288 4.58 26.01 14.18
C PHE B 288 4.97 25.75 12.74
N PHE B 289 5.78 26.64 12.17
CA PHE B 289 6.23 26.49 10.79
C PHE B 289 7.60 25.84 10.73
N GLU B 290 7.70 24.75 9.97
CA GLU B 290 8.95 24.03 9.79
C GLU B 290 9.18 24.09 8.28
N GLY B 291 10.09 24.95 7.85
CA GLY B 291 10.33 25.10 6.42
C GLY B 291 11.04 23.96 5.71
N LYS B 292 10.46 22.77 5.78
CA LYS B 292 11.06 21.60 5.13
C LYS B 292 10.50 21.38 3.73
N GLU B 293 11.39 21.08 2.80
CA GLU B 293 11.04 20.87 1.40
C GLU B 293 9.89 19.85 1.17
N LEU B 294 9.97 18.69 1.80
CA LEU B 294 8.93 17.68 1.63
C LEU B 294 7.54 18.23 1.97
N ARG B 295 7.48 19.09 2.98
CA ARG B 295 6.20 19.69 3.38
C ARG B 295 5.67 20.62 2.26
N LEU B 296 6.58 21.38 1.65
CA LEU B 296 6.20 22.27 0.56
C LEU B 296 5.66 21.42 -0.59
N LYS B 297 6.31 20.28 -0.83
CA LYS B 297 5.86 19.38 -1.88
C LYS B 297 4.44 18.91 -1.61
N GLN B 298 4.10 18.68 -0.35
CA GLN B 298 2.75 18.24 0.01
C GLN B 298 1.75 19.35 -0.29
N GLU B 299 2.07 20.55 0.13
CA GLU B 299 1.20 21.70 -0.07
C GLU B 299 0.92 21.89 -1.55
N TYR B 300 1.95 21.86 -2.38
CA TYR B 300 1.72 22.01 -3.80
C TYR B 300 0.99 20.77 -4.29
N PHE B 301 1.45 19.61 -3.87
CA PHE B 301 0.80 18.35 -4.24
C PHE B 301 -0.72 18.44 -4.17
N VAL B 302 -1.26 18.67 -2.97
CA VAL B 302 -2.71 18.74 -2.82
C VAL B 302 -3.33 19.88 -3.62
N VAL B 303 -2.59 20.96 -3.78
CA VAL B 303 -3.08 22.11 -4.51
C VAL B 303 -3.23 21.85 -6.02
N ALA B 304 -2.24 21.20 -6.62
CA ALA B 304 -2.28 20.91 -8.05
C ALA B 304 -3.41 19.93 -8.37
N ALA B 305 -3.38 18.79 -7.71
CA ALA B 305 -4.40 17.78 -7.93
C ALA B 305 -5.80 18.37 -7.75
N THR B 306 -6.05 19.00 -6.60
CA THR B 306 -7.34 19.60 -6.30
C THR B 306 -7.83 20.57 -7.37
N LEU B 307 -7.05 21.61 -7.63
CA LEU B 307 -7.42 22.61 -8.63
C LEU B 307 -7.70 21.95 -9.97
N GLN B 308 -6.87 20.98 -10.36
CA GLN B 308 -7.11 20.30 -11.62
C GLN B 308 -8.47 19.60 -11.62
N ASP B 309 -8.73 18.84 -10.57
CA ASP B 309 -10.00 18.10 -10.42
C ASP B 309 -11.17 19.06 -10.42
N ILE B 310 -10.98 20.21 -9.79
CA ILE B 310 -12.03 21.24 -9.73
C ILE B 310 -12.28 21.84 -11.12
N ILE B 311 -11.21 22.13 -11.86
CA ILE B 311 -11.35 22.67 -13.20
C ILE B 311 -12.05 21.60 -14.06
N ARG B 312 -11.72 20.34 -13.82
CA ARG B 312 -12.31 19.22 -14.54
C ARG B 312 -13.82 19.13 -14.31
N ARG B 313 -14.23 19.14 -13.05
CA ARG B 313 -15.64 19.06 -12.70
C ARG B 313 -16.41 20.24 -13.29
N PHE B 314 -15.83 21.43 -13.25
CA PHE B 314 -16.45 22.64 -13.78
C PHE B 314 -16.72 22.55 -15.28
N LYS B 315 -15.75 22.03 -16.02
CA LYS B 315 -15.86 21.90 -17.47
C LYS B 315 -16.82 20.78 -17.87
N ALA B 316 -16.99 19.80 -16.98
CA ALA B 316 -17.84 18.67 -17.27
C ALA B 316 -19.29 18.91 -16.88
N SER B 317 -19.59 20.12 -16.43
CA SER B 317 -20.97 20.38 -16.05
C SER B 317 -21.77 20.93 -17.22
N THR B 327 -15.41 31.73 -22.81
CA THR B 327 -16.64 32.22 -22.15
C THR B 327 -16.96 31.40 -20.90
N VAL B 328 -16.55 30.14 -20.91
CA VAL B 328 -16.77 29.20 -19.81
C VAL B 328 -16.41 29.70 -18.41
N PHE B 329 -15.11 29.88 -18.17
CA PHE B 329 -14.61 30.30 -16.86
C PHE B 329 -15.19 31.58 -16.28
N ASP B 330 -15.97 32.31 -17.06
CA ASP B 330 -16.58 33.53 -16.54
C ASP B 330 -17.48 33.20 -15.33
N ALA B 331 -18.12 32.04 -15.38
CA ALA B 331 -19.02 31.62 -14.31
C ALA B 331 -18.34 30.82 -13.22
N PHE B 332 -17.04 30.58 -13.36
CA PHE B 332 -16.30 29.81 -12.38
C PHE B 332 -16.51 30.23 -10.92
N PRO B 333 -16.35 31.53 -10.62
CA PRO B 333 -16.53 32.03 -9.24
C PRO B 333 -17.95 31.84 -8.68
N ASP B 334 -18.91 31.64 -9.57
CA ASP B 334 -20.31 31.45 -9.17
C ASP B 334 -20.67 29.99 -9.07
N GLN B 335 -19.68 29.14 -9.30
CA GLN B 335 -19.90 27.69 -9.24
C GLN B 335 -18.91 27.05 -8.29
N VAL B 336 -17.83 27.77 -8.04
CA VAL B 336 -16.77 27.28 -7.17
C VAL B 336 -16.40 28.26 -6.06
N ALA B 337 -16.09 27.72 -4.90
CA ALA B 337 -15.67 28.50 -3.76
C ALA B 337 -14.61 27.64 -3.09
N ILE B 338 -13.38 28.13 -3.07
CA ILE B 338 -12.30 27.37 -2.46
C ILE B 338 -11.84 28.05 -1.18
N GLN B 339 -12.10 27.43 -0.04
CA GLN B 339 -11.71 27.96 1.26
C GLN B 339 -10.32 27.49 1.65
N LEU B 340 -9.42 28.43 1.92
CA LEU B 340 -8.06 28.08 2.30
C LEU B 340 -7.94 27.95 3.82
N ASN B 341 -7.74 26.72 4.30
CA ASN B 341 -7.60 26.50 5.74
C ASN B 341 -6.16 26.84 6.10
N ASP B 342 -5.97 28.04 6.64
CA ASP B 342 -4.66 28.57 7.01
C ASP B 342 -3.89 28.82 5.72
N THR B 343 -2.62 29.18 5.85
CA THR B 343 -1.80 29.48 4.66
C THR B 343 -1.14 28.24 4.05
N HIS B 344 -1.50 27.06 4.55
CA HIS B 344 -0.92 25.82 4.06
C HIS B 344 -1.15 25.58 2.57
N PRO B 345 -2.35 25.89 2.06
CA PRO B 345 -2.57 25.66 0.62
C PRO B 345 -2.50 26.96 -0.17
N ALA B 346 -1.77 27.93 0.35
CA ALA B 346 -1.63 29.23 -0.30
C ALA B 346 -1.22 29.13 -1.79
N LEU B 347 -0.39 28.13 -2.12
CA LEU B 347 0.06 27.95 -3.50
C LEU B 347 -1.11 27.79 -4.47
N ALA B 348 -2.28 27.52 -3.91
CA ALA B 348 -3.46 27.35 -4.74
C ALA B 348 -3.77 28.60 -5.56
N ILE B 349 -3.52 29.77 -4.99
CA ILE B 349 -3.78 31.02 -5.71
C ILE B 349 -2.91 31.13 -6.97
N PRO B 350 -1.56 31.11 -6.83
CA PRO B 350 -0.77 31.21 -8.07
C PRO B 350 -0.95 29.99 -8.98
N GLU B 351 -1.44 28.90 -8.40
CA GLU B 351 -1.67 27.67 -9.15
C GLU B 351 -2.89 27.88 -10.06
N LEU B 352 -3.90 28.59 -9.55
CA LEU B 352 -5.08 28.85 -10.34
C LEU B 352 -4.71 29.83 -11.43
N MET B 353 -3.79 30.75 -11.13
CA MET B 353 -3.34 31.74 -12.11
C MET B 353 -2.53 31.04 -13.20
N ARG B 354 -1.73 30.05 -12.80
CA ARG B 354 -0.95 29.29 -13.75
C ARG B 354 -1.86 28.54 -14.72
N ILE B 355 -2.86 27.85 -14.22
CA ILE B 355 -3.76 27.12 -15.12
C ILE B 355 -4.49 28.11 -16.04
N PHE B 356 -5.15 29.10 -15.45
CA PHE B 356 -5.89 30.10 -16.21
C PHE B 356 -5.06 30.79 -17.31
N VAL B 357 -3.84 31.19 -16.98
CA VAL B 357 -2.98 31.89 -17.92
C VAL B 357 -2.12 31.02 -18.84
N ASP B 358 -1.48 30.00 -18.29
CA ASP B 358 -0.63 29.15 -19.10
C ASP B 358 -1.36 28.06 -19.87
N ILE B 359 -2.37 27.47 -19.26
CA ILE B 359 -3.09 26.39 -19.91
C ILE B 359 -4.42 26.79 -20.58
N GLU B 360 -5.19 27.65 -19.93
CA GLU B 360 -6.47 28.09 -20.48
C GLU B 360 -6.34 29.35 -21.32
N LYS B 361 -5.16 29.97 -21.29
CA LYS B 361 -4.88 31.16 -22.08
C LYS B 361 -5.73 32.40 -21.84
N LEU B 362 -6.11 32.65 -20.59
CA LEU B 362 -6.91 33.82 -20.26
C LEU B 362 -5.98 35.00 -19.99
N PRO B 363 -6.45 36.24 -20.20
CA PRO B 363 -5.55 37.38 -19.93
C PRO B 363 -5.33 37.43 -18.42
N TRP B 364 -4.19 37.97 -18.01
CA TRP B 364 -3.86 38.04 -16.58
C TRP B 364 -5.00 38.70 -15.80
N SER B 365 -5.52 39.79 -16.35
CA SER B 365 -6.61 40.55 -15.73
C SER B 365 -7.82 39.70 -15.36
N LYS B 366 -8.37 39.00 -16.34
CA LYS B 366 -9.53 38.16 -16.13
C LYS B 366 -9.22 37.06 -15.12
N ALA B 367 -8.12 36.36 -15.33
CA ALA B 367 -7.72 35.29 -14.42
C ALA B 367 -7.63 35.84 -12.99
N TRP B 368 -6.83 36.88 -12.81
CA TRP B 368 -6.67 37.49 -11.50
C TRP B 368 -8.03 37.81 -10.88
N GLU B 369 -8.95 38.30 -11.71
CA GLU B 369 -10.29 38.64 -11.26
C GLU B 369 -11.01 37.40 -10.71
N LEU B 370 -11.07 36.35 -11.52
CA LEU B 370 -11.74 35.11 -11.13
C LEU B 370 -11.08 34.45 -9.93
N THR B 371 -9.76 34.61 -9.82
CA THR B 371 -9.03 34.02 -8.71
C THR B 371 -9.52 34.57 -7.37
N GLN B 372 -9.53 35.90 -7.23
CA GLN B 372 -9.98 36.54 -6.01
C GLN B 372 -11.44 36.22 -5.68
N LYS B 373 -12.27 36.08 -6.71
CA LYS B 373 -13.67 35.76 -6.49
C LYS B 373 -13.85 34.31 -6.05
N THR B 374 -12.82 33.51 -6.26
CA THR B 374 -12.88 32.09 -5.92
C THR B 374 -12.33 31.75 -4.54
N PHE B 375 -11.19 32.34 -4.20
CA PHE B 375 -10.55 32.03 -2.93
C PHE B 375 -10.97 32.86 -1.72
N ALA B 376 -10.86 32.22 -0.55
CA ALA B 376 -11.16 32.82 0.74
C ALA B 376 -10.13 32.19 1.67
N TYR B 377 -9.58 33.00 2.58
CA TYR B 377 -8.54 32.56 3.50
C TYR B 377 -8.97 32.65 4.96
N THR B 378 -8.58 31.65 5.74
CA THR B 378 -8.92 31.64 7.16
C THR B 378 -7.61 31.63 7.95
N ASN B 379 -7.46 32.62 8.82
CA ASN B 379 -6.26 32.73 9.64
C ASN B 379 -6.51 32.03 10.96
N HIS B 380 -5.51 31.32 11.45
CA HIS B 380 -5.63 30.58 12.70
C HIS B 380 -4.64 30.96 13.78
N THR B 381 -3.77 31.94 13.53
CA THR B 381 -2.79 32.28 14.56
C THR B 381 -2.09 33.62 14.33
N VAL B 382 -1.60 34.21 15.42
CA VAL B 382 -0.90 35.48 15.37
C VAL B 382 0.55 35.29 15.83
N LEU B 383 0.88 34.07 16.23
CA LEU B 383 2.23 33.74 16.68
C LEU B 383 3.16 33.76 15.49
N PRO B 384 4.21 34.61 15.51
CA PRO B 384 5.17 34.70 14.39
C PRO B 384 5.82 33.38 14.01
N GLU B 385 6.06 32.50 14.99
CA GLU B 385 6.69 31.22 14.70
C GLU B 385 5.73 30.26 13.98
N ALA B 386 4.47 30.64 13.89
CA ALA B 386 3.46 29.81 13.24
C ALA B 386 3.14 30.31 11.84
N LEU B 387 3.70 31.45 11.46
CA LEU B 387 3.48 32.05 10.14
C LEU B 387 4.40 31.48 9.08
N GLU B 388 3.84 31.07 7.95
CA GLU B 388 4.64 30.50 6.87
C GLU B 388 5.34 31.52 6.00
N ARG B 389 6.67 31.41 5.95
CA ARG B 389 7.51 32.27 5.13
C ARG B 389 8.51 31.34 4.45
N TRP B 390 8.20 30.91 3.23
CA TRP B 390 9.08 30.03 2.49
C TRP B 390 10.22 30.77 1.79
N PRO B 391 11.45 30.25 1.93
CA PRO B 391 12.60 30.88 1.28
C PRO B 391 12.45 30.88 -0.25
N VAL B 392 12.70 32.02 -0.87
CA VAL B 392 12.59 32.14 -2.31
C VAL B 392 13.43 31.08 -3.04
N ASP B 393 14.63 30.82 -2.52
CA ASP B 393 15.53 29.83 -3.12
C ASP B 393 14.90 28.47 -3.28
N LEU B 394 14.18 28.05 -2.23
CA LEU B 394 13.53 26.76 -2.21
C LEU B 394 12.41 26.72 -3.26
N VAL B 395 11.55 27.73 -3.23
CA VAL B 395 10.45 27.81 -4.17
C VAL B 395 10.96 27.96 -5.60
N GLU B 396 12.10 28.61 -5.79
CA GLU B 396 12.61 28.81 -7.15
C GLU B 396 13.01 27.51 -7.84
N LYS B 397 13.64 26.59 -7.11
CA LYS B 397 14.05 25.32 -7.72
C LYS B 397 12.94 24.27 -7.72
N LEU B 398 11.98 24.42 -6.81
CA LEU B 398 10.86 23.48 -6.75
C LEU B 398 9.70 23.92 -7.66
N LEU B 399 9.22 25.15 -7.46
CA LEU B 399 8.12 25.69 -8.26
C LEU B 399 8.55 26.99 -8.93
N PRO B 400 9.47 26.91 -9.92
CA PRO B 400 9.93 28.13 -10.60
C PRO B 400 8.82 28.96 -11.28
N ARG B 401 7.86 28.31 -11.93
CA ARG B 401 6.81 29.07 -12.60
C ARG B 401 5.96 29.83 -11.59
N HIS B 402 5.76 29.24 -10.41
CA HIS B 402 4.96 29.87 -9.38
C HIS B 402 5.64 31.04 -8.69
N LEU B 403 6.96 31.02 -8.66
CA LEU B 403 7.68 32.13 -8.05
C LEU B 403 7.50 33.35 -8.96
N GLU B 404 7.47 33.10 -10.26
CA GLU B 404 7.29 34.17 -11.22
C GLU B 404 5.90 34.76 -11.11
N ILE B 405 4.93 33.90 -10.82
CA ILE B 405 3.54 34.32 -10.68
C ILE B 405 3.34 35.14 -9.42
N ILE B 406 4.04 34.75 -8.35
CA ILE B 406 3.95 35.46 -7.08
C ILE B 406 4.60 36.83 -7.21
N TYR B 407 5.70 36.89 -7.97
CA TYR B 407 6.38 38.15 -8.22
C TYR B 407 5.39 39.06 -8.96
N GLU B 408 4.79 38.51 -10.01
CA GLU B 408 3.80 39.26 -10.81
C GLU B 408 2.74 39.86 -9.90
N ILE B 409 2.04 39.00 -9.17
CA ILE B 409 0.99 39.41 -8.24
C ILE B 409 1.51 40.54 -7.36
N ASN B 410 2.71 40.33 -6.81
CA ASN B 410 3.33 41.30 -5.93
C ASN B 410 3.58 42.65 -6.61
N GLN B 411 4.32 42.63 -7.72
CA GLN B 411 4.62 43.86 -8.46
C GLN B 411 3.35 44.66 -8.72
N LYS B 412 2.33 44.00 -9.25
CA LYS B 412 1.06 44.66 -9.52
C LYS B 412 0.48 45.15 -8.20
N HIS B 413 0.69 44.37 -7.14
CA HIS B 413 0.20 44.72 -5.82
C HIS B 413 0.90 45.97 -5.29
N LEU B 414 2.22 46.03 -5.42
CA LEU B 414 2.95 47.20 -4.96
C LEU B 414 2.68 48.43 -5.84
N ASP B 415 2.47 48.20 -7.14
CA ASP B 415 2.19 49.30 -8.06
C ASP B 415 0.92 50.04 -7.61
N ARG B 416 -0.02 49.29 -7.07
CA ARG B 416 -1.29 49.83 -6.59
C ARG B 416 -1.05 50.66 -5.34
N ILE B 417 -0.29 50.10 -4.40
CA ILE B 417 0.01 50.76 -3.13
C ILE B 417 0.68 52.11 -3.38
N VAL B 418 1.63 52.12 -4.31
CA VAL B 418 2.36 53.34 -4.66
C VAL B 418 1.41 54.40 -5.21
N ALA B 419 0.59 54.03 -6.18
CA ALA B 419 -0.38 54.92 -6.78
C ALA B 419 -1.38 55.49 -5.76
N LEU B 420 -1.41 54.91 -4.56
CA LEU B 420 -2.32 55.38 -3.52
C LEU B 420 -1.57 56.14 -2.43
N PHE B 421 -0.32 55.72 -2.18
CA PHE B 421 0.52 56.35 -1.18
C PHE B 421 1.93 56.41 -1.76
N PRO B 422 2.17 57.32 -2.71
CA PRO B 422 3.48 57.49 -3.37
C PRO B 422 4.67 57.95 -2.54
N LYS B 423 4.49 58.10 -1.23
CA LYS B 423 5.60 58.56 -0.39
C LYS B 423 5.96 57.59 0.75
N ASP B 424 4.97 56.86 1.24
CA ASP B 424 5.20 55.92 2.32
C ASP B 424 5.96 54.70 1.81
N VAL B 425 7.28 54.83 1.71
CA VAL B 425 8.11 53.73 1.22
C VAL B 425 8.07 52.55 2.20
N ASP B 426 7.94 52.86 3.47
CA ASP B 426 7.89 51.82 4.50
C ASP B 426 6.67 50.94 4.32
N ARG B 427 5.62 51.52 3.73
CA ARG B 427 4.37 50.81 3.49
C ARG B 427 4.62 49.70 2.48
N LEU B 428 5.46 49.99 1.50
CA LEU B 428 5.79 49.04 0.45
C LEU B 428 6.36 47.73 0.96
N ARG B 429 7.40 47.79 1.78
CA ARG B 429 8.01 46.55 2.27
C ARG B 429 7.13 45.83 3.30
N ARG B 430 6.28 46.59 3.98
CA ARG B 430 5.39 46.03 4.99
C ARG B 430 4.22 45.28 4.37
N MET B 431 3.96 45.53 3.09
CA MET B 431 2.85 44.89 2.40
C MET B 431 3.25 43.91 1.29
N SER B 432 4.53 43.92 0.94
CA SER B 432 5.06 43.05 -0.10
C SER B 432 4.94 41.59 0.32
N LEU B 433 4.87 40.70 -0.68
CA LEU B 433 4.76 39.27 -0.41
C LEU B 433 6.17 38.71 -0.24
N ILE B 434 7.18 39.57 -0.36
CA ILE B 434 8.56 39.12 -0.21
C ILE B 434 9.30 39.86 0.89
N GLU B 435 9.75 39.11 1.90
CA GLU B 435 10.50 39.68 3.00
C GLU B 435 11.96 39.76 2.56
N GLU B 436 12.32 40.91 2.00
CA GLU B 436 13.67 41.17 1.50
C GLU B 436 14.78 40.88 2.50
N GLU B 437 14.44 40.92 3.78
CA GLU B 437 15.42 40.69 4.85
C GLU B 437 16.34 39.48 4.61
N GLY B 438 17.51 39.52 5.26
CA GLY B 438 18.50 38.46 5.16
C GLY B 438 18.24 37.39 4.12
N SER B 439 17.43 36.41 4.51
CA SER B 439 17.06 35.31 3.62
C SER B 439 15.68 35.65 3.05
N LYS B 440 15.67 36.11 1.79
CA LYS B 440 14.44 36.48 1.10
C LYS B 440 13.37 35.40 1.16
N ARG B 441 12.29 35.67 1.87
CA ARG B 441 11.19 34.72 2.01
C ARG B 441 9.89 35.25 1.42
N ILE B 442 8.91 34.35 1.30
CA ILE B 442 7.60 34.69 0.77
C ILE B 442 6.61 34.65 1.93
N ASN B 443 5.98 35.79 2.24
CA ASN B 443 5.00 35.84 3.31
C ASN B 443 3.70 35.29 2.73
N MET B 444 3.52 33.97 2.85
CA MET B 444 2.32 33.30 2.33
C MET B 444 1.04 33.94 2.82
N ALA B 445 1.05 34.47 4.04
CA ALA B 445 -0.14 35.13 4.58
C ALA B 445 -0.55 36.28 3.67
N HIS B 446 0.42 37.12 3.29
CA HIS B 446 0.16 38.27 2.42
C HIS B 446 -0.30 37.82 1.04
N LEU B 447 0.19 36.66 0.59
CA LEU B 447 -0.23 36.12 -0.70
C LEU B 447 -1.72 35.77 -0.58
N CYS B 448 -2.10 35.20 0.55
CA CYS B 448 -3.50 34.83 0.75
C CYS B 448 -4.46 36.02 0.79
N ILE B 449 -4.01 37.13 1.37
CA ILE B 449 -4.87 38.30 1.46
C ILE B 449 -5.20 38.95 0.09
N VAL B 450 -4.25 38.98 -0.83
CA VAL B 450 -4.51 39.60 -2.13
C VAL B 450 -5.21 38.69 -3.13
N GLY B 451 -5.01 37.39 -2.99
CA GLY B 451 -5.64 36.45 -3.89
C GLY B 451 -6.95 35.92 -3.36
N SER B 452 -7.48 36.54 -2.31
CA SER B 452 -8.75 36.14 -1.72
C SER B 452 -9.63 37.36 -1.54
N HIS B 453 -10.94 37.17 -1.74
CA HIS B 453 -11.87 38.28 -1.59
C HIS B 453 -12.29 38.40 -0.13
N ALA B 454 -11.99 37.38 0.66
CA ALA B 454 -12.34 37.37 2.07
C ALA B 454 -11.27 36.70 2.90
N VAL B 455 -10.99 37.30 4.06
CA VAL B 455 -10.00 36.81 5.01
C VAL B 455 -10.74 36.76 6.34
N ASN B 456 -10.58 35.67 7.09
CA ASN B 456 -11.28 35.58 8.37
C ASN B 456 -10.48 35.01 9.54
N GLY B 457 -10.87 35.44 10.73
CA GLY B 457 -10.26 34.95 11.93
C GLY B 457 -11.27 33.93 12.44
N VAL B 458 -11.00 33.31 13.58
CA VAL B 458 -11.90 32.31 14.10
C VAL B 458 -12.51 32.67 15.45
N ALA B 459 -12.45 33.96 15.79
CA ALA B 459 -13.00 34.45 17.04
C ALA B 459 -12.93 35.98 17.01
N LYS B 460 -13.95 36.64 17.57
CA LYS B 460 -13.99 38.10 17.55
C LYS B 460 -12.67 38.78 17.90
N ILE B 461 -12.18 38.49 19.10
CA ILE B 461 -10.94 39.10 19.56
C ILE B 461 -9.79 38.82 18.59
N HIS B 462 -9.74 37.59 18.08
CA HIS B 462 -8.69 37.19 17.15
C HIS B 462 -8.79 37.91 15.81
N SER B 463 -10.00 37.91 15.22
CA SER B 463 -10.21 38.57 13.93
C SER B 463 -9.95 40.07 14.05
N ASP B 464 -10.26 40.62 15.22
CA ASP B 464 -10.03 42.05 15.47
C ASP B 464 -8.51 42.32 15.42
N ILE B 465 -7.71 41.43 16.01
CA ILE B 465 -6.26 41.59 16.02
C ILE B 465 -5.67 41.35 14.62
N VAL B 466 -6.24 40.38 13.91
CA VAL B 466 -5.79 40.07 12.57
C VAL B 466 -6.09 41.26 11.67
N LYS B 467 -7.30 41.80 11.81
CA LYS B 467 -7.74 42.93 11.02
C LYS B 467 -7.02 44.25 11.33
N THR B 468 -7.13 44.71 12.57
CA THR B 468 -6.55 45.98 12.99
C THR B 468 -5.07 46.03 13.39
N LYS B 469 -4.48 44.89 13.75
CA LYS B 469 -3.08 44.90 14.18
C LYS B 469 -2.09 44.22 13.24
N VAL B 470 -2.20 42.90 13.10
CA VAL B 470 -1.30 42.13 12.25
C VAL B 470 -1.31 42.59 10.79
N PHE B 471 -2.49 42.76 10.22
CA PHE B 471 -2.62 43.19 8.83
C PHE B 471 -3.36 44.53 8.65
N LYS B 472 -3.04 45.51 9.50
CA LYS B 472 -3.68 46.83 9.44
C LYS B 472 -3.47 47.49 8.09
N ASP B 473 -2.28 47.33 7.52
CA ASP B 473 -2.00 47.93 6.23
C ASP B 473 -2.93 47.38 5.13
N PHE B 474 -3.35 46.12 5.26
CA PHE B 474 -4.23 45.51 4.27
C PHE B 474 -5.69 45.84 4.52
N SER B 475 -6.09 45.81 5.79
CA SER B 475 -7.46 46.13 6.17
C SER B 475 -7.79 47.59 5.84
N GLU B 476 -6.80 48.48 5.97
CA GLU B 476 -7.00 49.89 5.65
C GLU B 476 -7.47 50.02 4.20
N LEU B 477 -6.78 49.33 3.30
CA LEU B 477 -7.09 49.37 1.88
C LEU B 477 -8.37 48.63 1.51
N GLU B 478 -8.58 47.47 2.12
CA GLU B 478 -9.76 46.65 1.86
C GLU B 478 -10.48 46.29 3.16
N PRO B 479 -11.08 47.29 3.81
CA PRO B 479 -11.80 47.06 5.07
C PRO B 479 -12.83 45.94 5.01
N ASP B 480 -13.66 45.95 3.98
CA ASP B 480 -14.71 44.95 3.80
C ASP B 480 -14.18 43.51 3.71
N LYS B 481 -12.98 43.35 3.16
CA LYS B 481 -12.35 42.04 3.00
C LYS B 481 -12.27 41.19 4.28
N PHE B 482 -11.73 41.77 5.35
CA PHE B 482 -11.59 41.05 6.63
C PHE B 482 -12.87 40.81 7.42
N GLN B 483 -13.12 39.55 7.78
CA GLN B 483 -14.32 39.18 8.53
C GLN B 483 -14.01 38.33 9.75
N ASN B 484 -15.06 37.95 10.46
CA ASN B 484 -14.93 37.08 11.62
C ASN B 484 -15.96 35.94 11.52
N LYS B 485 -15.53 34.75 11.92
CA LYS B 485 -16.40 33.58 11.91
C LYS B 485 -15.95 32.76 13.12
N THR B 486 -16.60 33.00 14.25
CA THR B 486 -16.26 32.30 15.47
C THR B 486 -16.35 30.80 15.20
N ASN B 487 -15.34 30.07 15.65
CA ASN B 487 -15.29 28.62 15.43
C ASN B 487 -16.47 27.90 16.08
N GLY B 488 -16.57 26.62 15.78
CA GLY B 488 -17.62 25.80 16.34
C GLY B 488 -17.23 24.33 16.36
N ILE B 489 -18.08 23.50 16.94
CA ILE B 489 -17.82 22.06 17.02
C ILE B 489 -19.14 21.39 16.66
N THR B 490 -19.10 20.19 16.10
CA THR B 490 -20.34 19.51 15.73
C THR B 490 -20.99 18.84 16.93
N PRO B 491 -22.27 19.14 17.18
CA PRO B 491 -22.96 18.53 18.31
C PRO B 491 -23.32 17.07 18.08
N ARG B 492 -23.04 16.56 16.89
CA ARG B 492 -23.30 15.15 16.62
C ARG B 492 -22.18 14.35 17.28
N ARG B 493 -20.95 14.59 16.85
CA ARG B 493 -19.79 13.90 17.41
C ARG B 493 -19.50 14.33 18.85
N TRP B 494 -19.68 15.61 19.13
CA TRP B 494 -19.37 16.11 20.47
C TRP B 494 -20.50 16.22 21.47
N LEU B 495 -21.56 15.42 21.27
CA LEU B 495 -22.68 15.38 22.20
C LEU B 495 -23.42 14.05 22.06
N LEU B 496 -24.15 13.87 20.95
CA LEU B 496 -24.90 12.64 20.71
C LEU B 496 -23.99 11.40 20.71
N LEU B 497 -22.83 11.52 20.08
CA LEU B 497 -21.87 10.42 19.99
C LEU B 497 -21.13 10.15 21.30
N CYS B 498 -20.34 11.13 21.75
CA CYS B 498 -19.54 10.98 22.95
C CYS B 498 -20.28 11.01 24.29
N ASN B 499 -21.50 11.52 24.30
CA ASN B 499 -22.24 11.61 25.55
C ASN B 499 -23.72 11.26 25.40
N PRO B 500 -24.02 10.02 24.99
CA PRO B 500 -25.42 9.58 24.81
C PRO B 500 -26.28 9.89 26.04
N GLY B 501 -25.69 9.73 27.23
CA GLY B 501 -26.39 10.00 28.47
C GLY B 501 -26.86 11.45 28.57
N LEU B 502 -25.95 12.40 28.38
CA LEU B 502 -26.33 13.81 28.46
C LEU B 502 -27.33 14.16 27.35
N ALA B 503 -27.07 13.69 26.13
CA ALA B 503 -27.97 13.98 25.02
C ALA B 503 -29.37 13.48 25.30
N GLU B 504 -29.47 12.24 25.76
CA GLU B 504 -30.76 11.65 26.09
C GLU B 504 -31.46 12.51 27.13
N LEU B 505 -30.71 12.93 28.14
CA LEU B 505 -31.27 13.78 29.19
C LEU B 505 -31.92 15.02 28.58
N ILE B 506 -31.16 15.72 27.74
CA ILE B 506 -31.61 16.94 27.09
C ILE B 506 -32.86 16.72 26.24
N ALA B 507 -32.81 15.77 25.32
CA ALA B 507 -33.94 15.47 24.44
C ALA B 507 -35.19 15.13 25.23
N GLU B 508 -34.99 14.48 26.37
CA GLU B 508 -36.11 14.08 27.21
C GLU B 508 -36.74 15.24 27.97
N LYS B 509 -36.22 16.45 27.75
CA LYS B 509 -36.77 17.61 28.42
C LYS B 509 -37.13 18.75 27.47
N ILE B 510 -36.48 18.83 26.31
CA ILE B 510 -36.77 19.89 25.35
C ILE B 510 -36.93 19.44 23.90
N GLY B 511 -36.80 18.14 23.65
CA GLY B 511 -36.94 17.64 22.29
C GLY B 511 -35.63 17.30 21.59
N GLU B 512 -35.74 16.89 20.33
CA GLU B 512 -34.59 16.51 19.51
C GLU B 512 -34.06 17.71 18.74
N ASP B 513 -34.95 18.66 18.45
CA ASP B 513 -34.62 19.86 17.70
C ASP B 513 -33.23 20.44 17.96
N TYR B 514 -32.78 20.41 19.21
CA TYR B 514 -31.48 20.97 19.55
C TYR B 514 -30.32 20.43 18.75
N VAL B 515 -30.49 19.27 18.13
CA VAL B 515 -29.44 18.67 17.34
C VAL B 515 -29.14 19.48 16.07
N LYS B 516 -30.17 19.82 15.32
CA LYS B 516 -30.02 20.61 14.10
C LYS B 516 -30.19 22.10 14.34
N ASP B 517 -30.27 22.49 15.60
CA ASP B 517 -30.42 23.89 16.00
C ASP B 517 -30.00 23.97 17.47
N LEU B 518 -28.71 23.85 17.73
CA LEU B 518 -28.19 23.86 19.10
C LEU B 518 -28.69 25.07 19.87
N SER B 519 -29.03 26.13 19.13
CA SER B 519 -29.53 27.34 19.75
C SER B 519 -30.71 27.03 20.66
N GLN B 520 -31.45 26.00 20.31
CA GLN B 520 -32.62 25.62 21.10
C GLN B 520 -32.27 25.09 22.49
N LEU B 521 -30.97 25.07 22.82
CA LEU B 521 -30.55 24.62 24.15
C LEU B 521 -30.95 25.61 25.26
N THR B 522 -31.26 26.85 24.87
CA THR B 522 -31.64 27.87 25.87
C THR B 522 -32.89 27.47 26.60
N LYS B 523 -33.67 26.57 26.01
CA LYS B 523 -34.90 26.12 26.64
C LYS B 523 -34.57 25.50 28.00
N LEU B 524 -33.34 25.02 28.14
CA LEU B 524 -32.89 24.40 29.38
C LEU B 524 -32.86 25.36 30.57
N HIS B 525 -33.21 26.63 30.34
CA HIS B 525 -33.23 27.62 31.41
C HIS B 525 -34.46 27.45 32.30
N SER B 526 -35.49 26.81 31.75
CA SER B 526 -36.71 26.60 32.49
C SER B 526 -36.51 25.71 33.70
N PHE B 527 -35.40 24.97 33.73
CA PHE B 527 -35.16 24.06 34.83
C PHE B 527 -34.12 24.51 35.87
N LEU B 528 -33.66 25.76 35.79
CA LEU B 528 -32.67 26.24 36.74
C LEU B 528 -33.05 25.99 38.20
N GLY B 529 -34.35 25.89 38.47
CA GLY B 529 -34.78 25.66 39.84
C GLY B 529 -35.04 24.20 40.14
N ASP B 530 -35.37 23.42 39.12
CA ASP B 530 -35.68 22.00 39.28
C ASP B 530 -34.51 21.19 39.85
N ASP B 531 -34.64 20.80 41.11
CA ASP B 531 -33.61 20.04 41.81
C ASP B 531 -33.52 18.61 41.27
N VAL B 532 -34.62 18.11 40.74
CA VAL B 532 -34.63 16.77 40.18
C VAL B 532 -33.79 16.75 38.91
N PHE B 533 -33.88 17.83 38.13
CA PHE B 533 -33.13 17.93 36.88
C PHE B 533 -31.64 18.08 37.20
N LEU B 534 -31.33 18.76 38.30
CA LEU B 534 -29.93 18.93 38.68
C LEU B 534 -29.32 17.61 39.18
N ARG B 535 -30.11 16.77 39.85
CA ARG B 535 -29.58 15.48 40.28
C ARG B 535 -29.34 14.62 39.03
N GLU B 536 -30.26 14.70 38.08
CA GLU B 536 -30.15 13.95 36.83
C GLU B 536 -28.94 14.42 36.02
N LEU B 537 -28.69 15.73 36.05
CA LEU B 537 -27.55 16.29 35.32
C LEU B 537 -26.27 15.75 35.94
N ALA B 538 -26.22 15.78 37.27
CA ALA B 538 -25.06 15.30 38.01
C ALA B 538 -24.89 13.79 37.83
N LYS B 539 -26.00 13.06 37.76
CA LYS B 539 -25.92 11.61 37.60
C LYS B 539 -25.25 11.26 36.25
N VAL B 540 -25.66 11.96 35.19
CA VAL B 540 -25.08 11.73 33.89
C VAL B 540 -23.57 11.93 33.96
N LYS B 541 -23.15 13.06 34.50
CA LYS B 541 -21.74 13.38 34.64
C LYS B 541 -21.06 12.30 35.46
N GLN B 542 -21.74 11.82 36.49
CA GLN B 542 -21.20 10.78 37.36
C GLN B 542 -20.95 9.48 36.58
N GLU B 543 -21.95 9.03 35.83
CA GLU B 543 -21.81 7.80 35.07
C GLU B 543 -20.66 7.88 34.06
N ASN B 544 -20.40 9.09 33.57
CA ASN B 544 -19.31 9.34 32.63
C ASN B 544 -17.98 9.20 33.36
N LYS B 545 -17.90 9.78 34.55
CA LYS B 545 -16.68 9.75 35.35
C LYS B 545 -16.31 8.33 35.80
N LEU B 546 -17.31 7.55 36.18
CA LEU B 546 -17.08 6.19 36.63
C LEU B 546 -16.68 5.31 35.44
N LYS B 547 -17.35 5.54 34.31
CA LYS B 547 -17.03 4.77 33.10
C LYS B 547 -15.64 5.11 32.58
N PHE B 548 -15.18 6.34 32.85
CA PHE B 548 -13.87 6.80 32.40
C PHE B 548 -12.77 6.50 33.44
N SER B 549 -13.15 6.39 34.71
CA SER B 549 -12.19 6.10 35.76
C SER B 549 -11.64 4.69 35.51
N GLN B 550 -12.53 3.79 35.13
CA GLN B 550 -12.14 2.42 34.85
C GLN B 550 -11.13 2.39 33.72
N PHE B 551 -11.25 3.34 32.79
CA PHE B 551 -10.31 3.44 31.68
C PHE B 551 -8.95 3.82 32.26
N LEU B 552 -8.96 4.74 33.22
CA LEU B 552 -7.74 5.23 33.86
C LEU B 552 -7.09 4.24 34.82
N GLU B 553 -7.84 3.22 35.24
CA GLU B 553 -7.29 2.25 36.17
C GLU B 553 -6.74 1.01 35.45
N THR B 554 -7.23 0.75 34.25
CA THR B 554 -6.76 -0.41 33.49
C THR B 554 -5.55 0.01 32.65
N GLU B 555 -5.20 1.29 32.74
CA GLU B 555 -4.09 1.82 31.97
C GLU B 555 -2.99 2.35 32.85
N TYR B 556 -3.37 3.11 33.88
CA TYR B 556 -2.40 3.70 34.80
C TYR B 556 -2.38 3.02 36.16
N LYS B 557 -1.25 3.16 36.86
CA LYS B 557 -1.07 2.55 38.16
C LYS B 557 -2.06 3.09 39.20
N VAL B 558 -2.00 4.39 39.43
CA VAL B 558 -2.85 5.08 40.40
C VAL B 558 -4.30 4.61 40.57
N LYS B 559 -4.85 4.93 41.74
CA LYS B 559 -6.23 4.59 42.09
C LYS B 559 -7.00 5.91 42.10
N ILE B 560 -8.09 5.96 41.36
CA ILE B 560 -8.89 7.19 41.26
C ILE B 560 -9.96 7.36 42.36
N ASN B 561 -10.07 8.60 42.83
CA ASN B 561 -11.06 8.98 43.84
C ASN B 561 -12.31 9.32 43.02
N PRO B 562 -13.34 8.45 43.04
CA PRO B 562 -14.55 8.73 42.27
C PRO B 562 -15.34 9.97 42.71
N SER B 563 -15.07 10.46 43.92
CA SER B 563 -15.79 11.62 44.40
C SER B 563 -14.97 12.90 44.18
N SER B 564 -13.76 12.73 43.65
CA SER B 564 -12.90 13.88 43.40
C SER B 564 -13.42 14.71 42.22
N MET B 565 -12.90 15.92 42.12
CA MET B 565 -13.25 16.83 41.04
C MET B 565 -12.31 16.53 39.89
N PHE B 566 -12.84 16.34 38.67
CA PHE B 566 -11.98 16.07 37.53
C PHE B 566 -11.51 17.34 36.83
N ASP B 567 -10.28 17.75 37.16
CA ASP B 567 -9.65 18.95 36.60
C ASP B 567 -8.80 18.54 35.40
N VAL B 568 -9.22 18.86 34.18
CA VAL B 568 -8.42 18.44 33.04
C VAL B 568 -8.03 19.48 32.00
N GLN B 569 -6.85 19.29 31.44
CA GLN B 569 -6.33 20.16 30.39
C GLN B 569 -5.81 19.23 29.30
N VAL B 570 -6.49 19.20 28.16
CA VAL B 570 -6.09 18.34 27.06
C VAL B 570 -6.07 19.11 25.76
N LYS B 571 -4.89 19.11 25.14
CA LYS B 571 -4.68 19.83 23.91
C LYS B 571 -3.18 19.71 23.61
N ARG B 572 -2.72 20.14 22.45
CA ARG B 572 -1.30 20.03 22.14
C ARG B 572 -0.47 20.78 23.18
N ILE B 573 0.76 20.33 23.40
CA ILE B 573 1.68 20.92 24.38
C ILE B 573 2.44 22.13 23.82
N HIS B 574 2.14 23.30 24.38
CA HIS B 574 2.78 24.55 23.98
C HIS B 574 3.08 25.39 25.21
N GLU B 575 4.05 26.28 25.09
CA GLU B 575 4.39 27.15 26.22
C GLU B 575 3.27 28.17 26.31
N TYR B 576 2.64 28.47 25.18
CA TYR B 576 1.56 29.45 25.13
C TYR B 576 0.24 28.92 25.72
N LYS B 577 -0.03 27.63 25.57
CA LYS B 577 -1.25 27.04 26.13
C LYS B 577 -1.07 26.92 27.64
N ARG B 578 0.20 26.98 28.04
CA ARG B 578 0.63 26.95 29.43
C ARG B 578 0.18 25.81 30.34
N GLN B 579 0.57 24.58 29.98
CA GLN B 579 0.24 23.43 30.82
C GLN B 579 1.12 23.60 32.05
N LEU B 580 2.16 24.41 31.89
CA LEU B 580 3.10 24.72 32.95
C LEU B 580 2.42 25.41 34.11
N LEU B 581 1.66 26.45 33.80
CA LEU B 581 0.92 27.20 34.81
C LEU B 581 0.09 26.23 35.62
N ASN B 582 -0.54 25.28 34.94
CA ASN B 582 -1.37 24.28 35.60
C ASN B 582 -0.48 23.40 36.47
N CYS B 583 0.72 23.12 35.96
CA CYS B 583 1.68 22.29 36.67
C CYS B 583 2.17 22.97 37.92
N LEU B 584 2.28 24.30 37.88
CA LEU B 584 2.72 25.05 39.04
C LEU B 584 1.61 25.05 40.08
N HIS B 585 0.38 24.82 39.63
CA HIS B 585 -0.80 24.76 40.51
C HIS B 585 -0.87 23.43 41.25
N VAL B 586 -0.65 22.32 40.54
CA VAL B 586 -0.70 21.01 41.17
C VAL B 586 0.34 20.93 42.28
N ILE B 587 1.52 21.45 42.01
CA ILE B 587 2.60 21.43 43.00
C ILE B 587 2.20 22.33 44.19
N THR B 588 1.51 23.42 43.90
CA THR B 588 1.07 24.34 44.94
C THR B 588 0.04 23.62 45.81
N MET B 589 -0.82 22.83 45.20
CA MET B 589 -1.82 22.10 45.96
C MET B 589 -1.10 21.05 46.80
N TYR B 590 -0.16 20.35 46.18
CA TYR B 590 0.61 19.31 46.87
C TYR B 590 1.23 19.90 48.14
N ASN B 591 2.07 20.90 47.97
CA ASN B 591 2.72 21.54 49.11
C ASN B 591 1.74 21.89 50.23
N ARG B 592 0.59 22.45 49.87
CA ARG B 592 -0.40 22.84 50.88
C ARG B 592 -0.89 21.65 51.71
N ILE B 593 -1.11 20.52 51.05
CA ILE B 593 -1.59 19.32 51.75
C ILE B 593 -0.54 18.81 52.74
N LYS B 594 0.72 18.78 52.33
CA LYS B 594 1.78 18.30 53.21
C LYS B 594 1.98 19.27 54.37
N LYS B 595 1.92 20.56 54.07
CA LYS B 595 2.08 21.60 55.07
C LYS B 595 1.01 21.51 56.15
N ASP B 596 -0.24 21.37 55.72
CA ASP B 596 -1.36 21.27 56.64
C ASP B 596 -2.16 20.02 56.26
N PRO B 597 -1.61 18.84 56.55
CA PRO B 597 -2.24 17.55 56.23
C PRO B 597 -3.57 17.26 56.90
N LYS B 598 -4.33 18.31 57.20
CA LYS B 598 -5.62 18.14 57.83
C LYS B 598 -6.58 19.22 57.39
N LYS B 599 -6.06 20.24 56.70
CA LYS B 599 -6.92 21.31 56.23
C LYS B 599 -7.86 20.73 55.20
N LEU B 600 -9.11 21.20 55.17
CA LEU B 600 -10.12 20.71 54.23
C LEU B 600 -9.73 21.01 52.78
N PHE B 601 -9.25 19.98 52.08
CA PHE B 601 -8.81 20.08 50.68
C PHE B 601 -9.82 19.40 49.76
N VAL B 602 -10.36 20.14 48.80
CA VAL B 602 -11.31 19.59 47.85
C VAL B 602 -10.52 18.70 46.89
N PRO B 603 -10.66 17.37 47.03
CA PRO B 603 -9.94 16.42 46.16
C PRO B 603 -10.07 16.69 44.68
N ARG B 604 -9.01 16.37 43.94
CA ARG B 604 -8.99 16.58 42.50
C ARG B 604 -8.19 15.50 41.77
N THR B 605 -8.65 15.17 40.57
CA THR B 605 -7.98 14.23 39.67
C THR B 605 -7.57 15.15 38.53
N VAL B 606 -6.37 15.70 38.61
CA VAL B 606 -5.89 16.59 37.58
C VAL B 606 -5.41 15.76 36.41
N ILE B 607 -6.04 15.99 35.26
CA ILE B 607 -5.70 15.28 34.05
C ILE B 607 -5.17 16.23 33.01
N ILE B 608 -3.92 16.04 32.60
CA ILE B 608 -3.30 16.88 31.57
C ILE B 608 -2.87 15.99 30.42
N GLY B 609 -3.18 16.41 29.19
CA GLY B 609 -2.82 15.59 28.05
C GLY B 609 -2.66 16.33 26.74
N GLY B 610 -1.87 15.73 25.86
CA GLY B 610 -1.64 16.32 24.57
C GLY B 610 -0.28 15.88 24.06
N LYS B 611 -0.12 15.94 22.75
CA LYS B 611 1.14 15.56 22.13
C LYS B 611 2.08 16.74 21.91
N ALA B 612 3.35 16.44 21.87
CA ALA B 612 4.36 17.46 21.65
C ALA B 612 4.97 17.21 20.28
N ALA B 613 5.23 18.27 19.53
CA ALA B 613 5.84 18.13 18.20
C ALA B 613 7.27 17.61 18.44
N PRO B 614 7.62 16.48 17.82
CA PRO B 614 8.94 15.88 17.97
C PRO B 614 10.12 16.84 18.13
N GLY B 615 10.14 17.91 17.34
CA GLY B 615 11.23 18.88 17.41
C GLY B 615 11.06 20.00 18.41
N TYR B 616 10.00 19.97 19.20
CA TYR B 616 9.72 21.01 20.22
C TYR B 616 10.35 20.58 21.55
N HIS B 617 11.49 21.16 21.90
CA HIS B 617 12.20 20.81 23.13
C HIS B 617 11.50 21.23 24.42
N MET B 618 11.05 22.48 24.50
CA MET B 618 10.39 22.95 25.73
C MET B 618 9.11 22.17 26.03
N ALA B 619 8.36 21.83 24.98
CA ALA B 619 7.13 21.07 25.12
C ALA B 619 7.43 19.70 25.74
N LYS B 620 8.50 19.06 25.27
CA LYS B 620 8.89 17.76 25.78
C LYS B 620 9.41 17.84 27.22
N MET B 621 10.10 18.95 27.53
CA MET B 621 10.60 19.14 28.88
C MET B 621 9.37 19.25 29.78
N ILE B 622 8.39 20.01 29.31
CA ILE B 622 7.15 20.24 30.04
C ILE B 622 6.39 18.93 30.28
N ILE B 623 6.40 18.03 29.29
CA ILE B 623 5.73 16.77 29.47
C ILE B 623 6.45 16.00 30.58
N LYS B 624 7.78 16.04 30.54
CA LYS B 624 8.59 15.32 31.53
C LYS B 624 8.30 15.87 32.93
N LEU B 625 8.19 17.19 33.02
CA LEU B 625 7.91 17.86 34.29
C LEU B 625 6.61 17.32 34.84
N ILE B 626 5.56 17.48 34.07
CA ILE B 626 4.24 17.02 34.47
C ILE B 626 4.24 15.58 34.98
N THR B 627 4.97 14.69 34.32
CA THR B 627 5.01 13.29 34.76
C THR B 627 5.90 13.05 35.98
N SER B 628 6.80 13.99 36.28
CA SER B 628 7.68 13.87 37.44
C SER B 628 6.88 14.26 38.67
N VAL B 629 6.06 15.30 38.52
CA VAL B 629 5.23 15.77 39.61
C VAL B 629 4.23 14.69 39.95
N ALA B 630 3.50 14.23 38.95
CA ALA B 630 2.51 13.19 39.14
C ALA B 630 3.12 12.07 39.98
N ASP B 631 4.26 11.55 39.55
CA ASP B 631 4.93 10.48 40.27
C ASP B 631 5.19 10.85 41.74
N VAL B 632 5.43 12.13 41.98
CA VAL B 632 5.67 12.58 43.33
C VAL B 632 4.39 12.78 44.14
N VAL B 633 3.29 13.10 43.45
CA VAL B 633 2.02 13.33 44.12
C VAL B 633 1.22 12.05 44.35
N ASN B 634 1.25 11.14 43.39
CA ASN B 634 0.49 9.89 43.50
C ASN B 634 1.08 8.88 44.47
N ASN B 635 2.38 8.96 44.71
CA ASN B 635 3.03 8.00 45.59
C ASN B 635 3.32 8.54 46.99
N ASP B 636 2.83 9.74 47.27
CA ASP B 636 3.02 10.33 48.59
C ASP B 636 1.84 9.87 49.43
N PRO B 637 2.09 9.02 50.43
CA PRO B 637 0.99 8.52 51.27
C PRO B 637 0.27 9.64 52.04
N MET B 638 0.98 10.72 52.34
CA MET B 638 0.40 11.83 53.07
C MET B 638 -0.68 12.54 52.26
N VAL B 639 -0.63 12.37 50.94
CA VAL B 639 -1.60 12.99 50.04
C VAL B 639 -2.75 12.05 49.69
N GLY B 640 -2.43 10.77 49.55
CA GLY B 640 -3.43 9.78 49.23
C GLY B 640 -4.48 10.14 48.19
N SER B 641 -5.74 9.96 48.54
CA SER B 641 -6.86 10.23 47.63
C SER B 641 -7.17 11.71 47.43
N LYS B 642 -6.36 12.59 48.02
CA LYS B 642 -6.58 14.03 47.88
C LYS B 642 -6.22 14.58 46.50
N LEU B 643 -5.07 14.19 45.97
CA LEU B 643 -4.63 14.69 44.68
C LEU B 643 -3.92 13.67 43.81
N LYS B 644 -4.46 13.46 42.62
CA LYS B 644 -3.90 12.54 41.65
C LYS B 644 -3.60 13.32 40.37
N VAL B 645 -2.49 12.98 39.73
CA VAL B 645 -2.10 13.64 38.50
C VAL B 645 -1.91 12.55 37.47
N ILE B 646 -2.39 12.79 36.27
CA ILE B 646 -2.27 11.81 35.21
C ILE B 646 -1.95 12.50 33.89
N PHE B 647 -0.92 12.04 33.21
CA PHE B 647 -0.62 12.61 31.92
C PHE B 647 -1.38 11.67 31.01
N LEU B 648 -2.46 12.14 30.40
CA LEU B 648 -3.27 11.30 29.51
C LEU B 648 -2.50 11.08 28.20
N GLU B 649 -2.05 9.85 28.01
CA GLU B 649 -1.25 9.48 26.85
C GLU B 649 -1.93 9.40 25.48
N ASN B 650 -1.19 9.77 24.45
CA ASN B 650 -1.71 9.69 23.10
C ASN B 650 -3.07 10.36 22.95
N TYR B 651 -3.18 11.61 23.43
CA TYR B 651 -4.44 12.33 23.32
C TYR B 651 -4.81 12.43 21.84
N ARG B 652 -6.05 12.09 21.50
CA ARG B 652 -6.53 12.11 20.13
C ARG B 652 -8.05 12.23 20.09
N VAL B 653 -8.63 12.28 18.90
CA VAL B 653 -10.08 12.44 18.76
C VAL B 653 -10.95 11.41 19.50
N SER B 654 -10.77 10.13 19.21
CA SER B 654 -11.60 9.13 19.87
C SER B 654 -11.43 9.16 21.39
N LEU B 655 -10.25 9.59 21.85
CA LEU B 655 -9.98 9.67 23.29
C LEU B 655 -10.57 10.96 23.88
N ALA B 656 -10.68 12.00 23.05
CA ALA B 656 -11.22 13.26 23.53
C ALA B 656 -12.70 13.00 23.82
N GLU B 657 -13.29 12.06 23.07
CA GLU B 657 -14.68 11.69 23.21
C GLU B 657 -14.98 10.97 24.52
N LYS B 658 -13.95 10.45 25.17
CA LYS B 658 -14.09 9.74 26.45
C LYS B 658 -13.87 10.66 27.65
N VAL B 659 -12.74 11.36 27.65
CA VAL B 659 -12.39 12.24 28.75
C VAL B 659 -13.27 13.49 28.87
N ILE B 660 -13.56 14.17 27.77
CA ILE B 660 -14.38 15.38 27.82
C ILE B 660 -15.72 15.21 28.55
N PRO B 661 -16.58 14.25 28.14
CA PRO B 661 -17.87 14.09 28.82
C PRO B 661 -17.70 13.78 30.29
N ALA B 662 -16.48 13.41 30.67
CA ALA B 662 -16.18 13.06 32.05
C ALA B 662 -15.49 14.16 32.85
N THR B 663 -15.41 15.39 32.35
CA THR B 663 -14.74 16.40 33.17
C THR B 663 -15.64 17.42 33.85
N ASP B 664 -15.16 17.93 34.99
CA ASP B 664 -15.90 18.92 35.77
C ASP B 664 -15.35 20.29 35.48
N LEU B 665 -14.02 20.40 35.49
CA LEU B 665 -13.38 21.68 35.24
C LEU B 665 -12.50 21.61 33.98
N SER B 666 -12.71 22.56 33.08
CA SER B 666 -11.91 22.62 31.85
C SER B 666 -10.83 23.69 31.91
N GLU B 667 -9.58 23.33 31.64
CA GLU B 667 -8.48 24.30 31.66
C GLU B 667 -8.32 24.93 30.28
N GLN B 668 -8.51 26.25 30.21
CA GLN B 668 -8.35 26.99 28.95
C GLN B 668 -7.58 28.24 29.35
N ILE B 669 -6.35 28.02 29.83
CA ILE B 669 -5.54 29.10 30.35
C ILE B 669 -4.42 29.73 29.52
N SER B 670 -4.60 29.81 28.22
CA SER B 670 -3.58 30.41 27.36
C SER B 670 -3.40 31.91 27.66
N THR B 671 -2.24 32.45 27.31
CA THR B 671 -1.98 33.87 27.53
C THR B 671 -2.96 34.67 26.65
N ALA B 672 -3.50 35.76 27.18
CA ALA B 672 -4.44 36.57 26.40
C ALA B 672 -3.88 37.02 25.06
N GLY B 673 -4.54 36.60 23.98
CA GLY B 673 -4.13 36.97 22.63
C GLY B 673 -3.40 35.89 21.87
N THR B 674 -3.16 34.75 22.50
CA THR B 674 -2.44 33.67 21.84
C THR B 674 -3.34 32.66 21.15
N GLU B 675 -4.47 32.32 21.77
CA GLU B 675 -5.40 31.37 21.17
C GLU B 675 -6.35 32.08 20.21
N ALA B 676 -6.21 31.82 18.92
CA ALA B 676 -7.10 32.46 17.95
C ALA B 676 -8.56 32.19 18.32
N SER B 677 -8.84 30.99 18.82
CA SER B 677 -10.18 30.64 19.22
C SER B 677 -10.28 29.47 20.17
N GLY B 678 -9.86 28.30 19.68
CA GLY B 678 -9.95 27.11 20.48
C GLY B 678 -11.32 26.49 20.21
N THR B 679 -11.39 25.16 20.26
CA THR B 679 -12.65 24.48 20.04
C THR B 679 -12.87 23.49 21.17
N GLY B 680 -11.77 23.10 21.82
CA GLY B 680 -11.87 22.19 22.94
C GLY B 680 -12.63 22.88 24.05
N ASN B 681 -12.43 24.18 24.20
CA ASN B 681 -13.16 24.92 25.23
C ASN B 681 -14.66 24.81 24.95
N MET B 682 -15.03 24.76 23.67
CA MET B 682 -16.43 24.64 23.30
C MET B 682 -16.95 23.23 23.60
N LYS B 683 -16.10 22.23 23.41
CA LYS B 683 -16.48 20.84 23.64
C LYS B 683 -16.84 20.57 25.08
N PHE B 684 -16.03 21.08 26.01
CA PHE B 684 -16.30 20.89 27.43
C PHE B 684 -17.59 21.62 27.85
N MET B 685 -17.78 22.83 27.33
CA MET B 685 -18.97 23.60 27.66
C MET B 685 -20.27 22.88 27.33
N LEU B 686 -20.33 22.24 26.17
CA LEU B 686 -21.54 21.52 25.77
C LEU B 686 -21.70 20.23 26.56
N ASN B 687 -20.60 19.73 27.11
CA ASN B 687 -20.65 18.48 27.86
C ASN B 687 -20.78 18.54 29.40
N GLY B 688 -20.97 19.73 29.95
CA GLY B 688 -21.15 19.80 31.39
C GLY B 688 -19.95 20.09 32.27
N ALA B 689 -18.97 20.80 31.74
CA ALA B 689 -17.81 21.15 32.54
C ALA B 689 -17.82 22.66 32.70
N LEU B 690 -17.22 23.15 33.78
CA LEU B 690 -17.13 24.59 33.99
C LEU B 690 -15.79 24.96 33.40
N THR B 691 -15.62 26.24 33.08
CA THR B 691 -14.38 26.69 32.48
C THR B 691 -13.55 27.66 33.30
N ILE B 692 -12.26 27.38 33.41
CA ILE B 692 -11.35 28.28 34.08
C ILE B 692 -10.47 28.70 32.93
N GLY B 693 -10.28 30.00 32.76
CA GLY B 693 -9.47 30.46 31.64
C GLY B 693 -9.38 31.96 31.54
N THR B 694 -8.54 32.41 30.61
CA THR B 694 -8.35 33.82 30.37
C THR B 694 -9.37 34.32 29.35
N MET B 695 -9.38 35.63 29.15
CA MET B 695 -10.27 36.23 28.19
C MET B 695 -9.57 36.13 26.84
N ASP B 696 -9.34 34.90 26.39
CA ASP B 696 -8.67 34.69 25.12
C ASP B 696 -9.53 33.90 24.13
N GLY B 697 -9.23 34.04 22.85
CA GLY B 697 -9.98 33.33 21.83
C GLY B 697 -11.48 33.31 22.03
N ALA B 698 -12.07 32.13 21.87
CA ALA B 698 -13.50 31.94 22.01
C ALA B 698 -13.98 31.99 23.46
N ASN B 699 -13.04 31.95 24.40
CA ASN B 699 -13.38 32.01 25.82
C ASN B 699 -14.25 33.25 26.06
N VAL B 700 -13.85 34.36 25.47
CA VAL B 700 -14.58 35.61 25.59
C VAL B 700 -16.04 35.44 25.18
N GLU B 701 -16.25 34.92 23.98
CA GLU B 701 -17.60 34.75 23.49
C GLU B 701 -18.39 33.76 24.34
N MET B 702 -17.69 32.85 25.01
CA MET B 702 -18.36 31.88 25.87
C MET B 702 -18.87 32.65 27.10
N ALA B 703 -18.02 33.54 27.61
CA ALA B 703 -18.39 34.35 28.75
C ALA B 703 -19.60 35.20 28.35
N GLU B 704 -19.57 35.73 27.13
CA GLU B 704 -20.67 36.55 26.63
C GLU B 704 -21.98 35.81 26.70
N GLU B 705 -22.02 34.59 26.16
CA GLU B 705 -23.24 33.78 26.10
C GLU B 705 -23.78 33.27 27.44
N ALA B 706 -22.91 32.74 28.28
CA ALA B 706 -23.34 32.20 29.56
C ALA B 706 -23.37 33.24 30.68
N GLY B 707 -22.58 34.29 30.51
CA GLY B 707 -22.50 35.33 31.52
C GLY B 707 -21.13 35.15 32.14
N GLU B 708 -20.33 36.21 32.14
CA GLU B 708 -18.97 36.12 32.66
C GLU B 708 -18.91 35.49 34.04
N GLU B 709 -19.86 35.86 34.88
CA GLU B 709 -19.93 35.34 36.23
C GLU B 709 -20.10 33.83 36.25
N ASN B 710 -20.57 33.27 35.14
CA ASN B 710 -20.77 31.83 35.05
C ASN B 710 -19.58 31.05 34.56
N LEU B 711 -18.44 31.73 34.42
CA LEU B 711 -17.20 31.10 34.01
C LEU B 711 -16.11 31.63 34.94
N PHE B 712 -15.10 30.83 35.21
CA PHE B 712 -14.02 31.29 36.07
C PHE B 712 -12.93 31.97 35.27
N ILE B 713 -13.20 33.21 34.86
CA ILE B 713 -12.25 34.01 34.09
C ILE B 713 -11.25 34.59 35.07
N PHE B 714 -9.99 34.73 34.64
CA PHE B 714 -8.94 35.26 35.50
C PHE B 714 -7.79 35.83 34.67
N GLY B 715 -6.79 36.36 35.36
CA GLY B 715 -5.61 36.89 34.71
C GLY B 715 -5.72 38.09 33.80
N MET B 716 -4.59 38.45 33.21
CA MET B 716 -4.49 39.58 32.31
C MET B 716 -5.35 39.41 31.07
N ARG B 717 -5.73 40.54 30.46
CA ARG B 717 -6.51 40.55 29.25
C ARG B 717 -5.61 41.21 28.20
N ILE B 718 -6.09 41.29 26.97
CA ILE B 718 -5.32 41.89 25.87
C ILE B 718 -4.40 43.03 26.33
N ASP B 719 -5.01 44.19 26.57
CA ASP B 719 -4.30 45.38 27.00
C ASP B 719 -3.29 45.14 28.14
N ASP B 720 -3.70 44.37 29.13
CA ASP B 720 -2.83 44.08 30.26
C ASP B 720 -1.54 43.40 29.80
N VAL B 721 -1.64 42.58 28.76
CA VAL B 721 -0.44 41.91 28.25
C VAL B 721 0.39 42.92 27.49
N ALA B 722 -0.29 43.85 26.83
CA ALA B 722 0.35 44.90 26.05
C ALA B 722 1.11 45.84 26.98
N ALA B 723 0.43 46.29 28.03
CA ALA B 723 1.02 47.20 29.01
C ALA B 723 2.20 46.58 29.73
N LEU B 724 2.26 45.24 29.76
CA LEU B 724 3.35 44.56 30.44
C LEU B 724 4.53 44.36 29.49
N ASP B 725 4.26 44.38 28.19
CA ASP B 725 5.31 44.21 27.19
C ASP B 725 5.96 45.54 26.92
N LYS B 726 5.23 46.61 27.25
CA LYS B 726 5.71 47.97 27.08
C LYS B 726 6.72 48.23 28.19
N LYS B 727 6.26 47.99 29.41
CA LYS B 727 7.08 48.19 30.61
C LYS B 727 8.24 47.21 30.61
N GLY B 728 8.03 46.05 29.99
CA GLY B 728 9.07 45.03 29.95
C GLY B 728 8.82 43.98 31.03
N TYR B 729 8.82 42.71 30.64
CA TYR B 729 8.57 41.61 31.56
C TYR B 729 9.80 41.21 32.37
N GLU B 730 9.62 41.16 33.69
CA GLU B 730 10.69 40.79 34.60
C GLU B 730 10.08 39.75 35.53
N ALA B 731 10.32 38.47 35.21
CA ALA B 731 9.78 37.35 35.95
C ALA B 731 10.22 37.14 37.40
N LYS B 732 11.46 37.48 37.72
CA LYS B 732 11.95 37.27 39.09
C LYS B 732 11.19 38.05 40.17
N GLU B 733 10.56 39.14 39.78
CA GLU B 733 9.82 39.95 40.76
C GLU B 733 8.58 39.25 41.29
N TYR B 734 7.95 38.42 40.46
CA TYR B 734 6.78 37.68 40.91
C TYR B 734 7.30 36.52 41.74
N TYR B 735 8.49 36.06 41.37
CA TYR B 735 9.13 34.96 42.08
C TYR B 735 9.45 35.44 43.50
N GLU B 736 9.85 36.70 43.62
CA GLU B 736 10.19 37.27 44.92
C GLU B 736 8.97 37.74 45.70
N ALA B 737 7.96 38.21 44.99
CA ALA B 737 6.75 38.73 45.61
C ALA B 737 5.66 37.69 45.87
N LEU B 738 5.93 36.43 45.55
CA LEU B 738 4.93 35.40 45.74
C LEU B 738 5.46 34.17 46.43
N PRO B 739 5.25 34.06 47.73
CA PRO B 739 5.72 32.93 48.53
C PRO B 739 5.45 31.57 47.90
N GLU B 740 4.19 31.13 47.92
CA GLU B 740 3.83 29.83 47.36
C GLU B 740 4.44 29.54 45.99
N LEU B 741 4.82 30.59 45.28
CA LEU B 741 5.43 30.42 43.96
C LEU B 741 6.90 30.05 44.08
N LYS B 742 7.60 30.74 44.98
CA LYS B 742 9.02 30.51 45.19
C LYS B 742 9.34 29.06 45.52
N LEU B 743 8.51 28.44 46.36
CA LEU B 743 8.72 27.05 46.75
C LEU B 743 8.60 26.13 45.53
N VAL B 744 7.53 26.33 44.76
CA VAL B 744 7.31 25.53 43.55
C VAL B 744 8.53 25.63 42.65
N ILE B 745 8.94 26.85 42.33
CA ILE B 745 10.10 27.07 41.48
C ILE B 745 11.38 26.53 42.11
N ASP B 746 11.58 26.74 43.41
CA ASP B 746 12.79 26.21 44.02
C ASP B 746 12.79 24.69 43.93
N GLN B 747 11.65 24.08 44.25
CA GLN B 747 11.51 22.62 44.21
C GLN B 747 11.86 22.03 42.85
N ILE B 748 11.38 22.66 41.79
CA ILE B 748 11.65 22.18 40.44
C ILE B 748 13.12 22.31 40.08
N ASP B 749 13.71 23.45 40.42
CA ASP B 749 15.10 23.75 40.11
C ASP B 749 16.14 23.03 40.99
N ASN B 750 15.79 22.72 42.23
CA ASN B 750 16.74 22.05 43.13
C ASN B 750 16.76 20.53 43.00
N GLY B 751 15.72 19.97 42.40
CA GLY B 751 15.67 18.52 42.22
C GLY B 751 14.59 17.77 42.96
N PHE B 752 13.66 18.48 43.61
CA PHE B 752 12.60 17.82 44.35
C PHE B 752 11.78 16.87 43.47
N PHE B 753 11.66 17.22 42.19
CA PHE B 753 10.89 16.40 41.26
C PHE B 753 11.78 15.61 40.30
N SER B 754 13.07 15.53 40.63
CA SER B 754 14.04 14.80 39.82
C SER B 754 15.36 14.62 40.59
N PRO B 755 15.34 13.84 41.68
CA PRO B 755 16.56 13.63 42.47
C PRO B 755 17.74 13.10 41.66
N LYS B 756 17.51 12.07 40.86
CA LYS B 756 18.57 11.49 40.04
C LYS B 756 19.16 12.50 39.06
N GLN B 757 18.39 13.52 38.73
CA GLN B 757 18.85 14.56 37.83
C GLN B 757 18.43 15.92 38.39
N PRO B 758 19.15 16.39 39.41
CA PRO B 758 18.91 17.67 40.11
C PRO B 758 18.69 18.90 39.24
N ASP B 759 19.38 18.98 38.11
CA ASP B 759 19.23 20.13 37.23
C ASP B 759 18.55 19.81 35.90
N LEU B 760 17.72 18.77 35.92
CA LEU B 760 16.99 18.30 34.75
C LEU B 760 16.08 19.34 34.11
N PHE B 761 15.47 20.20 34.93
CA PHE B 761 14.56 21.21 34.41
C PHE B 761 15.15 22.61 34.34
N LYS B 762 16.47 22.67 34.35
CA LYS B 762 17.16 23.95 34.27
C LYS B 762 16.66 24.77 33.08
N ASP B 763 16.45 24.10 31.95
CA ASP B 763 15.97 24.75 30.75
C ASP B 763 14.63 25.46 30.93
N ILE B 764 13.72 24.83 31.66
CA ILE B 764 12.40 25.39 31.91
C ILE B 764 12.55 26.62 32.79
N ILE B 765 13.35 26.48 33.83
CA ILE B 765 13.59 27.59 34.75
C ILE B 765 14.18 28.79 34.01
N ASN B 766 15.17 28.53 33.15
CA ASN B 766 15.81 29.61 32.41
C ASN B 766 14.83 30.31 31.47
N MET B 767 13.96 29.54 30.81
CA MET B 767 12.99 30.14 29.91
C MET B 767 11.98 30.93 30.72
N LEU B 768 11.56 30.33 31.82
CA LEU B 768 10.58 30.93 32.73
C LEU B 768 11.09 32.23 33.37
N PHE B 769 12.41 32.36 33.52
CA PHE B 769 12.99 33.55 34.15
C PHE B 769 13.51 34.63 33.23
N TYR B 770 14.02 34.26 32.06
CA TYR B 770 14.57 35.27 31.15
C TYR B 770 14.14 35.19 29.69
N HIS B 771 13.16 34.35 29.36
CA HIS B 771 12.73 34.23 27.98
C HIS B 771 11.27 33.80 27.82
N ASP B 772 10.48 34.03 28.84
CA ASP B 772 9.08 33.64 28.79
C ASP B 772 8.19 34.72 28.19
N ARG B 773 7.82 34.55 26.93
CA ARG B 773 6.97 35.52 26.26
C ARG B 773 5.49 35.21 26.41
N PHE B 774 5.14 34.37 27.38
CA PHE B 774 3.74 34.03 27.61
C PHE B 774 3.28 34.31 29.04
N LYS B 775 4.07 35.14 29.72
CA LYS B 775 3.80 35.59 31.08
C LYS B 775 3.27 34.53 32.04
N VAL B 776 3.99 33.43 32.19
CA VAL B 776 3.52 32.38 33.08
C VAL B 776 3.38 32.87 34.52
N PHE B 777 4.46 33.43 35.07
CA PHE B 777 4.46 33.94 36.44
C PHE B 777 3.47 35.09 36.62
N ALA B 778 3.26 35.89 35.58
CA ALA B 778 2.34 37.03 35.65
C ALA B 778 0.87 36.68 35.86
N ASP B 779 0.47 35.45 35.54
CA ASP B 779 -0.90 35.01 35.72
C ASP B 779 -1.04 34.03 36.88
N TYR B 780 0.09 33.58 37.41
CA TYR B 780 0.12 32.63 38.52
C TYR B 780 -0.79 33.01 39.70
N GLU B 781 -0.59 34.20 40.27
CA GLU B 781 -1.40 34.62 41.42
C GLU B 781 -2.88 34.71 41.10
N ALA B 782 -3.22 35.29 39.95
CA ALA B 782 -4.63 35.39 39.59
C ALA B 782 -5.18 33.99 39.32
N TYR B 783 -4.33 33.11 38.81
CA TYR B 783 -4.75 31.74 38.50
C TYR B 783 -5.08 30.94 39.78
N VAL B 784 -4.11 30.84 40.69
CA VAL B 784 -4.31 30.08 41.91
C VAL B 784 -5.48 30.61 42.72
N LYS B 785 -5.65 31.93 42.70
CA LYS B 785 -6.74 32.55 43.42
C LYS B 785 -8.06 32.10 42.78
N CYS B 786 -8.07 32.04 41.45
CA CYS B 786 -9.24 31.62 40.70
C CYS B 786 -9.56 30.17 41.04
N GLN B 787 -8.52 29.33 40.95
CA GLN B 787 -8.65 27.92 41.26
C GLN B 787 -9.26 27.67 42.64
N ASP B 788 -8.93 28.53 43.59
CA ASP B 788 -9.48 28.37 44.94
C ASP B 788 -10.98 28.55 44.90
N LYS B 789 -11.42 29.57 44.18
CA LYS B 789 -12.85 29.84 44.04
C LYS B 789 -13.50 28.58 43.46
N VAL B 790 -12.86 27.98 42.47
CA VAL B 790 -13.41 26.78 41.84
C VAL B 790 -13.66 25.67 42.86
N SER B 791 -12.64 25.36 43.67
CA SER B 791 -12.82 24.33 44.67
C SER B 791 -13.94 24.70 45.62
N GLN B 792 -14.04 25.98 45.97
CA GLN B 792 -15.08 26.43 46.87
C GLN B 792 -16.43 26.03 46.32
N LEU B 793 -16.72 26.45 45.09
CA LEU B 793 -17.99 26.16 44.45
C LEU B 793 -18.24 24.67 44.32
N TYR B 794 -17.19 23.89 44.08
CA TYR B 794 -17.35 22.44 43.93
C TYR B 794 -17.96 21.77 45.15
N MET B 795 -17.71 22.33 46.34
CA MET B 795 -18.28 21.78 47.57
C MET B 795 -19.78 22.02 47.66
N ASN B 796 -20.30 22.83 46.74
CA ASN B 796 -21.72 23.17 46.71
C ASN B 796 -22.33 22.65 45.41
N PRO B 797 -22.58 21.33 45.34
CA PRO B 797 -23.16 20.74 44.12
C PRO B 797 -24.39 21.45 43.54
N LYS B 798 -25.27 21.93 44.41
CA LYS B 798 -26.47 22.62 43.97
C LYS B 798 -26.12 23.83 43.08
N ALA B 799 -25.15 24.62 43.53
CA ALA B 799 -24.71 25.79 42.79
C ALA B 799 -23.77 25.46 41.63
N TRP B 800 -22.95 24.42 41.79
CA TRP B 800 -22.04 24.02 40.74
C TRP B 800 -22.84 23.58 39.52
N ASN B 801 -23.78 22.67 39.75
CA ASN B 801 -24.64 22.15 38.70
C ASN B 801 -25.57 23.21 38.12
N THR B 802 -25.81 24.26 38.88
CA THR B 802 -26.66 25.35 38.42
C THR B 802 -25.86 26.14 37.39
N MET B 803 -24.56 26.29 37.65
CA MET B 803 -23.70 27.02 36.72
C MET B 803 -23.49 26.17 35.46
N VAL B 804 -23.43 24.86 35.62
CA VAL B 804 -23.26 23.96 34.48
C VAL B 804 -24.44 24.05 33.51
N LEU B 805 -25.65 24.06 34.06
CA LEU B 805 -26.84 24.18 33.24
C LEU B 805 -26.78 25.47 32.43
N LYS B 806 -26.45 26.57 33.11
CA LYS B 806 -26.34 27.88 32.45
C LYS B 806 -25.32 27.84 31.32
N ASN B 807 -24.24 27.10 31.54
CA ASN B 807 -23.21 26.96 30.53
C ASN B 807 -23.74 26.12 29.37
N ILE B 808 -24.24 24.92 29.66
CA ILE B 808 -24.78 24.06 28.61
C ILE B 808 -25.86 24.79 27.82
N ALA B 809 -26.78 25.44 28.53
CA ALA B 809 -27.88 26.18 27.92
C ALA B 809 -27.43 27.35 27.03
N ALA B 810 -26.18 27.75 27.18
CA ALA B 810 -25.63 28.85 26.40
C ALA B 810 -24.66 28.34 25.32
N SER B 811 -24.47 27.02 25.26
CA SER B 811 -23.56 26.41 24.29
C SER B 811 -24.00 26.61 22.83
N GLY B 812 -25.31 26.71 22.62
CA GLY B 812 -25.88 26.88 21.29
C GLY B 812 -25.11 27.59 20.20
N LYS B 813 -24.59 28.77 20.51
CA LYS B 813 -23.84 29.54 19.52
C LYS B 813 -22.65 28.78 18.94
N PHE B 814 -22.00 28.00 19.78
CA PHE B 814 -20.80 27.27 19.41
C PHE B 814 -20.98 25.97 18.61
N SER B 815 -22.10 25.88 17.91
CA SER B 815 -22.39 24.73 17.05
C SER B 815 -21.82 25.04 15.68
N SER B 816 -21.15 24.06 15.05
CA SER B 816 -20.55 24.29 13.72
C SER B 816 -21.59 24.55 12.65
N ASP B 817 -22.85 24.21 12.92
CA ASP B 817 -23.91 24.45 11.96
C ASP B 817 -24.11 25.95 11.84
N ARG B 818 -24.04 26.64 12.97
CA ARG B 818 -24.20 28.09 12.98
C ARG B 818 -23.04 28.73 12.24
N THR B 819 -21.84 28.22 12.47
CA THR B 819 -20.63 28.69 11.83
C THR B 819 -20.66 28.56 10.30
N ILE B 820 -21.13 27.42 9.82
CA ILE B 820 -21.20 27.16 8.39
C ILE B 820 -22.25 28.06 7.73
N LYS B 821 -23.35 28.32 8.44
CA LYS B 821 -24.39 29.19 7.89
C LYS B 821 -23.79 30.55 7.57
N GLU B 822 -23.01 31.09 8.50
CA GLU B 822 -22.37 32.39 8.32
C GLU B 822 -21.33 32.32 7.21
N TYR B 823 -20.65 31.19 7.07
CA TYR B 823 -19.68 31.03 5.99
C TYR B 823 -20.46 31.04 4.67
N ALA B 824 -21.47 30.17 4.60
CA ALA B 824 -22.30 30.04 3.40
C ALA B 824 -22.95 31.35 2.94
N GLN B 825 -23.42 32.13 3.90
CA GLN B 825 -24.10 33.38 3.60
C GLN B 825 -23.22 34.62 3.36
N ASN B 826 -22.10 34.73 4.07
CA ASN B 826 -21.26 35.91 3.92
C ASN B 826 -19.94 35.74 3.18
N ILE B 827 -19.63 34.52 2.77
CA ILE B 827 -18.40 34.25 2.05
C ILE B 827 -18.59 33.38 0.80
N TRP B 828 -19.30 32.25 0.95
CA TRP B 828 -19.51 31.32 -0.16
C TRP B 828 -20.71 31.63 -1.04
N ASN B 829 -21.68 32.36 -0.51
CA ASN B 829 -22.88 32.71 -1.27
C ASN B 829 -23.58 31.44 -1.72
N VAL B 830 -23.83 30.54 -0.78
CA VAL B 830 -24.52 29.29 -1.05
C VAL B 830 -25.63 29.17 0.00
N GLU B 831 -26.68 28.43 -0.32
CA GLU B 831 -27.81 28.29 0.60
C GLU B 831 -27.91 26.92 1.27
N PRO B 832 -27.95 26.90 2.60
CA PRO B 832 -28.05 25.62 3.30
C PRO B 832 -29.29 24.87 2.82
N SER B 833 -29.09 23.95 1.89
CA SER B 833 -30.19 23.16 1.32
C SER B 833 -31.24 24.08 0.72
C1 GLC C . 13.50 -23.08 -15.63
C2 GLC C . 14.47 -23.93 -16.46
C3 GLC C . 13.62 -24.81 -17.41
C4 GLC C . 12.66 -25.65 -16.57
C5 GLC C . 11.84 -24.77 -15.62
C6 GLC C . 10.95 -25.56 -14.68
O1 GLC C . 12.66 -22.33 -16.49
O2 GLC C . 15.33 -23.08 -17.19
O3 GLC C . 14.47 -25.66 -18.15
O4 GLC C . 11.78 -26.37 -17.41
O5 GLC C . 12.72 -23.96 -14.81
O6 GLC C . 11.70 -26.55 -13.98
O1 MES D . -2.83 -19.86 9.22
C2 MES D . -3.73 -20.32 8.20
C3 MES D . -4.87 -21.21 8.68
N4 MES D . -4.47 -22.08 9.82
C5 MES D . -3.37 -21.65 10.75
C6 MES D . -2.26 -20.88 10.07
C7 MES D . -4.44 -23.52 9.55
C8 MES D . -5.85 -24.09 9.46
S MES D . -5.94 -25.51 8.34
O1S MES D . -7.21 -25.61 7.66
O2S MES D . -5.58 -26.60 9.23
O3S MES D . -4.83 -25.18 7.19
N1 PLP E . 7.33 -17.59 -19.59
C2 PLP E . 6.00 -17.62 -19.85
C2A PLP E . 5.26 -16.31 -19.83
C3 PLP E . 5.33 -18.85 -20.10
O3 PLP E . 3.97 -18.87 -20.37
C4 PLP E . 6.13 -20.08 -20.13
C4A PLP E . 5.42 -21.40 -20.39
C5 PLP E . 7.55 -19.98 -19.83
C6 PLP E . 8.10 -18.69 -19.59
C5A PLP E . 8.46 -21.22 -19.81
O4P PLP E . 8.71 -21.69 -21.15
P PLP E . 10.19 -21.85 -21.72
O1P PLP E . 11.08 -20.67 -21.31
O2P PLP E . 10.18 -21.94 -23.22
O3P PLP E . 10.87 -23.09 -21.18
C4 A46 F . -11.78 -7.38 2.11
N1 A46 F . -11.82 -8.59 1.44
C6 A46 F . -10.91 -9.19 0.56
C7 A46 F . -11.17 -10.52 -0.02
O1 A46 F . -9.86 -8.62 0.26
N2 A46 F . -10.27 -11.06 -0.82
C8 A46 F . -12.28 -11.40 0.10
C11 A46 F . -10.67 -12.28 -1.24
C12 A46 F . -11.96 -12.50 -0.68
C13 A46 F . -10.09 -13.23 -2.08
C14 A46 F . -12.61 -13.72 -0.97
C15 A46 F . -10.75 -14.45 -2.37
C16 A46 F . -12.03 -14.70 -1.82
CL1 A46 F . -12.77 -16.22 -2.23
C2 A46 F . -12.37 -7.18 3.35
C1 A46 F . -12.25 -5.92 4.01
C5 A46 F . -11.54 -4.85 3.47
C9 A46 F . -10.95 -5.06 2.24
C10 A46 F . -11.06 -6.29 1.58
C3 A46 F . -11.30 -3.56 4.16
C17 A46 F . -10.05 -3.55 5.09
O2 A46 F . -12.46 -3.13 4.82
O3 A46 F . -9.92 -4.76 5.88
C1 GLC G . -5.72 26.60 15.51
C2 GLC G . -5.84 27.66 16.60
C3 GLC G . -7.11 27.47 17.44
C4 GLC G . -8.34 27.31 16.56
C5 GLC G . -8.10 26.21 15.50
C6 GLC G . -9.25 26.09 14.53
O1 GLC G . -5.50 25.36 16.08
O2 GLC G . -4.71 27.57 17.44
O3 GLC G . -7.28 28.61 18.27
O4 GLC G . -9.44 26.97 17.38
O5 GLC G . -6.93 26.52 14.72
O6 GLC G . -9.47 27.32 13.84
O1 MES H . -17.71 10.76 -9.89
C2 MES H . -17.43 12.05 -10.39
C3 MES H . -18.38 12.51 -11.51
N4 MES H . -19.64 11.73 -11.64
C5 MES H . -19.49 10.27 -11.48
C6 MES H . -18.16 9.82 -10.86
C7 MES H . -20.31 11.96 -12.93
C8 MES H . -21.32 13.06 -12.76
S MES H . -22.75 12.32 -12.05
O1S MES H . -22.25 11.48 -10.97
O2S MES H . -23.49 11.74 -13.15
O3S MES H . -23.72 13.39 -11.43
N1 PLP I . -7.26 17.73 19.60
C2 PLP I . -8.38 16.98 19.62
C2A PLP I . -8.23 15.49 19.49
C3 PLP I . -9.66 17.57 19.76
O3 PLP I . -10.80 16.81 19.80
C4 PLP I . -9.73 19.00 19.90
C4A PLP I . -11.03 19.64 20.04
C5 PLP I . -8.53 19.76 19.86
C6 PLP I . -7.30 19.07 19.71
C5A PLP I . -8.57 21.27 20.00
O4P PLP I . -7.83 21.64 21.15
P PLP I . -7.61 23.17 21.49
O1P PLP I . -6.83 23.35 22.75
O2P PLP I . -8.94 23.89 21.65
O3P PLP I . -6.86 23.86 20.38
C4 A46 J . -13.84 -1.64 -3.27
N1 A46 J . -14.70 -0.81 -2.68
C6 A46 J . -14.41 0.02 -1.63
C7 A46 J . -15.47 0.91 -1.06
O1 A46 J . -13.28 0.03 -1.13
N2 A46 J . -15.14 1.89 -0.17
C8 A46 J . -16.88 0.86 -1.33
C11 A46 J . -16.27 2.55 0.20
C12 A46 J . -17.36 1.92 -0.52
C13 A46 J . -16.52 3.63 1.07
C14 A46 J . -18.64 2.43 -0.30
C15 A46 J . -17.81 4.13 1.29
C16 A46 J . -18.86 3.51 0.58
CL1 A46 J . -20.39 4.02 0.76
C2 A46 J . -13.86 -1.79 -4.65
C1 A46 J . -12.98 -2.67 -5.28
C5 A46 J . -12.06 -3.40 -4.52
C9 A46 J . -12.00 -3.28 -3.13
C10 A46 J . -12.89 -2.39 -2.51
C3 A46 J . -11.20 -4.39 -5.19
C17 A46 J . -9.86 -3.74 -5.59
O2 A46 J . -11.95 -4.94 -6.31
O3 A46 J . -10.10 -2.57 -6.37
C1 MPD K . -21.05 8.95 -4.95
C2 MPD K . -19.65 8.67 -5.63
O2 MPD K . -19.07 9.96 -5.78
CM MPD K . -18.77 7.76 -4.70
C3 MPD K . -19.65 8.08 -7.08
C4 MPD K . -20.40 8.75 -8.26
O4 MPD K . -21.44 8.00 -8.85
C5 MPD K . -20.66 10.25 -8.23
C1 MPD L . -8.48 -19.93 5.96
C2 MPD L . -9.56 -19.35 5.03
O2 MPD L . -8.93 -18.35 4.22
CM MPD L . -10.11 -20.32 3.97
C3 MPD L . -10.70 -18.75 5.92
C4 MPD L . -11.66 -19.73 6.65
O4 MPD L . -12.50 -19.02 7.51
C5 MPD L . -11.09 -20.90 7.45
#